data_6DWV
#
_entry.id   6DWV
#
_cell.length_a   82.170
_cell.length_b   78.220
_cell.length_c   135.690
_cell.angle_alpha   90.00
_cell.angle_beta   90.02
_cell.angle_gamma   90.00
#
_symmetry.space_group_name_H-M   'P 1 21 1'
#
loop_
_entity.id
_entity.type
_entity.pdbx_description
1 polymer '4-oxalomesaconate hydratase'
2 non-polymer 'ZINC ION'
3 water water
#
_entity_poly.entity_id   1
_entity_poly.type   'polypeptide(L)'
_entity_poly.pdbx_seq_one_letter_code
;MMMIIDCHGHYTVLPKAHDEWREQQKAAFKAGQPAPPYPEISDDEIRETIEANQLRLIKERGADMTIFSPRASAMAPHVG
DQSVAVPWAQACNNLIARVVDLFPETFAGVCMLPQSPEADMTSSIAELERCVNELGFIGCNLNPDPGGGHFKHPPLTDRF
WYPFYEKMVELDVPAMIHVSGSCNPAMHATGAYYLAADTIAFMQLLQGNLFADFPTLRFIIPHGGGAVPYHWGRFRGLAD
MLKQPSLDTLLMNNVFFDTCVYHQPGINLLADVIDNKNILFGSEMVGAVRGIDPTTGHYFDDTKRYIDALDISDQERHAI
FEGNTRRVFPRLDAKLKARGL
;
_entity_poly.pdbx_strand_id   B,A,C,D
#
loop_
_chem_comp.id
_chem_comp.type
_chem_comp.name
_chem_comp.formula
ZN non-polymer 'ZINC ION' 'Zn 2'
#
# COMPACT_ATOMS: atom_id res chain seq x y z
N MET A 3 -3.61 -46.30 -16.37
CA MET A 3 -3.89 -45.59 -15.12
C MET A 3 -4.19 -44.10 -15.39
N ILE A 4 -5.08 -43.55 -14.57
CA ILE A 4 -5.57 -42.18 -14.66
C ILE A 4 -5.18 -41.54 -13.35
N ILE A 5 -4.27 -40.58 -13.40
CA ILE A 5 -3.81 -39.85 -12.21
C ILE A 5 -4.35 -38.44 -12.35
N ASP A 6 -5.24 -38.05 -11.44
CA ASP A 6 -5.79 -36.70 -11.42
C ASP A 6 -4.76 -35.82 -10.74
N CYS A 7 -4.15 -34.92 -11.49
CA CYS A 7 -3.03 -34.14 -10.97
C CYS A 7 -3.44 -32.93 -10.13
N HIS A 8 -4.73 -32.65 -9.94
CA HIS A 8 -5.14 -31.40 -9.29
C HIS A 8 -6.35 -31.65 -8.38
N GLY A 9 -6.14 -31.54 -7.07
CA GLY A 9 -7.26 -31.72 -6.15
C GLY A 9 -7.03 -31.28 -4.72
N HIS A 10 -8.04 -30.69 -4.08
CA HIS A 10 -7.93 -30.17 -2.72
C HIS A 10 -8.89 -30.86 -1.78
N TYR A 11 -8.54 -30.82 -0.50
CA TYR A 11 -9.33 -31.44 0.55
C TYR A 11 -10.36 -30.42 1.04
N THR A 12 -11.51 -30.36 0.37
CA THR A 12 -12.49 -29.29 0.55
C THR A 12 -13.60 -29.61 1.55
N VAL A 13 -14.17 -30.81 1.50
CA VAL A 13 -15.22 -31.21 2.45
C VAL A 13 -14.51 -31.85 3.64
N LEU A 14 -14.43 -31.09 4.74
CA LEU A 14 -13.55 -31.34 5.86
C LEU A 14 -14.27 -31.77 7.13
N PRO A 15 -13.55 -32.38 8.07
CA PRO A 15 -14.10 -32.53 9.42
C PRO A 15 -14.42 -31.16 10.00
N LYS A 16 -15.52 -31.12 10.77
CA LYS A 16 -16.11 -29.86 11.21
C LYS A 16 -15.18 -29.14 12.18
N ALA A 17 -14.48 -29.89 13.04
CA ALA A 17 -13.61 -29.27 14.03
C ALA A 17 -12.44 -28.52 13.38
N HIS A 18 -12.14 -28.80 12.10
CA HIS A 18 -11.02 -28.16 11.40
C HIS A 18 -11.35 -26.72 11.01
N ASP A 19 -12.49 -26.52 10.35
CA ASP A 19 -12.93 -25.16 10.05
C ASP A 19 -13.31 -24.42 11.32
N GLU A 20 -13.77 -25.14 12.34
CA GLU A 20 -14.07 -24.49 13.62
C GLU A 20 -12.82 -23.91 14.25
N TRP A 21 -11.79 -24.73 14.40
CA TRP A 21 -10.54 -24.24 14.96
C TRP A 21 -9.95 -23.11 14.13
N ARG A 22 -10.09 -23.17 12.80
CA ARG A 22 -9.52 -22.14 11.93
C ARG A 22 -10.12 -20.77 12.20
N GLU A 23 -11.43 -20.71 12.50
CA GLU A 23 -12.04 -19.45 12.85
C GLU A 23 -11.70 -19.03 14.27
N GLN A 24 -11.38 -19.97 15.16
CA GLN A 24 -10.91 -19.60 16.48
C GLN A 24 -9.46 -19.12 16.43
N GLN A 25 -8.64 -19.77 15.61
CA GLN A 25 -7.27 -19.29 15.41
C GLN A 25 -7.26 -17.92 14.77
N LYS A 26 -8.17 -17.68 13.82
CA LYS A 26 -8.30 -16.36 13.23
C LYS A 26 -8.78 -15.33 14.24
N ALA A 27 -9.83 -15.68 15.01
CA ALA A 27 -10.41 -14.74 15.98
C ALA A 27 -9.51 -14.49 17.17
N ALA A 28 -8.70 -15.48 17.56
CA ALA A 28 -7.75 -15.28 18.64
C ALA A 28 -6.59 -14.35 18.23
N PHE A 29 -6.14 -14.45 16.97
CA PHE A 29 -5.03 -13.59 16.51
C PHE A 29 -5.43 -12.13 16.38
N LYS A 30 -6.65 -11.86 15.93
CA LYS A 30 -7.07 -10.47 15.85
C LYS A 30 -7.46 -9.90 17.20
N ALA A 31 -7.41 -10.73 18.25
CA ALA A 31 -7.75 -10.35 19.61
C ALA A 31 -6.52 -10.25 20.48
N GLY A 32 -5.35 -10.58 19.95
CA GLY A 32 -4.13 -10.53 20.70
C GLY A 32 -3.96 -11.69 21.62
N GLN A 33 -4.66 -12.78 21.37
CA GLN A 33 -4.62 -13.95 22.22
C GLN A 33 -3.98 -15.11 21.47
N PRO A 34 -3.34 -16.04 22.16
CA PRO A 34 -2.93 -17.29 21.49
C PRO A 34 -4.12 -18.12 21.07
N ALA A 35 -3.88 -19.03 20.12
CA ALA A 35 -4.95 -19.84 19.57
C ALA A 35 -5.23 -21.03 20.48
N PRO A 36 -6.47 -21.48 20.57
CA PRO A 36 -6.78 -22.67 21.40
C PRO A 36 -6.06 -23.89 20.88
N PRO A 37 -5.99 -24.96 21.67
CA PRO A 37 -5.34 -26.18 21.17
C PRO A 37 -6.10 -26.77 19.99
N TYR A 38 -5.36 -27.28 19.02
CA TYR A 38 -5.98 -27.92 17.86
C TYR A 38 -6.78 -29.15 18.29
N PRO A 39 -7.98 -29.35 17.75
CA PRO A 39 -8.82 -30.47 18.20
C PRO A 39 -8.25 -31.80 17.75
N GLU A 40 -8.73 -32.84 18.39
CA GLU A 40 -8.41 -34.17 17.93
C GLU A 40 -9.39 -34.49 16.82
N ILE A 41 -8.92 -35.20 15.80
CA ILE A 41 -9.79 -35.64 14.72
C ILE A 41 -9.62 -37.14 14.55
N SER A 42 -10.73 -37.86 14.44
CA SER A 42 -10.65 -39.30 14.35
C SER A 42 -10.38 -39.70 12.90
N ASP A 43 -9.76 -40.85 12.75
CA ASP A 43 -9.57 -41.40 11.41
C ASP A 43 -10.92 -41.72 10.79
N ASP A 44 -11.92 -42.09 11.61
CA ASP A 44 -13.24 -42.40 11.07
C ASP A 44 -13.91 -41.13 10.53
N GLU A 45 -13.71 -40.00 11.21
CA GLU A 45 -14.18 -38.72 10.71
C GLU A 45 -13.49 -38.35 9.42
N ILE A 46 -12.17 -38.48 9.38
CA ILE A 46 -11.43 -38.26 8.14
C ILE A 46 -11.89 -39.26 7.07
N ARG A 47 -12.06 -40.53 7.45
CA ARG A 47 -12.55 -41.52 6.49
C ARG A 47 -13.91 -41.14 5.95
N GLU A 48 -14.74 -40.52 6.79
CA GLU A 48 -16.11 -40.14 6.41
C GLU A 48 -16.13 -39.06 5.33
N THR A 49 -15.44 -37.94 5.58
CA THR A 49 -15.39 -36.84 4.63
C THR A 49 -14.84 -37.30 3.27
N ILE A 50 -13.74 -38.06 3.28
CA ILE A 50 -13.15 -38.50 2.01
C ILE A 50 -14.07 -39.47 1.29
N GLU A 51 -14.64 -40.43 2.02
CA GLU A 51 -15.40 -41.50 1.40
C GLU A 51 -16.69 -41.00 0.80
N ALA A 52 -17.29 -39.99 1.42
CA ALA A 52 -18.56 -39.47 0.94
C ALA A 52 -18.40 -38.67 -0.34
N ASN A 53 -17.20 -38.21 -0.63
CA ASN A 53 -16.99 -37.19 -1.65
C ASN A 53 -15.93 -37.66 -2.64
N GLN A 54 -14.65 -37.42 -2.34
CA GLN A 54 -13.62 -37.67 -3.33
C GLN A 54 -13.63 -39.12 -3.78
N LEU A 55 -13.65 -40.06 -2.83
CA LEU A 55 -13.55 -41.48 -3.17
C LEU A 55 -14.74 -41.95 -3.99
N ARG A 56 -15.93 -41.42 -3.71
CA ARG A 56 -17.10 -41.76 -4.50
C ARG A 56 -16.96 -41.33 -5.94
N LEU A 57 -16.49 -40.10 -6.17
CA LEU A 57 -16.45 -39.58 -7.54
C LEU A 57 -15.32 -40.20 -8.35
N ILE A 58 -14.15 -40.39 -7.74
CA ILE A 58 -13.06 -41.15 -8.36
C ILE A 58 -13.59 -42.49 -8.89
N LYS A 59 -14.32 -43.21 -8.03
CA LYS A 59 -14.93 -44.48 -8.41
C LYS A 59 -15.88 -44.32 -9.60
N GLU A 60 -16.84 -43.39 -9.50
CA GLU A 60 -17.79 -43.19 -10.61
C GLU A 60 -17.10 -42.78 -11.90
N ARG A 61 -16.11 -41.89 -11.79
CA ARG A 61 -15.46 -41.29 -12.94
C ARG A 61 -14.25 -42.07 -13.45
N GLY A 62 -13.95 -43.23 -12.89
CA GLY A 62 -12.92 -44.07 -13.48
C GLY A 62 -11.50 -43.60 -13.30
N ALA A 63 -11.22 -42.91 -12.20
CA ALA A 63 -9.87 -42.52 -11.85
C ALA A 63 -9.29 -43.51 -10.86
N ASP A 64 -7.97 -43.54 -10.81
CA ASP A 64 -7.21 -44.39 -9.92
C ASP A 64 -6.60 -43.64 -8.75
N MET A 65 -6.07 -42.46 -9.03
CA MET A 65 -5.41 -41.61 -8.05
C MET A 65 -5.85 -40.18 -8.27
N THR A 66 -5.62 -39.36 -7.26
CA THR A 66 -5.79 -37.91 -7.33
C THR A 66 -4.64 -37.31 -6.53
N ILE A 67 -3.93 -36.34 -7.10
CA ILE A 67 -2.89 -35.69 -6.31
C ILE A 67 -3.50 -34.57 -5.47
N PHE A 68 -3.40 -34.72 -4.15
CA PHE A 68 -4.26 -34.08 -3.16
C PHE A 68 -3.48 -33.06 -2.34
N SER A 69 -4.03 -31.86 -2.21
CA SER A 69 -3.36 -30.78 -1.49
C SER A 69 -4.39 -30.09 -0.63
N PRO A 70 -3.97 -29.22 0.31
CA PRO A 70 -4.94 -28.54 1.16
C PRO A 70 -5.90 -27.66 0.36
N ARG A 71 -7.06 -27.42 0.96
CA ARG A 71 -8.10 -26.61 0.33
C ARG A 71 -7.56 -25.23 -0.06
N ALA A 72 -7.82 -24.86 -1.33
CA ALA A 72 -7.15 -23.72 -1.96
C ALA A 72 -7.66 -22.39 -1.43
N SER A 73 -8.97 -22.24 -1.31
CA SER A 73 -9.53 -21.00 -0.80
C SER A 73 -9.14 -20.72 0.65
N ALA A 74 -9.02 -21.78 1.46
CA ALA A 74 -8.72 -21.69 2.89
C ALA A 74 -7.22 -21.50 3.17
N MET A 75 -6.36 -21.52 2.14
CA MET A 75 -4.96 -21.21 2.40
C MET A 75 -4.86 -19.80 2.95
N ALA A 76 -5.69 -18.89 2.38
CA ALA A 76 -5.82 -17.47 2.68
C ALA A 76 -4.60 -16.95 3.41
N PRO A 77 -3.48 -16.68 2.70
CA PRO A 77 -2.26 -16.27 3.42
C PRO A 77 -2.27 -14.81 3.83
N HIS A 78 -3.46 -14.21 3.91
CA HIS A 78 -3.65 -12.80 4.28
C HIS A 78 -3.54 -12.65 5.78
N VAL A 79 -4.36 -11.75 6.34
CA VAL A 79 -4.46 -11.53 7.78
C VAL A 79 -4.49 -12.87 8.51
N GLY A 80 -3.43 -13.14 9.25
CA GLY A 80 -2.37 -12.16 9.36
C GLY A 80 -0.96 -12.54 8.99
N ASP A 81 -0.15 -12.92 9.97
CA ASP A 81 1.26 -13.07 9.66
C ASP A 81 1.72 -14.51 9.80
N GLN A 82 3.03 -14.69 9.89
CA GLN A 82 3.60 -16.03 9.93
C GLN A 82 3.10 -16.79 11.13
N SER A 83 2.82 -16.08 12.23
CA SER A 83 2.36 -16.75 13.44
C SER A 83 1.05 -17.49 13.21
N VAL A 84 0.29 -17.09 12.19
CA VAL A 84 -0.90 -17.82 11.77
C VAL A 84 -0.58 -18.81 10.66
N ALA A 85 0.27 -18.39 9.71
CA ALA A 85 0.46 -19.15 8.46
C ALA A 85 1.10 -20.51 8.70
N VAL A 86 2.09 -20.57 9.59
CA VAL A 86 2.84 -21.81 9.80
C VAL A 86 2.00 -22.86 10.50
N PRO A 87 1.38 -22.59 11.66
CA PRO A 87 0.55 -23.64 12.28
C PRO A 87 -0.64 -24.03 11.43
N TRP A 88 -1.16 -23.10 10.64
CA TRP A 88 -2.24 -23.39 9.70
C TRP A 88 -1.75 -24.27 8.56
N ALA A 89 -0.63 -23.90 7.93
CA ALA A 89 -0.09 -24.72 6.84
C ALA A 89 0.31 -26.10 7.33
N GLN A 90 0.97 -26.16 8.50
CA GLN A 90 1.32 -27.44 9.09
C GLN A 90 0.10 -28.32 9.38
N ALA A 91 -0.95 -27.72 9.97
CA ALA A 91 -2.15 -28.48 10.31
C ALA A 91 -2.85 -29.04 9.08
N CYS A 92 -2.92 -28.27 7.99
CA CYS A 92 -3.61 -28.72 6.78
C CYS A 92 -2.86 -29.86 6.09
N ASN A 93 -1.54 -29.75 6.05
CA ASN A 93 -0.71 -30.78 5.43
C ASN A 93 -0.67 -32.04 6.28
N ASN A 94 -0.75 -31.90 7.62
CA ASN A 94 -0.89 -33.07 8.48
C ASN A 94 -2.19 -33.80 8.16
N LEU A 95 -3.24 -33.04 7.84
CA LEU A 95 -4.49 -33.66 7.44
C LEU A 95 -4.34 -34.40 6.12
N ILE A 96 -3.59 -33.80 5.17
CA ILE A 96 -3.32 -34.43 3.88
C ILE A 96 -2.49 -35.68 4.07
N ALA A 97 -1.49 -35.63 4.95
CA ALA A 97 -0.70 -36.81 5.25
C ALA A 97 -1.56 -37.93 5.85
N ARG A 98 -2.51 -37.58 6.73
CA ARG A 98 -3.38 -38.60 7.33
C ARG A 98 -4.31 -39.24 6.30
N VAL A 99 -4.86 -38.46 5.37
CA VAL A 99 -5.73 -38.99 4.33
C VAL A 99 -4.97 -40.00 3.47
N VAL A 100 -3.70 -39.70 3.18
CA VAL A 100 -2.86 -40.62 2.45
C VAL A 100 -2.57 -41.87 3.29
N ASP A 101 -2.37 -41.70 4.61
CA ASP A 101 -2.20 -42.87 5.47
C ASP A 101 -3.43 -43.78 5.40
N LEU A 102 -4.62 -43.19 5.51
CA LEU A 102 -5.83 -43.99 5.45
C LEU A 102 -6.10 -44.51 4.04
N PHE A 103 -5.74 -43.75 2.99
CA PHE A 103 -5.99 -44.13 1.59
C PHE A 103 -4.73 -43.98 0.72
N PRO A 104 -3.69 -44.79 0.94
CA PRO A 104 -2.38 -44.53 0.28
C PRO A 104 -2.27 -44.94 -1.19
N GLU A 105 -3.12 -45.85 -1.68
CA GLU A 105 -3.05 -46.33 -3.06
C GLU A 105 -3.77 -45.43 -4.05
N THR A 106 -4.49 -44.41 -3.54
CA THR A 106 -5.42 -43.54 -4.23
C THR A 106 -5.05 -42.08 -4.15
N PHE A 107 -4.45 -41.61 -3.05
CA PHE A 107 -4.11 -40.21 -2.90
C PHE A 107 -2.61 -40.04 -2.77
N ALA A 108 -2.06 -39.03 -3.44
CA ALA A 108 -0.69 -38.60 -3.26
C ALA A 108 -0.66 -37.15 -2.79
N GLY A 109 0.25 -36.83 -1.88
CA GLY A 109 0.22 -35.55 -1.19
C GLY A 109 0.99 -34.44 -1.90
N VAL A 110 0.41 -33.24 -1.84
CA VAL A 110 1.07 -32.03 -2.28
C VAL A 110 0.81 -31.00 -1.19
N CYS A 111 1.82 -30.20 -0.87
CA CYS A 111 1.75 -29.31 0.27
C CYS A 111 1.40 -27.87 -0.11
N MET A 112 0.65 -27.21 0.76
CA MET A 112 0.56 -25.76 0.78
C MET A 112 1.74 -25.22 1.58
N LEU A 113 2.07 -23.94 1.34
CA LEU A 113 3.22 -23.36 2.00
C LEU A 113 2.79 -22.26 2.95
N PRO A 114 3.45 -22.12 4.08
CA PRO A 114 3.10 -21.03 5.02
C PRO A 114 3.54 -19.63 4.57
N GLN A 115 3.18 -19.24 3.34
CA GLN A 115 3.58 -17.94 2.79
C GLN A 115 2.70 -16.84 3.36
N SER A 116 3.28 -15.65 3.47
CA SER A 116 2.54 -14.47 3.89
C SER A 116 3.31 -13.24 3.43
N PRO A 117 2.63 -12.10 3.27
CA PRO A 117 3.25 -10.96 2.57
C PRO A 117 4.47 -10.40 3.26
N GLU A 118 4.58 -10.59 4.57
CA GLU A 118 5.63 -9.99 5.39
C GLU A 118 6.86 -10.87 5.53
N ALA A 119 6.84 -12.09 5.00
CA ALA A 119 7.93 -13.03 5.19
C ALA A 119 8.57 -13.41 3.86
N ASP A 120 9.82 -13.89 3.93
CA ASP A 120 10.46 -14.53 2.78
C ASP A 120 10.14 -16.03 2.80
N MET A 121 10.80 -16.82 1.96
CA MET A 121 10.37 -18.20 1.78
C MET A 121 11.00 -19.16 2.76
N THR A 122 11.52 -18.67 3.90
CA THR A 122 12.27 -19.53 4.82
C THR A 122 11.40 -20.62 5.43
N SER A 123 10.24 -20.27 6.00
CA SER A 123 9.42 -21.30 6.63
C SER A 123 8.75 -22.22 5.60
N SER A 124 8.49 -21.72 4.40
CA SER A 124 7.95 -22.57 3.34
C SER A 124 8.97 -23.61 2.87
N ILE A 125 10.27 -23.24 2.82
CA ILE A 125 11.36 -24.18 2.55
C ILE A 125 11.43 -25.22 3.66
N ALA A 126 11.14 -24.79 4.89
CA ALA A 126 11.08 -25.73 6.00
C ALA A 126 9.88 -26.66 5.85
N GLU A 127 8.71 -26.09 5.56
CA GLU A 127 7.54 -26.95 5.47
C GLU A 127 7.62 -27.88 4.26
N LEU A 128 8.21 -27.41 3.16
CA LEU A 128 8.43 -28.28 2.00
C LEU A 128 9.32 -29.46 2.38
N GLU A 129 10.42 -29.18 3.08
CA GLU A 129 11.31 -30.24 3.54
C GLU A 129 10.62 -31.20 4.49
N ARG A 130 9.88 -30.66 5.46
CA ARG A 130 9.15 -31.51 6.38
C ARG A 130 8.14 -32.36 5.63
N CYS A 131 7.52 -31.81 4.60
CA CYS A 131 6.47 -32.54 3.91
C CYS A 131 7.02 -33.61 2.98
N VAL A 132 8.07 -33.27 2.25
CA VAL A 132 8.65 -34.21 1.31
C VAL A 132 9.43 -35.31 2.03
N ASN A 133 10.26 -34.92 3.00
CA ASN A 133 11.17 -35.87 3.65
C ASN A 133 10.47 -36.73 4.70
N GLU A 134 9.61 -36.12 5.50
CA GLU A 134 9.02 -36.82 6.62
C GLU A 134 7.62 -37.32 6.37
N LEU A 135 6.83 -36.60 5.57
CA LEU A 135 5.46 -36.99 5.33
C LEU A 135 5.27 -37.68 3.98
N GLY A 136 6.34 -37.77 3.19
CA GLY A 136 6.30 -38.46 1.92
C GLY A 136 5.63 -37.74 0.77
N PHE A 137 5.59 -36.41 0.80
CA PHE A 137 4.93 -35.64 -0.25
C PHE A 137 5.75 -35.61 -1.55
N ILE A 138 5.07 -35.27 -2.64
CA ILE A 138 5.62 -35.30 -3.99
C ILE A 138 5.61 -33.93 -4.66
N GLY A 139 5.06 -32.90 -4.03
CA GLY A 139 5.02 -31.60 -4.67
C GLY A 139 4.56 -30.56 -3.69
N CYS A 140 4.43 -29.31 -4.19
CA CYS A 140 3.99 -28.17 -3.40
C CYS A 140 3.02 -27.29 -4.19
N ASN A 141 2.33 -26.41 -3.46
CA ASN A 141 1.53 -25.33 -4.03
C ASN A 141 2.22 -24.01 -3.74
N LEU A 142 2.53 -23.27 -4.80
CA LEU A 142 3.30 -22.04 -4.68
C LEU A 142 2.38 -20.86 -4.99
N ASN A 143 2.22 -19.96 -4.01
CA ASN A 143 1.30 -18.84 -4.17
C ASN A 143 2.09 -17.65 -4.69
N PRO A 144 1.89 -17.23 -5.94
CA PRO A 144 2.70 -16.13 -6.48
C PRO A 144 2.30 -14.77 -5.95
N ASP A 145 1.19 -14.70 -5.21
CA ASP A 145 0.70 -13.44 -4.66
C ASP A 145 0.03 -13.75 -3.32
N PRO A 146 0.83 -13.97 -2.26
CA PRO A 146 0.24 -14.26 -0.95
C PRO A 146 -0.48 -13.07 -0.34
N GLY A 147 -0.25 -11.85 -0.85
CA GLY A 147 -1.09 -10.71 -0.51
C GLY A 147 -2.51 -10.82 -1.05
N GLY A 148 -2.73 -11.63 -2.08
CA GLY A 148 -4.07 -12.08 -2.42
C GLY A 148 -5.00 -11.21 -3.25
N GLY A 149 -4.48 -10.51 -4.25
CA GLY A 149 -5.40 -9.87 -5.17
C GLY A 149 -4.95 -8.55 -5.73
N HIS A 150 -3.73 -8.15 -5.40
CA HIS A 150 -3.16 -6.92 -5.92
C HIS A 150 -1.79 -7.17 -6.53
N PHE A 151 -1.32 -8.43 -6.54
CA PHE A 151 -0.05 -8.81 -7.17
C PHE A 151 1.08 -7.91 -6.66
N LYS A 152 1.09 -7.71 -5.34
CA LYS A 152 2.03 -6.80 -4.72
C LYS A 152 3.37 -7.47 -4.40
N HIS A 153 3.58 -8.70 -4.86
CA HIS A 153 4.77 -9.49 -4.60
C HIS A 153 5.64 -9.64 -5.85
N PRO A 154 6.91 -10.04 -5.71
CA PRO A 154 7.80 -10.07 -6.86
C PRO A 154 7.39 -11.13 -7.87
N PRO A 155 7.70 -10.93 -9.14
CA PRO A 155 7.39 -11.96 -10.14
C PRO A 155 8.23 -13.20 -9.88
N LEU A 156 7.78 -14.32 -10.44
CA LEU A 156 8.46 -15.58 -10.19
C LEU A 156 9.86 -15.65 -10.78
N THR A 157 10.26 -14.69 -11.60
CA THR A 157 11.63 -14.64 -12.10
C THR A 157 12.57 -13.93 -11.13
N ASP A 158 12.03 -13.37 -10.04
CA ASP A 158 12.79 -12.57 -9.09
C ASP A 158 13.63 -13.45 -8.17
N ARG A 159 14.79 -12.90 -7.75
CA ARG A 159 15.70 -13.63 -6.88
C ARG A 159 15.11 -13.81 -5.49
N PHE A 160 14.03 -13.10 -5.18
CA PHE A 160 13.27 -13.37 -3.97
C PHE A 160 12.92 -14.85 -3.87
N TRP A 161 12.60 -15.47 -5.00
CA TRP A 161 12.17 -16.85 -5.05
C TRP A 161 13.32 -17.83 -5.19
N TYR A 162 14.53 -17.36 -5.48
CA TYR A 162 15.61 -18.26 -5.87
C TYR A 162 16.02 -19.26 -4.78
N PRO A 163 16.22 -18.86 -3.52
CA PRO A 163 16.48 -19.88 -2.49
C PRO A 163 15.40 -20.94 -2.42
N PHE A 164 14.14 -20.57 -2.66
CA PHE A 164 13.10 -21.57 -2.62
C PHE A 164 13.22 -22.55 -3.77
N TYR A 165 13.49 -22.07 -4.97
CA TYR A 165 13.63 -22.98 -6.11
C TYR A 165 14.75 -23.99 -5.95
N GLU A 166 15.83 -23.64 -5.25
CA GLU A 166 16.94 -24.57 -5.06
C GLU A 166 16.53 -25.79 -4.24
N LYS A 167 15.72 -25.58 -3.20
CA LYS A 167 15.18 -26.69 -2.42
C LYS A 167 14.26 -27.56 -3.27
N MET A 168 13.50 -26.94 -4.19
CA MET A 168 12.66 -27.70 -5.11
C MET A 168 13.48 -28.63 -6.01
N VAL A 169 14.58 -28.11 -6.56
CA VAL A 169 15.37 -28.86 -7.54
C VAL A 169 16.18 -29.96 -6.86
N GLU A 170 16.74 -29.68 -5.68
CA GLU A 170 17.45 -30.72 -4.96
C GLU A 170 16.51 -31.84 -4.52
N LEU A 171 15.30 -31.49 -4.05
CA LEU A 171 14.32 -32.49 -3.63
C LEU A 171 13.60 -33.11 -4.82
N ASP A 172 13.77 -32.56 -6.01
CA ASP A 172 13.14 -33.04 -7.24
C ASP A 172 11.61 -33.01 -7.15
N VAL A 173 11.08 -31.89 -6.68
CA VAL A 173 9.62 -31.73 -6.62
C VAL A 173 9.17 -30.56 -7.49
N PRO A 174 8.06 -30.69 -8.21
CA PRO A 174 7.50 -29.55 -8.94
C PRO A 174 6.59 -28.72 -8.04
N ALA A 175 6.19 -27.55 -8.56
CA ALA A 175 5.19 -26.70 -7.94
C ALA A 175 4.08 -26.43 -8.94
N MET A 176 2.85 -26.39 -8.42
CA MET A 176 1.73 -25.81 -9.14
C MET A 176 1.58 -24.38 -8.65
N ILE A 177 1.68 -23.42 -9.57
CA ILE A 177 1.43 -22.03 -9.21
C ILE A 177 -0.04 -21.92 -8.82
N HIS A 178 -0.32 -21.50 -7.59
CA HIS A 178 -1.69 -21.57 -7.08
C HIS A 178 -1.90 -20.50 -6.03
N VAL A 179 -2.78 -19.53 -6.35
CA VAL A 179 -3.18 -18.49 -5.40
C VAL A 179 -4.33 -18.97 -4.53
N SER A 180 -4.70 -18.16 -3.54
CA SER A 180 -5.73 -18.61 -2.62
C SER A 180 -6.98 -17.74 -2.65
N GLY A 181 -7.57 -17.51 -1.48
CA GLY A 181 -8.73 -16.64 -1.40
C GLY A 181 -8.36 -15.19 -1.65
N SER A 182 -9.33 -14.45 -2.15
CA SER A 182 -9.16 -13.05 -2.52
C SER A 182 -9.78 -12.15 -1.46
N CYS A 183 -9.01 -11.18 -0.99
CA CYS A 183 -9.52 -10.12 -0.13
C CYS A 183 -9.91 -8.87 -0.94
N ASN A 184 -9.89 -8.96 -2.27
CA ASN A 184 -10.29 -7.86 -3.13
C ASN A 184 -11.76 -8.01 -3.47
N PRO A 185 -12.62 -7.04 -3.11
CA PRO A 185 -14.04 -7.14 -3.49
C PRO A 185 -14.27 -7.13 -4.99
N ALA A 186 -13.37 -6.51 -5.75
CA ALA A 186 -13.51 -6.45 -7.19
C ALA A 186 -13.05 -7.72 -7.87
N MET A 187 -12.55 -8.71 -7.12
CA MET A 187 -11.93 -9.88 -7.76
C MET A 187 -12.33 -11.15 -7.01
N HIS A 188 -13.31 -11.86 -7.58
CA HIS A 188 -13.69 -13.18 -7.11
C HIS A 188 -12.55 -14.15 -7.34
N ALA A 189 -12.31 -15.02 -6.35
CA ALA A 189 -11.18 -15.94 -6.35
C ALA A 189 -11.26 -17.04 -7.40
N THR A 190 -12.22 -17.94 -7.27
CA THR A 190 -12.21 -19.15 -8.10
C THR A 190 -12.65 -18.89 -9.54
N GLY A 191 -13.32 -17.77 -9.82
CA GLY A 191 -13.74 -17.47 -11.16
C GLY A 191 -12.95 -16.40 -11.91
N ALA A 192 -12.12 -15.62 -11.21
CA ALA A 192 -11.32 -14.58 -11.88
C ALA A 192 -9.88 -14.58 -11.39
N TYR A 193 -9.69 -14.47 -10.07
CA TYR A 193 -8.35 -14.34 -9.49
C TYR A 193 -7.49 -15.55 -9.80
N TYR A 194 -8.07 -16.75 -9.77
CA TYR A 194 -7.32 -17.94 -10.14
C TYR A 194 -6.82 -17.83 -11.58
N LEU A 195 -7.69 -17.44 -12.50
CA LEU A 195 -7.31 -17.42 -13.91
C LEU A 195 -6.32 -16.30 -14.22
N ALA A 196 -6.50 -15.10 -13.63
CA ALA A 196 -5.57 -14.00 -13.87
C ALA A 196 -4.16 -14.35 -13.39
N ALA A 197 -4.02 -14.93 -12.19
CA ALA A 197 -2.70 -15.28 -11.69
C ALA A 197 -2.01 -16.30 -12.59
N ASP A 198 -2.77 -17.25 -13.15
CA ASP A 198 -2.23 -18.22 -14.11
C ASP A 198 -1.71 -17.55 -15.36
N THR A 199 -2.49 -16.62 -15.89
CA THR A 199 -2.12 -15.89 -17.09
C THR A 199 -0.91 -15.01 -16.82
N ILE A 200 -0.94 -14.30 -15.69
CA ILE A 200 0.17 -13.42 -15.33
C ILE A 200 1.45 -14.22 -15.11
N ALA A 201 1.33 -15.37 -14.44
CA ALA A 201 2.51 -16.19 -14.14
C ALA A 201 3.21 -16.63 -15.41
N PHE A 202 2.44 -17.07 -16.40
CA PHE A 202 3.03 -17.51 -17.66
C PHE A 202 3.72 -16.37 -18.39
N MET A 203 3.12 -15.19 -18.38
CA MET A 203 3.81 -14.06 -19.01
C MET A 203 5.05 -13.67 -18.21
N GLN A 204 4.99 -13.72 -16.89
CA GLN A 204 6.19 -13.40 -16.11
C GLN A 204 7.38 -14.23 -16.58
N LEU A 205 7.14 -15.53 -16.77
CA LEU A 205 8.21 -16.40 -17.27
C LEU A 205 8.58 -16.03 -18.69
N LEU A 206 7.59 -15.67 -19.52
CA LEU A 206 7.90 -15.28 -20.89
C LEU A 206 8.75 -14.02 -20.92
N GLN A 207 8.64 -13.16 -19.92
CA GLN A 207 9.46 -11.95 -19.87
C GLN A 207 10.91 -12.21 -19.49
N GLY A 208 11.21 -13.35 -18.85
CA GLY A 208 12.55 -13.62 -18.36
C GLY A 208 13.17 -14.92 -18.85
N ASN A 209 14.15 -15.43 -18.11
CA ASN A 209 14.79 -16.70 -18.44
C ASN A 209 15.12 -17.45 -17.13
N LEU A 210 14.06 -17.79 -16.39
CA LEU A 210 14.25 -18.48 -15.12
C LEU A 210 14.92 -19.84 -15.30
N PHE A 211 14.51 -20.58 -16.34
CA PHE A 211 14.99 -21.94 -16.58
C PHE A 211 16.38 -21.98 -17.20
N ALA A 212 16.99 -20.81 -17.41
CA ALA A 212 18.42 -20.74 -17.63
C ALA A 212 19.17 -20.92 -16.33
N ASP A 213 18.58 -20.49 -15.22
CA ASP A 213 19.15 -20.65 -13.89
C ASP A 213 18.82 -22.00 -13.27
N PHE A 214 17.60 -22.49 -13.47
CA PHE A 214 17.13 -23.75 -12.90
C PHE A 214 16.66 -24.64 -14.05
N PRO A 215 17.58 -25.32 -14.74
CA PRO A 215 17.17 -26.05 -15.95
C PRO A 215 16.24 -27.22 -15.71
N THR A 216 16.16 -27.74 -14.49
CA THR A 216 15.28 -28.84 -14.21
C THR A 216 14.02 -28.43 -13.45
N LEU A 217 13.87 -27.14 -13.14
CA LEU A 217 12.70 -26.67 -12.42
C LEU A 217 11.46 -26.83 -13.28
N ARG A 218 10.40 -27.36 -12.71
CA ARG A 218 9.18 -27.58 -13.47
C ARG A 218 8.02 -26.96 -12.72
N PHE A 219 7.18 -26.20 -13.46
CA PHE A 219 5.95 -25.60 -12.98
C PHE A 219 4.75 -26.20 -13.69
N ILE A 220 3.65 -26.29 -12.95
CA ILE A 220 2.30 -26.49 -13.51
C ILE A 220 1.52 -25.19 -13.30
N ILE A 221 0.95 -24.66 -14.37
CA ILE A 221 -0.03 -23.60 -14.28
C ILE A 221 -1.40 -24.26 -14.45
N PRO A 222 -2.27 -24.20 -13.45
CA PRO A 222 -3.51 -24.95 -13.46
C PRO A 222 -4.61 -24.32 -14.32
N HIS A 223 -5.77 -24.99 -14.36
CA HIS A 223 -6.94 -24.53 -15.10
C HIS A 223 -6.63 -24.32 -16.57
N GLY A 224 -6.00 -25.31 -17.19
CA GLY A 224 -5.62 -25.20 -18.58
C GLY A 224 -4.73 -24.02 -18.92
N GLY A 225 -4.02 -23.48 -17.93
CA GLY A 225 -3.12 -22.37 -18.17
C GLY A 225 -3.73 -20.99 -18.20
N GLY A 226 -4.90 -20.79 -17.61
CA GLY A 226 -5.58 -19.50 -17.64
C GLY A 226 -6.12 -19.08 -18.98
N ALA A 227 -5.65 -17.95 -19.51
CA ALA A 227 -6.01 -17.47 -20.85
C ALA A 227 -5.03 -17.96 -21.92
N VAL A 228 -3.97 -18.64 -21.53
CA VAL A 228 -2.77 -18.82 -22.35
C VAL A 228 -2.98 -19.70 -23.58
N PRO A 229 -3.45 -20.96 -23.49
CA PRO A 229 -3.65 -21.70 -24.76
C PRO A 229 -4.68 -21.04 -25.68
N TYR A 230 -5.72 -20.42 -25.11
CA TYR A 230 -6.75 -19.72 -25.89
C TYR A 230 -6.15 -18.57 -26.68
N HIS A 231 -5.15 -17.89 -26.10
CA HIS A 231 -4.43 -16.82 -26.76
C HIS A 231 -3.01 -17.24 -27.15
N TRP A 232 -2.83 -18.51 -27.49
CA TRP A 232 -1.49 -19.02 -27.77
C TRP A 232 -0.79 -18.23 -28.86
N GLY A 233 -1.52 -17.86 -29.93
CA GLY A 233 -0.92 -17.07 -31.00
C GLY A 233 -0.45 -15.70 -30.51
N ARG A 234 -1.18 -15.12 -29.58
CA ARG A 234 -0.78 -13.86 -28.95
C ARG A 234 0.54 -14.01 -28.18
N PHE A 235 0.74 -15.17 -27.55
CA PHE A 235 1.92 -15.37 -26.72
C PHE A 235 3.14 -15.71 -27.58
N ARG A 236 2.96 -16.45 -28.67
CA ARG A 236 4.03 -16.67 -29.65
C ARG A 236 4.49 -15.37 -30.28
N GLY A 237 3.57 -14.49 -30.61
CA GLY A 237 3.97 -13.24 -31.24
C GLY A 237 4.70 -12.31 -30.30
N LEU A 238 4.35 -12.36 -29.01
CA LEU A 238 5.02 -11.57 -27.99
C LEU A 238 6.45 -12.04 -27.75
N ALA A 239 6.73 -13.33 -27.93
CA ALA A 239 8.12 -13.76 -27.88
C ALA A 239 8.94 -13.00 -28.91
N ASP A 240 8.39 -12.83 -30.11
CA ASP A 240 9.05 -12.03 -31.14
C ASP A 240 9.09 -10.55 -30.76
N MET A 241 7.97 -10.00 -30.30
CA MET A 241 7.95 -8.60 -29.91
C MET A 241 8.98 -8.30 -28.82
N LEU A 242 9.20 -9.24 -27.91
CA LEU A 242 10.16 -9.05 -26.82
C LEU A 242 11.56 -9.51 -27.20
N LYS A 243 11.75 -10.02 -28.42
CA LYS A 243 13.02 -10.59 -28.86
C LYS A 243 13.44 -11.75 -27.98
N GLN A 244 12.47 -12.55 -27.57
CA GLN A 244 12.71 -13.65 -26.65
C GLN A 244 12.80 -14.95 -27.43
N PRO A 245 13.35 -16.01 -26.83
CA PRO A 245 13.36 -17.29 -27.53
C PRO A 245 11.95 -17.78 -27.80
N SER A 246 11.82 -18.68 -28.76
CA SER A 246 10.50 -19.25 -29.03
C SER A 246 10.01 -20.02 -27.81
N LEU A 247 8.69 -20.13 -27.70
CA LEU A 247 8.10 -20.65 -26.48
C LEU A 247 8.40 -22.14 -26.29
N ASP A 248 8.45 -22.92 -27.36
CA ASP A 248 8.68 -24.35 -27.21
C ASP A 248 9.97 -24.67 -26.47
N THR A 249 10.99 -23.81 -26.61
CA THR A 249 12.28 -23.99 -25.95
C THR A 249 12.40 -23.24 -24.63
N LEU A 250 11.87 -22.02 -24.56
CA LEU A 250 12.01 -21.18 -23.38
C LEU A 250 11.28 -21.74 -22.16
N LEU A 251 10.11 -22.36 -22.37
CA LEU A 251 9.18 -22.64 -21.27
C LEU A 251 8.64 -24.06 -21.27
N MET A 252 8.30 -24.61 -22.41
CA MET A 252 7.39 -25.75 -22.50
C MET A 252 8.06 -27.10 -22.23
N ASN A 253 9.32 -27.06 -21.83
CA ASN A 253 10.04 -28.15 -21.20
C ASN A 253 10.01 -28.05 -19.68
N ASN A 254 9.63 -26.89 -19.16
CA ASN A 254 9.57 -26.60 -17.74
C ASN A 254 8.18 -26.24 -17.28
N VAL A 255 7.25 -26.01 -18.21
CA VAL A 255 5.90 -25.58 -17.93
C VAL A 255 4.92 -26.58 -18.54
N PHE A 256 3.90 -26.93 -17.77
CA PHE A 256 2.91 -27.94 -18.13
C PHE A 256 1.57 -27.36 -17.71
N PHE A 257 0.50 -27.75 -18.43
CA PHE A 257 -0.86 -27.27 -18.16
C PHE A 257 -1.75 -28.45 -17.81
N ASP A 258 -2.67 -28.26 -16.85
CA ASP A 258 -3.66 -29.28 -16.50
C ASP A 258 -4.94 -29.11 -17.33
N THR A 259 -5.86 -30.05 -17.18
CA THR A 259 -7.07 -30.05 -18.01
C THR A 259 -8.33 -29.71 -17.24
N CYS A 260 -8.23 -28.87 -16.21
CA CYS A 260 -9.40 -28.38 -15.46
C CYS A 260 -10.03 -27.21 -16.20
N VAL A 261 -10.42 -27.50 -17.44
CA VAL A 261 -11.18 -26.61 -18.31
C VAL A 261 -12.53 -27.28 -18.47
N TYR A 262 -13.61 -26.56 -18.13
CA TYR A 262 -14.86 -27.26 -17.82
C TYR A 262 -15.84 -27.31 -18.99
N HIS A 263 -15.36 -27.54 -20.20
CA HIS A 263 -16.25 -27.85 -21.30
C HIS A 263 -15.43 -28.45 -22.42
N GLN A 264 -16.09 -29.24 -23.26
CA GLN A 264 -15.41 -29.85 -24.41
C GLN A 264 -14.72 -28.84 -25.30
N PRO A 265 -15.32 -27.69 -25.66
CA PRO A 265 -14.61 -26.78 -26.57
C PRO A 265 -13.35 -26.19 -25.97
N GLY A 266 -13.32 -25.92 -24.66
CA GLY A 266 -12.08 -25.48 -24.04
C GLY A 266 -11.04 -26.57 -24.03
N ILE A 267 -11.47 -27.81 -23.77
CA ILE A 267 -10.58 -28.97 -23.82
C ILE A 267 -10.16 -29.30 -25.25
N ASN A 268 -11.09 -29.22 -26.22
CA ASN A 268 -10.72 -29.43 -27.62
C ASN A 268 -9.63 -28.45 -28.06
N LEU A 269 -9.69 -27.21 -27.55
CA LEU A 269 -8.67 -26.24 -27.88
C LEU A 269 -7.35 -26.54 -27.19
N LEU A 270 -7.39 -26.89 -25.90
CA LEU A 270 -6.16 -27.23 -25.20
C LEU A 270 -5.37 -28.31 -25.93
N ALA A 271 -6.01 -29.45 -26.20
CA ALA A 271 -5.34 -30.53 -26.93
C ALA A 271 -4.87 -30.09 -28.30
N ASP A 272 -5.57 -29.14 -28.90
CA ASP A 272 -5.20 -28.73 -30.23
C ASP A 272 -3.92 -27.89 -30.24
N VAL A 273 -3.73 -27.01 -29.25
CA VAL A 273 -2.70 -25.99 -29.34
C VAL A 273 -1.47 -26.28 -28.47
N ILE A 274 -1.61 -27.04 -27.39
CA ILE A 274 -0.49 -27.34 -26.51
C ILE A 274 -0.02 -28.77 -26.76
N ASP A 275 1.31 -28.96 -26.78
CA ASP A 275 1.88 -30.29 -27.03
C ASP A 275 1.44 -31.30 -25.99
N ASN A 276 1.21 -32.54 -26.45
CA ASN A 276 0.66 -33.58 -25.60
C ASN A 276 1.45 -33.75 -24.31
N LYS A 277 2.78 -33.60 -24.38
CA LYS A 277 3.66 -33.80 -23.23
C LYS A 277 3.52 -32.72 -22.17
N ASN A 278 2.86 -31.61 -22.48
CA ASN A 278 2.67 -30.50 -21.56
C ASN A 278 1.28 -30.48 -20.97
N ILE A 279 0.46 -31.48 -21.27
CA ILE A 279 -0.93 -31.59 -20.83
C ILE A 279 -1.04 -32.69 -19.79
N LEU A 280 -1.49 -32.33 -18.59
CA LEU A 280 -1.66 -33.22 -17.45
C LEU A 280 -3.13 -33.31 -17.15
N PHE A 281 -3.66 -34.51 -16.93
CA PHE A 281 -5.06 -34.64 -16.54
C PHE A 281 -5.30 -34.05 -15.15
N GLY A 282 -6.33 -33.20 -15.04
CA GLY A 282 -6.81 -32.72 -13.76
C GLY A 282 -8.30 -32.45 -13.89
N SER A 283 -8.97 -32.33 -12.74
CA SER A 283 -10.40 -32.02 -12.70
C SER A 283 -10.79 -31.07 -11.59
N GLU A 284 -9.96 -30.94 -10.55
CA GLU A 284 -10.26 -30.17 -9.36
C GLU A 284 -11.70 -30.44 -8.89
N MET A 285 -12.05 -31.73 -8.81
CA MET A 285 -13.39 -32.11 -8.36
C MET A 285 -13.64 -31.61 -6.93
N VAL A 286 -14.92 -31.59 -6.57
CA VAL A 286 -15.45 -31.06 -5.29
C VAL A 286 -14.85 -29.69 -5.03
N GLY A 287 -14.78 -28.86 -6.07
CA GLY A 287 -14.16 -27.56 -5.97
C GLY A 287 -15.02 -26.41 -6.43
N ALA A 288 -14.54 -25.70 -7.45
CA ALA A 288 -15.14 -24.45 -7.91
C ALA A 288 -16.50 -24.65 -8.60
N VAL A 289 -16.71 -25.76 -9.30
CA VAL A 289 -17.95 -26.00 -10.06
C VAL A 289 -18.46 -27.39 -9.71
N ARG A 290 -19.39 -27.50 -8.77
CA ARG A 290 -19.83 -28.82 -8.30
C ARG A 290 -21.12 -29.32 -8.96
N GLY A 291 -21.80 -28.47 -9.79
CA GLY A 291 -23.10 -28.85 -10.33
C GLY A 291 -23.02 -29.55 -11.68
N ILE A 292 -24.17 -30.06 -12.12
CA ILE A 292 -24.25 -30.74 -13.41
C ILE A 292 -24.40 -29.73 -14.50
N ASP A 293 -23.99 -30.11 -15.68
CA ASP A 293 -24.17 -29.23 -16.83
C ASP A 293 -25.57 -29.48 -17.37
N PRO A 294 -26.48 -28.50 -17.29
CA PRO A 294 -27.78 -28.66 -17.95
C PRO A 294 -27.64 -29.03 -19.40
N THR A 295 -26.60 -28.53 -20.05
CA THR A 295 -26.33 -28.66 -21.47
C THR A 295 -25.76 -30.02 -21.89
N THR A 296 -25.37 -30.88 -20.95
CA THR A 296 -24.78 -32.17 -21.35
C THR A 296 -25.34 -33.34 -20.56
N GLY A 297 -25.81 -33.08 -19.34
CA GLY A 297 -26.24 -34.14 -18.46
C GLY A 297 -25.13 -34.78 -17.67
N HIS A 298 -23.89 -34.33 -17.87
CA HIS A 298 -22.70 -34.79 -17.16
C HIS A 298 -22.15 -33.67 -16.30
N TYR A 299 -21.23 -34.02 -15.41
CA TYR A 299 -20.69 -33.00 -14.53
C TYR A 299 -19.71 -32.09 -15.25
N PHE A 300 -19.71 -30.82 -14.83
CA PHE A 300 -18.77 -29.85 -15.36
C PHE A 300 -17.33 -30.28 -15.09
N ASP A 301 -17.05 -30.74 -13.87
CA ASP A 301 -15.67 -31.04 -13.49
C ASP A 301 -15.28 -32.48 -13.81
N ASP A 302 -16.16 -33.24 -14.45
CA ASP A 302 -15.84 -34.58 -14.94
C ASP A 302 -15.05 -34.45 -16.25
N THR A 303 -13.82 -33.94 -16.10
CA THR A 303 -13.02 -33.59 -17.29
C THR A 303 -12.49 -34.81 -18.04
N LYS A 304 -12.47 -35.99 -17.42
CA LYS A 304 -12.04 -37.18 -18.14
C LYS A 304 -12.91 -37.38 -19.38
N ARG A 305 -14.21 -37.03 -19.27
CA ARG A 305 -15.16 -37.13 -20.38
C ARG A 305 -14.72 -36.29 -21.57
N TYR A 306 -14.02 -35.18 -21.34
CA TYR A 306 -13.54 -34.39 -22.46
C TYR A 306 -12.32 -35.02 -23.12
N ILE A 307 -11.39 -35.58 -22.35
CA ILE A 307 -10.27 -36.29 -22.97
C ILE A 307 -10.76 -37.57 -23.64
N ASP A 308 -11.66 -38.30 -22.95
CA ASP A 308 -12.22 -39.53 -23.49
C ASP A 308 -12.97 -39.29 -24.79
N ALA A 309 -13.50 -38.09 -24.97
CA ALA A 309 -14.23 -37.75 -26.18
C ALA A 309 -13.30 -37.24 -27.27
N LEU A 310 -12.07 -36.91 -26.92
CA LEU A 310 -11.10 -36.49 -27.91
C LEU A 310 -10.81 -37.63 -28.87
N ASP A 311 -10.44 -37.26 -30.08
CA ASP A 311 -10.02 -38.24 -31.09
C ASP A 311 -8.51 -38.22 -31.16
N ILE A 312 -7.90 -38.98 -30.27
CA ILE A 312 -6.45 -39.01 -30.13
C ILE A 312 -5.98 -40.45 -30.08
N SER A 313 -4.67 -40.62 -30.26
CA SER A 313 -4.07 -41.94 -30.20
C SER A 313 -3.94 -42.40 -28.75
N ASP A 314 -3.74 -43.71 -28.58
CA ASP A 314 -3.58 -44.27 -27.24
C ASP A 314 -2.27 -43.83 -26.60
N GLN A 315 -1.26 -43.53 -27.41
CA GLN A 315 -0.04 -42.92 -26.88
C GLN A 315 -0.35 -41.58 -26.25
N GLU A 316 -1.25 -40.80 -26.86
CA GLU A 316 -1.67 -39.52 -26.32
C GLU A 316 -2.58 -39.69 -25.10
N ARG A 317 -3.44 -40.70 -25.12
CA ARG A 317 -4.29 -40.96 -23.97
C ARG A 317 -3.46 -41.34 -22.75
N HIS A 318 -2.40 -42.14 -22.95
CA HIS A 318 -1.55 -42.56 -21.84
C HIS A 318 -0.84 -41.36 -21.22
N ALA A 319 -0.36 -40.43 -22.03
CA ALA A 319 0.43 -39.32 -21.51
C ALA A 319 -0.41 -38.35 -20.68
N ILE A 320 -1.59 -37.96 -21.19
CA ILE A 320 -2.43 -37.04 -20.42
C ILE A 320 -2.84 -37.68 -19.10
N PHE A 321 -3.25 -38.94 -19.17
CA PHE A 321 -3.85 -39.61 -18.04
C PHE A 321 -2.83 -40.06 -16.99
N GLU A 322 -1.61 -40.45 -17.37
CA GLU A 322 -0.65 -41.05 -16.43
C GLU A 322 0.80 -40.63 -16.66
N GLY A 323 1.28 -40.73 -17.91
CA GLY A 323 2.70 -40.57 -18.17
C GLY A 323 3.22 -39.17 -17.88
N ASN A 324 2.49 -38.14 -18.30
CA ASN A 324 3.03 -36.79 -18.20
C ASN A 324 3.26 -36.40 -16.75
N THR A 325 2.31 -36.76 -15.87
CA THR A 325 2.37 -36.46 -14.45
C THR A 325 3.49 -37.23 -13.75
N ARG A 326 3.74 -38.45 -14.18
CA ARG A 326 4.79 -39.24 -13.53
C ARG A 326 6.19 -38.73 -13.87
N ARG A 327 6.38 -38.15 -15.06
CA ARG A 327 7.67 -37.54 -15.45
C ARG A 327 7.90 -36.18 -14.81
N VAL A 328 6.84 -35.42 -14.51
CA VAL A 328 6.97 -34.12 -13.85
C VAL A 328 7.07 -34.29 -12.33
N PHE A 329 6.45 -35.35 -11.77
CA PHE A 329 6.51 -35.73 -10.36
C PHE A 329 7.37 -36.97 -10.25
N PRO A 330 8.70 -36.86 -10.14
CA PRO A 330 9.51 -38.09 -10.09
C PRO A 330 9.26 -38.96 -8.85
N ARG A 331 9.00 -38.35 -7.68
CA ARG A 331 8.78 -39.16 -6.49
C ARG A 331 7.58 -40.08 -6.65
N LEU A 332 6.58 -39.66 -7.44
CA LEU A 332 5.41 -40.49 -7.69
C LEU A 332 5.73 -41.61 -8.67
N ASP A 333 6.48 -41.32 -9.73
CA ASP A 333 6.98 -42.38 -10.62
C ASP A 333 7.73 -43.44 -9.82
N ALA A 334 8.61 -43.00 -8.92
CA ALA A 334 9.45 -43.95 -8.18
C ALA A 334 8.61 -44.83 -7.27
N LYS A 335 7.55 -44.26 -6.67
CA LYS A 335 6.66 -45.02 -5.82
C LYS A 335 5.85 -46.03 -6.62
N LEU A 336 5.48 -45.70 -7.86
CA LEU A 336 4.66 -46.59 -8.67
C LEU A 336 5.48 -47.71 -9.29
N LYS A 337 6.74 -47.45 -9.62
CA LYS A 337 7.68 -48.52 -9.96
C LYS A 337 7.84 -49.52 -8.82
N ALA A 338 8.07 -49.02 -7.60
CA ALA A 338 8.22 -49.84 -6.40
C ALA A 338 6.96 -50.66 -6.08
N ARG A 339 5.82 -50.38 -6.70
CA ARG A 339 4.62 -51.18 -6.56
C ARG A 339 4.37 -52.01 -7.80
N GLY A 340 5.34 -52.04 -8.73
CA GLY A 340 5.23 -52.82 -9.93
C GLY A 340 4.38 -52.21 -11.02
N LEU A 341 3.95 -50.96 -10.85
CA LEU A 341 3.04 -50.32 -11.79
C LEU A 341 3.79 -49.42 -12.78
N MET B 3 8.55 43.17 18.12
CA MET B 3 8.25 42.59 16.81
C MET B 3 6.82 42.78 16.26
N ILE B 4 6.71 43.16 14.97
CA ILE B 4 5.43 43.42 14.31
C ILE B 4 5.31 42.52 13.07
N ILE B 5 4.42 41.51 13.16
CA ILE B 5 4.13 40.55 12.07
C ILE B 5 2.70 40.76 11.57
N ASP B 6 2.57 41.03 10.26
CA ASP B 6 1.28 41.15 9.60
C ASP B 6 0.79 39.74 9.22
N CYS B 7 -0.27 39.25 9.86
CA CYS B 7 -0.69 37.87 9.63
C CYS B 7 -1.51 37.67 8.35
N HIS B 8 -1.81 38.73 7.61
CA HIS B 8 -2.75 38.66 6.48
C HIS B 8 -2.25 39.57 5.36
N GLY B 9 -1.81 38.98 4.26
CA GLY B 9 -1.32 39.78 3.15
C GLY B 9 -1.18 38.97 1.88
N HIS B 10 -1.54 39.56 0.75
CA HIS B 10 -1.49 38.83 -0.51
C HIS B 10 -0.63 39.58 -1.52
N TYR B 11 -0.14 38.82 -2.50
CA TYR B 11 0.67 39.39 -3.56
C TYR B 11 -0.31 39.80 -4.64
N THR B 12 -0.76 41.04 -4.53
CA THR B 12 -1.86 41.59 -5.33
C THR B 12 -1.35 42.36 -6.54
N VAL B 13 -0.29 43.15 -6.36
CA VAL B 13 0.37 43.89 -7.44
C VAL B 13 1.47 43.00 -8.02
N LEU B 14 1.21 42.40 -9.19
CA LEU B 14 2.02 41.34 -9.77
C LEU B 14 2.80 41.80 -10.99
N PRO B 15 3.80 41.03 -11.40
CA PRO B 15 4.32 41.12 -12.77
C PRO B 15 3.23 40.79 -13.80
N LYS B 16 3.35 41.41 -14.99
CA LYS B 16 2.25 41.42 -15.96
C LYS B 16 1.91 40.03 -16.48
N ALA B 17 2.92 39.18 -16.69
CA ALA B 17 2.71 37.90 -17.36
C ALA B 17 1.85 36.92 -16.58
N HIS B 18 1.64 37.13 -15.28
CA HIS B 18 0.89 36.16 -14.47
C HIS B 18 -0.59 36.20 -14.78
N ASP B 19 -1.21 37.38 -14.67
CA ASP B 19 -2.63 37.50 -15.01
C ASP B 19 -2.90 37.26 -16.48
N GLU B 20 -1.90 37.52 -17.33
CA GLU B 20 -2.02 37.24 -18.75
C GLU B 20 -2.22 35.76 -19.01
N TRP B 21 -1.32 34.93 -18.48
CA TRP B 21 -1.43 33.48 -18.61
C TRP B 21 -2.72 32.94 -18.01
N ARG B 22 -3.22 33.58 -16.94
CA ARG B 22 -4.44 33.10 -16.30
C ARG B 22 -5.63 33.16 -17.24
N GLU B 23 -5.71 34.21 -18.07
CA GLU B 23 -6.80 34.30 -19.02
C GLU B 23 -6.61 33.31 -20.17
N GLN B 24 -5.37 32.83 -20.37
CA GLN B 24 -5.06 31.76 -21.31
C GLN B 24 -5.43 30.38 -20.77
N GLN B 25 -5.19 30.13 -19.48
CA GLN B 25 -5.62 28.86 -18.88
C GLN B 25 -7.14 28.76 -18.87
N LYS B 26 -7.82 29.89 -18.66
CA LYS B 26 -9.26 29.95 -18.87
C LYS B 26 -9.59 29.71 -20.34
N ALA B 27 -8.79 30.31 -21.24
CA ALA B 27 -9.00 30.15 -22.67
C ALA B 27 -8.72 28.73 -23.14
N ALA B 28 -7.87 27.99 -22.42
CA ALA B 28 -7.66 26.58 -22.74
C ALA B 28 -8.91 25.76 -22.43
N PHE B 29 -9.59 26.07 -21.32
CA PHE B 29 -10.89 25.47 -21.03
C PHE B 29 -11.97 26.01 -21.96
N LYS B 30 -11.66 27.12 -22.64
CA LYS B 30 -12.51 27.66 -23.69
C LYS B 30 -12.43 26.82 -24.97
N ALA B 31 -11.57 25.79 -25.01
CA ALA B 31 -11.42 25.01 -26.23
C ALA B 31 -11.19 23.53 -26.05
N GLY B 32 -10.97 23.02 -24.84
CA GLY B 32 -10.70 21.60 -24.71
C GLY B 32 -9.29 21.20 -25.04
N GLN B 33 -8.34 22.10 -24.90
CA GLN B 33 -6.92 21.97 -25.22
C GLN B 33 -6.12 21.96 -23.92
N PRO B 34 -4.93 21.34 -23.88
CA PRO B 34 -4.05 21.55 -22.72
C PRO B 34 -3.60 23.01 -22.66
N ALA B 35 -3.28 23.47 -21.44
CA ALA B 35 -3.04 24.90 -21.29
C ALA B 35 -1.62 25.27 -21.72
N PRO B 36 -1.44 26.48 -22.23
CA PRO B 36 -0.11 26.90 -22.71
C PRO B 36 0.93 26.86 -21.60
N PRO B 37 2.21 26.89 -21.96
CA PRO B 37 3.27 26.88 -20.95
C PRO B 37 3.30 28.14 -20.11
N TYR B 38 3.62 27.96 -18.83
CA TYR B 38 3.73 29.10 -17.91
C TYR B 38 4.94 29.96 -18.27
N PRO B 39 4.79 31.29 -18.31
CA PRO B 39 5.87 32.16 -18.82
C PRO B 39 7.05 32.28 -17.86
N GLU B 40 8.12 32.87 -18.39
CA GLU B 40 9.28 33.25 -17.58
C GLU B 40 9.05 34.60 -16.92
N ILE B 41 9.45 34.70 -15.66
CA ILE B 41 9.33 35.91 -14.86
C ILE B 41 10.69 36.20 -14.24
N SER B 42 11.11 37.46 -14.28
CA SER B 42 12.44 37.83 -13.81
C SER B 42 12.46 38.01 -12.30
N ASP B 43 13.63 37.77 -11.71
CA ASP B 43 13.78 38.02 -10.28
C ASP B 43 13.60 39.51 -9.99
N ASP B 44 14.11 40.35 -10.89
CA ASP B 44 14.09 41.80 -10.67
C ASP B 44 12.69 42.37 -10.73
N GLU B 45 11.85 41.84 -11.62
CA GLU B 45 10.47 42.28 -11.72
C GLU B 45 9.69 41.96 -10.45
N ILE B 46 9.87 40.76 -9.88
CA ILE B 46 9.17 40.43 -8.63
C ILE B 46 9.56 41.41 -7.53
N ARG B 47 10.87 41.64 -7.36
CA ARG B 47 11.30 42.56 -6.29
C ARG B 47 10.73 43.95 -6.50
N GLU B 48 10.62 44.37 -7.76
CA GLU B 48 10.13 45.71 -8.05
C GLU B 48 8.71 45.89 -7.53
N THR B 49 7.82 44.98 -7.91
CA THR B 49 6.46 45.02 -7.39
C THR B 49 6.48 45.05 -5.87
N ILE B 50 7.36 44.25 -5.27
CA ILE B 50 7.44 44.21 -3.81
C ILE B 50 8.00 45.52 -3.25
N GLU B 51 9.08 46.02 -3.87
CA GLU B 51 9.74 47.22 -3.36
C GLU B 51 8.94 48.48 -3.62
N ALA B 52 8.20 48.52 -4.74
CA ALA B 52 7.34 49.66 -5.02
C ALA B 52 6.10 49.68 -4.14
N ASN B 53 5.78 48.57 -3.46
CA ASN B 53 4.49 48.41 -2.78
C ASN B 53 4.62 47.97 -1.33
N GLN B 54 4.55 46.66 -1.08
CA GLN B 54 4.49 46.16 0.29
C GLN B 54 5.73 46.55 1.07
N LEU B 55 6.92 46.29 0.50
CA LEU B 55 8.15 46.55 1.23
C LEU B 55 8.31 48.04 1.51
N ARG B 56 7.91 48.88 0.56
CA ARG B 56 7.86 50.32 0.82
C ARG B 56 6.86 50.62 1.94
N LEU B 57 5.70 49.95 1.90
CA LEU B 57 4.67 50.19 2.90
C LEU B 57 5.02 49.54 4.22
N ILE B 58 5.63 48.34 4.16
CA ILE B 58 6.13 47.71 5.37
C ILE B 58 6.99 48.70 6.15
N LYS B 59 7.95 49.32 5.45
CA LYS B 59 8.84 50.31 6.03
C LYS B 59 8.06 51.46 6.64
N GLU B 60 7.23 52.10 5.81
CA GLU B 60 6.50 53.30 6.24
C GLU B 60 5.57 53.00 7.41
N ARG B 61 4.93 51.83 7.42
CA ARG B 61 4.02 51.55 8.53
C ARG B 61 4.70 50.88 9.72
N GLY B 62 6.01 50.62 9.61
CA GLY B 62 6.80 50.15 10.72
C GLY B 62 6.62 48.70 11.05
N ALA B 63 6.39 47.86 10.05
CA ALA B 63 6.24 46.42 10.25
C ALA B 63 7.54 45.69 9.96
N ASP B 64 7.61 44.47 10.50
CA ASP B 64 8.78 43.62 10.36
C ASP B 64 8.57 42.49 9.35
N MET B 65 7.47 41.76 9.44
CA MET B 65 7.27 40.69 8.47
C MET B 65 5.79 40.53 8.14
N THR B 66 5.52 39.93 6.98
CA THR B 66 4.17 39.71 6.49
C THR B 66 4.00 38.25 6.08
N ILE B 67 2.95 37.62 6.58
CA ILE B 67 2.59 36.26 6.19
C ILE B 67 1.84 36.34 4.87
N PHE B 68 2.41 35.73 3.84
CA PHE B 68 2.14 36.10 2.45
C PHE B 68 1.51 34.94 1.71
N SER B 69 0.42 35.19 1.01
CA SER B 69 -0.31 34.20 0.23
C SER B 69 -0.68 34.83 -1.10
N PRO B 70 -1.00 34.03 -2.11
CA PRO B 70 -1.36 34.62 -3.41
C PRO B 70 -2.60 35.49 -3.31
N ARG B 71 -2.76 36.39 -4.27
CA ARG B 71 -3.93 37.25 -4.32
C ARG B 71 -5.20 36.41 -4.36
N ALA B 72 -6.09 36.66 -3.39
CA ALA B 72 -7.20 35.75 -3.12
C ALA B 72 -8.27 35.85 -4.20
N SER B 73 -8.50 37.06 -4.73
CA SER B 73 -9.50 37.24 -5.78
C SER B 73 -9.18 36.40 -7.01
N ALA B 74 -7.89 36.19 -7.29
CA ALA B 74 -7.45 35.42 -8.44
C ALA B 74 -7.42 33.91 -8.18
N MET B 75 -7.68 33.46 -6.93
CA MET B 75 -7.72 32.02 -6.63
C MET B 75 -8.88 31.33 -7.35
N ALA B 76 -10.05 31.97 -7.41
CA ALA B 76 -11.26 31.48 -8.08
C ALA B 76 -11.34 29.98 -8.29
N PRO B 77 -11.80 29.18 -7.31
CA PRO B 77 -11.84 27.69 -7.49
C PRO B 77 -12.99 27.17 -8.35
N HIS B 78 -13.96 28.05 -8.66
CA HIS B 78 -15.14 27.77 -9.48
C HIS B 78 -14.79 27.67 -10.97
N VAL B 79 -13.67 28.25 -11.40
CA VAL B 79 -13.13 28.11 -12.75
C VAL B 79 -11.78 27.38 -12.64
N GLY B 80 -11.71 26.11 -13.03
CA GLY B 80 -12.83 25.32 -13.55
C GLY B 80 -12.85 24.03 -12.73
N ASP B 81 -12.20 22.98 -13.24
CA ASP B 81 -12.19 21.75 -12.49
C ASP B 81 -10.76 21.52 -11.98
N GLN B 82 -10.45 20.28 -11.61
CA GLN B 82 -9.16 20.01 -10.99
C GLN B 82 -8.01 20.31 -11.93
N SER B 83 -8.18 20.05 -13.22
CA SER B 83 -7.11 20.29 -14.19
C SER B 83 -6.73 21.76 -14.28
N VAL B 84 -7.62 22.67 -13.91
CA VAL B 84 -7.31 24.10 -13.86
C VAL B 84 -6.77 24.52 -12.51
N ALA B 85 -7.43 24.05 -11.44
CA ALA B 85 -7.16 24.56 -10.10
C ALA B 85 -5.76 24.17 -9.63
N VAL B 86 -5.34 22.94 -9.89
CA VAL B 86 -4.08 22.41 -9.39
C VAL B 86 -2.90 23.15 -10.04
N PRO B 87 -2.80 23.26 -11.36
CA PRO B 87 -1.69 24.04 -11.93
C PRO B 87 -1.73 25.51 -11.57
N TRP B 88 -2.93 26.07 -11.37
CA TRP B 88 -3.08 27.45 -10.92
C TRP B 88 -2.60 27.61 -9.48
N ALA B 89 -2.98 26.68 -8.60
CA ALA B 89 -2.51 26.74 -7.22
C ALA B 89 -0.99 26.53 -7.16
N GLN B 90 -0.48 25.52 -7.87
CA GLN B 90 0.96 25.33 -7.89
C GLN B 90 1.66 26.58 -8.40
N ALA B 91 1.14 27.15 -9.49
CA ALA B 91 1.73 28.34 -10.06
C ALA B 91 1.67 29.51 -9.09
N CYS B 92 0.55 29.63 -8.35
CA CYS B 92 0.42 30.71 -7.37
C CYS B 92 1.32 30.50 -6.16
N ASN B 93 1.39 29.26 -5.65
CA ASN B 93 2.22 28.97 -4.48
C ASN B 93 3.70 29.01 -4.81
N ASN B 94 4.07 28.61 -6.02
CA ASN B 94 5.46 28.72 -6.45
C ASN B 94 5.93 30.16 -6.44
N LEU B 95 5.07 31.08 -6.85
CA LEU B 95 5.44 32.48 -6.88
C LEU B 95 5.65 33.05 -5.48
N ILE B 96 4.84 32.62 -4.50
CA ILE B 96 5.05 33.08 -3.13
C ILE B 96 6.39 32.60 -2.59
N ALA B 97 6.74 31.34 -2.87
CA ALA B 97 8.05 30.83 -2.47
C ALA B 97 9.15 31.67 -3.10
N ARG B 98 8.95 32.10 -4.34
CA ARG B 98 9.91 33.03 -4.92
C ARG B 98 9.95 34.31 -4.11
N VAL B 99 8.78 34.79 -3.65
CA VAL B 99 8.76 36.02 -2.86
C VAL B 99 9.52 35.82 -1.55
N VAL B 100 9.27 34.70 -0.86
CA VAL B 100 9.93 34.45 0.41
C VAL B 100 11.42 34.26 0.21
N ASP B 101 11.82 33.59 -0.88
CA ASP B 101 13.24 33.48 -1.20
C ASP B 101 13.86 34.85 -1.39
N LEU B 102 13.19 35.74 -2.13
CA LEU B 102 13.78 37.05 -2.38
C LEU B 102 13.81 37.93 -1.13
N PHE B 103 12.81 37.84 -0.27
CA PHE B 103 12.75 38.64 0.95
C PHE B 103 12.48 37.76 2.16
N PRO B 104 13.39 36.85 2.49
CA PRO B 104 13.09 35.86 3.53
C PRO B 104 13.12 36.44 4.92
N GLU B 105 13.72 37.61 5.07
CA GLU B 105 13.71 38.34 6.33
C GLU B 105 12.47 39.18 6.45
N THR B 106 11.66 39.21 5.40
CA THR B 106 10.44 40.01 5.36
C THR B 106 9.18 39.20 5.08
N PHE B 107 9.21 38.19 4.21
CA PHE B 107 8.01 37.43 3.87
C PHE B 107 8.15 35.96 4.25
N ALA B 108 7.09 35.40 4.88
CA ALA B 108 6.93 33.98 5.17
C ALA B 108 5.67 33.46 4.46
N GLY B 109 5.77 32.28 3.85
CA GLY B 109 4.80 31.82 2.88
C GLY B 109 3.61 31.06 3.45
N VAL B 110 2.45 31.33 2.86
CA VAL B 110 1.20 30.62 3.12
C VAL B 110 0.60 30.25 1.78
N CYS B 111 0.11 29.02 1.66
CA CYS B 111 -0.23 28.51 0.34
C CYS B 111 -1.72 28.63 0.07
N MET B 112 -2.06 28.88 -1.19
CA MET B 112 -3.42 28.64 -1.64
C MET B 112 -3.62 27.18 -2.00
N LEU B 113 -4.88 26.74 -1.93
CA LEU B 113 -5.05 25.32 -2.13
C LEU B 113 -5.73 25.04 -3.46
N PRO B 114 -5.35 23.96 -4.13
CA PRO B 114 -5.95 23.61 -5.43
C PRO B 114 -7.36 23.06 -5.36
N GLN B 115 -8.27 23.77 -4.71
CA GLN B 115 -9.65 23.32 -4.51
C GLN B 115 -10.54 23.55 -5.72
N SER B 116 -11.59 22.75 -5.82
CA SER B 116 -12.62 22.88 -6.85
C SER B 116 -13.89 22.22 -6.33
N PRO B 117 -15.05 22.63 -6.81
CA PRO B 117 -16.29 22.20 -6.14
C PRO B 117 -16.57 20.72 -6.26
N GLU B 118 -16.08 20.06 -7.30
CA GLU B 118 -16.41 18.66 -7.59
C GLU B 118 -15.40 17.65 -7.03
N ALA B 119 -14.33 18.10 -6.38
CA ALA B 119 -13.26 17.24 -5.88
C ALA B 119 -13.12 17.32 -4.37
N ASP B 120 -12.52 16.27 -3.79
CA ASP B 120 -12.17 16.24 -2.36
C ASP B 120 -10.77 16.82 -2.13
N MET B 121 -10.24 16.61 -0.91
CA MET B 121 -9.02 17.25 -0.46
C MET B 121 -7.77 16.47 -0.86
N THR B 122 -7.87 15.56 -1.82
CA THR B 122 -6.72 14.70 -2.12
C THR B 122 -5.56 15.52 -2.66
N SER B 123 -5.82 16.37 -3.64
CA SER B 123 -4.78 17.23 -4.19
C SER B 123 -4.45 18.38 -3.25
N SER B 124 -5.42 18.81 -2.42
CA SER B 124 -5.15 19.84 -1.42
C SER B 124 -4.23 19.33 -0.33
N ILE B 125 -4.38 18.06 0.03
CA ILE B 125 -3.45 17.43 0.97
C ILE B 125 -2.05 17.41 0.40
N ALA B 126 -1.94 17.21 -0.91
CA ALA B 126 -0.64 17.13 -1.58
C ALA B 126 0.05 18.50 -1.64
N GLU B 127 -0.70 19.54 -2.01
CA GLU B 127 -0.09 20.86 -2.15
C GLU B 127 0.36 21.39 -0.82
N LEU B 128 -0.40 21.09 0.24
CA LEU B 128 0.04 21.44 1.58
C LEU B 128 1.36 20.75 1.92
N GLU B 129 1.48 19.47 1.59
CA GLU B 129 2.74 18.77 1.79
C GLU B 129 3.85 19.36 0.93
N ARG B 130 3.56 19.64 -0.34
CA ARG B 130 4.58 20.27 -1.18
C ARG B 130 4.94 21.65 -0.69
N CYS B 131 3.96 22.43 -0.24
CA CYS B 131 4.29 23.79 0.17
C CYS B 131 4.90 23.84 1.57
N VAL B 132 4.35 23.07 2.52
CA VAL B 132 4.87 23.06 3.89
C VAL B 132 6.22 22.34 3.96
N ASN B 133 6.28 21.12 3.43
CA ASN B 133 7.48 20.30 3.60
C ASN B 133 8.56 20.68 2.59
N GLU B 134 8.17 20.99 1.36
CA GLU B 134 9.16 21.21 0.31
C GLU B 134 9.47 22.68 0.06
N LEU B 135 8.50 23.58 0.22
CA LEU B 135 8.71 24.99 -0.04
C LEU B 135 8.87 25.82 1.22
N GLY B 136 8.73 25.23 2.40
CA GLY B 136 8.97 25.96 3.63
C GLY B 136 7.87 26.91 4.05
N PHE B 137 6.62 26.62 3.67
CA PHE B 137 5.48 27.44 4.05
C PHE B 137 5.15 27.22 5.52
N ILE B 138 4.27 28.06 6.06
CA ILE B 138 3.91 27.97 7.48
C ILE B 138 2.43 27.70 7.76
N GLY B 139 1.55 27.74 6.76
CA GLY B 139 0.12 27.51 6.98
C GLY B 139 -0.60 27.53 5.65
N CYS B 140 -1.94 27.47 5.66
CA CYS B 140 -2.66 27.49 4.38
C CYS B 140 -3.92 28.38 4.40
N ASN B 141 -4.46 28.61 3.20
CA ASN B 141 -5.75 29.28 3.01
C ASN B 141 -6.76 28.21 2.63
N LEU B 142 -7.82 28.07 3.42
CA LEU B 142 -8.78 26.98 3.26
C LEU B 142 -10.13 27.55 2.80
N ASN B 143 -10.57 27.16 1.60
CA ASN B 143 -11.75 27.76 1.01
C ASN B 143 -12.98 26.94 1.35
N PRO B 144 -13.91 27.47 2.16
CA PRO B 144 -15.11 26.71 2.54
C PRO B 144 -16.18 26.62 1.47
N ASP B 145 -16.04 27.34 0.36
CA ASP B 145 -17.06 27.35 -0.69
C ASP B 145 -16.37 27.49 -2.04
N PRO B 146 -15.83 26.38 -2.58
CA PRO B 146 -15.25 26.45 -3.92
C PRO B 146 -16.32 26.62 -5.00
N GLY B 147 -17.61 26.42 -4.67
CA GLY B 147 -18.67 26.76 -5.60
C GLY B 147 -18.73 28.23 -5.94
N GLY B 148 -18.07 29.08 -5.15
CA GLY B 148 -17.74 30.43 -5.56
C GLY B 148 -18.86 31.44 -5.48
N GLY B 149 -19.76 31.31 -4.52
CA GLY B 149 -20.75 32.35 -4.36
C GLY B 149 -22.10 31.76 -4.04
N HIS B 150 -22.15 30.45 -3.84
CA HIS B 150 -23.40 29.77 -3.55
C HIS B 150 -23.33 28.88 -2.32
N PHE B 151 -22.16 28.77 -1.69
CA PHE B 151 -21.97 28.04 -0.43
C PHE B 151 -22.57 26.63 -0.50
N LYS B 152 -22.26 25.97 -1.61
CA LYS B 152 -22.77 24.65 -1.95
C LYS B 152 -21.91 23.52 -1.38
N HIS B 153 -21.01 23.82 -0.45
CA HIS B 153 -20.11 22.84 0.11
C HIS B 153 -20.51 22.46 1.55
N PRO B 154 -20.06 21.30 2.03
CA PRO B 154 -20.46 20.86 3.38
C PRO B 154 -19.79 21.71 4.45
N PRO B 155 -20.39 21.84 5.63
CA PRO B 155 -19.79 22.68 6.67
C PRO B 155 -18.45 22.13 7.14
N LEU B 156 -17.68 23.00 7.82
CA LEU B 156 -16.36 22.61 8.30
C LEU B 156 -16.43 21.51 9.36
N THR B 157 -17.60 21.25 9.92
CA THR B 157 -17.71 20.12 10.84
C THR B 157 -17.88 18.79 10.12
N ASP B 158 -18.00 18.80 8.80
CA ASP B 158 -18.21 17.55 8.07
C ASP B 158 -16.90 16.79 7.90
N ARG B 159 -17.02 15.47 7.90
CA ARG B 159 -15.86 14.59 7.76
C ARG B 159 -15.25 14.65 6.38
N PHE B 160 -15.94 15.27 5.42
CA PHE B 160 -15.35 15.53 4.11
C PHE B 160 -13.99 16.19 4.23
N TRP B 161 -13.84 17.10 5.19
CA TRP B 161 -12.61 17.84 5.37
C TRP B 161 -11.62 17.11 6.28
N TYR B 162 -12.07 16.06 6.95
CA TYR B 162 -11.27 15.42 7.99
C TYR B 162 -9.95 14.86 7.49
N PRO B 163 -9.85 14.20 6.31
CA PRO B 163 -8.53 13.77 5.86
C PRO B 163 -7.54 14.92 5.81
N PHE B 164 -8.02 16.10 5.40
CA PHE B 164 -7.18 17.28 5.33
C PHE B 164 -6.84 17.80 6.73
N TYR B 165 -7.82 17.77 7.66
CA TYR B 165 -7.55 18.19 9.05
C TYR B 165 -6.48 17.34 9.71
N GLU B 166 -6.41 16.06 9.37
CA GLU B 166 -5.34 15.23 9.89
C GLU B 166 -3.99 15.73 9.40
N LYS B 167 -3.94 16.19 8.13
CA LYS B 167 -2.71 16.72 7.53
C LYS B 167 -2.23 18.01 8.18
N MET B 168 -3.14 18.94 8.48
CA MET B 168 -2.74 20.17 9.17
C MET B 168 -2.16 19.88 10.54
N VAL B 169 -2.84 19.04 11.32
CA VAL B 169 -2.36 18.69 12.66
C VAL B 169 -1.06 17.94 12.53
N GLU B 170 -0.96 17.13 11.49
CA GLU B 170 0.16 16.24 11.28
C GLU B 170 1.39 17.11 11.03
N LEU B 171 1.24 18.10 10.13
CA LEU B 171 2.23 19.16 9.75
C LEU B 171 2.20 20.36 10.71
N ASP B 172 1.23 20.42 11.62
CA ASP B 172 1.16 21.48 12.65
C ASP B 172 1.12 22.89 12.05
N VAL B 173 0.24 23.09 11.06
CA VAL B 173 0.03 24.37 10.37
C VAL B 173 -1.37 24.89 10.64
N PRO B 174 -1.57 26.20 10.80
CA PRO B 174 -2.93 26.74 10.81
C PRO B 174 -3.48 26.98 9.41
N ALA B 175 -4.79 27.24 9.37
CA ALA B 175 -5.47 27.63 8.16
C ALA B 175 -6.20 28.95 8.38
N MET B 176 -6.12 29.83 7.40
CA MET B 176 -6.97 31.00 7.35
C MET B 176 -8.18 30.67 6.50
N ILE B 177 -9.37 30.78 7.11
CA ILE B 177 -10.60 30.54 6.37
C ILE B 177 -10.78 31.65 5.34
N HIS B 178 -10.80 31.29 4.08
CA HIS B 178 -10.67 32.29 3.03
C HIS B 178 -11.43 31.85 1.79
N VAL B 179 -12.49 32.56 1.44
CA VAL B 179 -13.15 32.31 0.17
C VAL B 179 -12.41 33.13 -0.88
N SER B 180 -12.76 32.93 -2.13
CA SER B 180 -12.05 33.63 -3.18
C SER B 180 -13.02 34.47 -3.97
N GLY B 181 -12.88 34.47 -5.28
CA GLY B 181 -13.79 35.22 -6.10
C GLY B 181 -15.20 34.65 -6.05
N SER B 182 -16.15 35.54 -6.28
CA SER B 182 -17.57 35.24 -6.30
C SER B 182 -18.04 35.19 -7.73
N CYS B 183 -18.70 34.09 -8.11
CA CYS B 183 -19.38 34.00 -9.40
C CYS B 183 -20.87 34.36 -9.29
N ASN B 184 -21.29 34.86 -8.12
CA ASN B 184 -22.66 35.32 -7.92
C ASN B 184 -22.70 36.82 -8.21
N PRO B 185 -23.45 37.28 -9.21
CA PRO B 185 -23.58 38.73 -9.44
C PRO B 185 -24.27 39.48 -8.29
N ALA B 186 -25.06 38.79 -7.47
CA ALA B 186 -25.76 39.35 -6.32
C ALA B 186 -24.88 39.43 -5.06
N MET B 187 -23.62 39.00 -5.13
CA MET B 187 -22.75 38.92 -3.95
C MET B 187 -21.37 39.46 -4.31
N HIS B 188 -21.12 40.69 -3.89
CA HIS B 188 -19.81 41.32 -4.08
C HIS B 188 -18.73 40.58 -3.29
N ALA B 189 -17.53 40.51 -3.89
CA ALA B 189 -16.43 39.71 -3.35
C ALA B 189 -15.91 40.23 -2.01
N THR B 190 -15.20 41.36 -2.02
CA THR B 190 -14.48 41.79 -0.81
C THR B 190 -15.38 42.46 0.23
N GLY B 191 -16.57 42.91 -0.15
CA GLY B 191 -17.45 43.61 0.76
C GLY B 191 -18.65 42.82 1.24
N ALA B 192 -18.90 41.68 0.59
CA ALA B 192 -20.06 40.88 0.92
C ALA B 192 -19.67 39.42 1.07
N TYR B 193 -19.04 38.86 0.03
CA TYR B 193 -18.72 37.44 0.05
C TYR B 193 -17.73 37.09 1.15
N TYR B 194 -16.65 37.86 1.26
CA TYR B 194 -15.62 37.54 2.25
C TYR B 194 -16.20 37.58 3.65
N LEU B 195 -16.92 38.66 3.98
CA LEU B 195 -17.44 38.85 5.33
C LEU B 195 -18.53 37.84 5.65
N ALA B 196 -19.37 37.51 4.66
CA ALA B 196 -20.38 36.47 4.87
C ALA B 196 -19.72 35.13 5.16
N ALA B 197 -18.64 34.80 4.44
CA ALA B 197 -17.94 33.53 4.70
C ALA B 197 -17.32 33.51 6.09
N ASP B 198 -16.76 34.64 6.55
CA ASP B 198 -16.17 34.70 7.89
C ASP B 198 -17.20 34.36 8.96
N THR B 199 -18.39 34.94 8.84
CA THR B 199 -19.45 34.69 9.81
C THR B 199 -20.01 33.27 9.73
N ILE B 200 -20.25 32.79 8.51
CA ILE B 200 -20.83 31.45 8.33
C ILE B 200 -19.89 30.38 8.86
N ALA B 201 -18.58 30.55 8.67
CA ALA B 201 -17.62 29.56 9.18
C ALA B 201 -17.69 29.44 10.69
N PHE B 202 -17.76 30.57 11.40
CA PHE B 202 -17.89 30.55 12.86
C PHE B 202 -19.21 29.94 13.29
N MET B 203 -20.31 30.24 12.60
CA MET B 203 -21.58 29.62 12.98
C MET B 203 -21.54 28.11 12.74
N GLN B 204 -20.93 27.68 11.64
CA GLN B 204 -20.81 26.23 11.40
C GLN B 204 -20.12 25.52 12.56
N LEU B 205 -18.99 26.06 13.01
CA LEU B 205 -18.25 25.42 14.10
C LEU B 205 -19.03 25.45 15.40
N LEU B 206 -19.77 26.53 15.64
CA LEU B 206 -20.60 26.61 16.84
C LEU B 206 -21.70 25.54 16.82
N GLN B 207 -22.11 25.07 15.64
CA GLN B 207 -23.09 23.99 15.54
C GLN B 207 -22.51 22.64 15.92
N GLY B 208 -21.19 22.46 15.84
CA GLY B 208 -20.60 21.18 16.13
C GLY B 208 -19.50 21.27 17.16
N ASN B 209 -18.65 20.26 17.25
CA ASN B 209 -17.54 20.28 18.17
C ASN B 209 -16.34 19.65 17.49
N LEU B 210 -15.91 20.31 16.43
CA LEU B 210 -14.79 19.85 15.63
C LEU B 210 -13.54 19.72 16.47
N PHE B 211 -13.31 20.66 17.36
CA PHE B 211 -12.07 20.68 18.11
C PHE B 211 -12.04 19.67 19.25
N ALA B 212 -13.11 18.88 19.45
CA ALA B 212 -13.00 17.68 20.25
C ALA B 212 -12.32 16.56 19.48
N ASP B 213 -12.52 16.53 18.17
CA ASP B 213 -11.86 15.53 17.33
C ASP B 213 -10.45 15.95 16.95
N PHE B 214 -10.25 17.23 16.66
CA PHE B 214 -8.96 17.75 16.24
C PHE B 214 -8.62 18.87 17.22
N PRO B 215 -8.14 18.52 18.42
CA PRO B 215 -7.97 19.54 19.47
C PRO B 215 -6.85 20.53 19.23
N THR B 216 -5.92 20.20 18.34
CA THR B 216 -4.77 21.06 18.04
C THR B 216 -4.90 21.82 16.72
N LEU B 217 -5.98 21.60 15.99
CA LEU B 217 -6.22 22.26 14.72
C LEU B 217 -6.47 23.74 14.95
N ARG B 218 -5.87 24.60 14.12
CA ARG B 218 -6.08 26.04 14.27
C ARG B 218 -6.57 26.66 12.98
N PHE B 219 -7.60 27.51 13.10
CA PHE B 219 -8.16 28.34 12.04
C PHE B 219 -7.90 29.80 12.35
N ILE B 220 -7.62 30.58 11.32
CA ILE B 220 -7.66 32.04 11.42
C ILE B 220 -8.85 32.53 10.62
N ILE B 221 -9.75 33.25 11.27
CA ILE B 221 -10.90 33.87 10.63
C ILE B 221 -10.56 35.32 10.35
N PRO B 222 -10.43 35.74 9.10
CA PRO B 222 -9.97 37.09 8.80
C PRO B 222 -11.12 38.08 8.93
N HIS B 223 -10.80 39.33 8.64
CA HIS B 223 -11.78 40.42 8.68
C HIS B 223 -12.43 40.53 10.05
N GLY B 224 -11.57 40.52 11.07
CA GLY B 224 -11.97 40.71 12.44
C GLY B 224 -13.02 39.75 12.92
N GLY B 225 -13.11 38.59 12.28
CA GLY B 225 -14.14 37.61 12.60
C GLY B 225 -15.45 37.83 11.89
N GLY B 226 -15.43 38.54 10.76
CA GLY B 226 -16.63 38.82 9.99
C GLY B 226 -17.54 39.73 10.78
N ALA B 227 -18.73 39.26 11.11
CA ALA B 227 -19.61 39.99 11.98
C ALA B 227 -19.48 39.58 13.43
N VAL B 228 -18.71 38.52 13.72
CA VAL B 228 -18.93 37.77 14.96
C VAL B 228 -18.64 38.60 16.21
N PRO B 229 -17.53 39.35 16.31
CA PRO B 229 -17.39 40.22 17.49
C PRO B 229 -18.48 41.28 17.63
N TYR B 230 -19.01 41.83 16.53
CA TYR B 230 -20.17 42.73 16.66
C TYR B 230 -21.39 41.99 17.23
N HIS B 231 -21.58 40.74 16.83
CA HIS B 231 -22.66 39.91 17.34
C HIS B 231 -22.14 38.90 18.33
N TRP B 232 -21.11 39.29 19.09
CA TRP B 232 -20.51 38.40 20.08
C TRP B 232 -21.58 37.92 21.05
N GLY B 233 -22.48 38.80 21.49
CA GLY B 233 -23.56 38.40 22.39
C GLY B 233 -24.58 37.47 21.77
N ARG B 234 -24.90 37.67 20.48
CA ARG B 234 -25.87 36.78 19.84
C ARG B 234 -25.38 35.34 19.82
N PHE B 235 -24.08 35.14 19.55
CA PHE B 235 -23.55 33.80 19.44
C PHE B 235 -23.39 33.14 20.80
N ARG B 236 -22.99 33.93 21.80
CA ARG B 236 -23.03 33.42 23.17
C ARG B 236 -24.44 32.97 23.54
N GLY B 237 -25.46 33.74 23.18
CA GLY B 237 -26.83 33.33 23.50
C GLY B 237 -27.33 32.16 22.67
N LEU B 238 -26.87 32.05 21.41
CA LEU B 238 -27.26 30.94 20.56
C LEU B 238 -26.71 29.60 21.07
N ALA B 239 -25.52 29.61 21.66
CA ALA B 239 -24.97 28.39 22.27
C ALA B 239 -25.89 27.84 23.35
N ASP B 240 -26.43 28.72 24.21
CA ASP B 240 -27.36 28.28 25.26
C ASP B 240 -28.64 27.74 24.67
N MET B 241 -29.20 28.41 23.67
CA MET B 241 -30.37 27.87 22.99
C MET B 241 -30.07 26.50 22.38
N LEU B 242 -28.85 26.31 21.90
CA LEU B 242 -28.48 25.03 21.32
C LEU B 242 -28.00 24.04 22.36
N LYS B 243 -28.05 24.40 23.65
CA LYS B 243 -27.53 23.53 24.70
C LYS B 243 -26.04 23.27 24.52
N GLN B 244 -25.25 24.25 24.02
CA GLN B 244 -23.86 24.05 23.63
C GLN B 244 -22.84 24.61 24.63
N PRO B 245 -21.58 24.14 24.57
CA PRO B 245 -20.53 24.71 25.44
C PRO B 245 -20.26 26.18 25.14
N SER B 246 -19.70 26.86 26.13
CA SER B 246 -19.34 28.26 26.00
C SER B 246 -18.28 28.45 24.93
N LEU B 247 -18.20 29.66 24.37
CA LEU B 247 -17.36 29.86 23.20
C LEU B 247 -15.88 29.70 23.53
N ASP B 248 -15.44 30.15 24.71
CA ASP B 248 -14.03 29.98 25.09
C ASP B 248 -13.65 28.51 25.19
N THR B 249 -14.61 27.65 25.54
CA THR B 249 -14.33 26.22 25.67
C THR B 249 -14.57 25.49 24.35
N LEU B 250 -15.69 25.77 23.69
CA LEU B 250 -15.99 25.11 22.43
C LEU B 250 -15.04 25.59 21.33
N LEU B 251 -14.70 26.88 21.34
CA LEU B 251 -14.09 27.42 20.14
C LEU B 251 -12.81 28.22 20.40
N MET B 252 -12.76 29.03 21.45
CA MET B 252 -11.73 30.08 21.51
C MET B 252 -10.39 29.56 21.96
N ASN B 253 -10.22 28.24 21.98
CA ASN B 253 -8.91 27.63 22.04
C ASN B 253 -8.33 27.33 20.66
N ASN B 254 -9.17 27.30 19.62
CA ASN B 254 -8.78 26.90 18.27
C ASN B 254 -9.04 27.94 17.18
N VAL B 255 -9.74 29.04 17.46
CA VAL B 255 -10.19 29.99 16.45
C VAL B 255 -9.57 31.36 16.73
N PHE B 256 -9.12 32.02 15.66
CA PHE B 256 -8.40 33.27 15.78
C PHE B 256 -8.91 34.27 14.75
N PHE B 257 -8.83 35.54 15.14
CA PHE B 257 -9.31 36.65 14.32
C PHE B 257 -8.14 37.57 14.01
N ASP B 258 -8.12 38.11 12.80
CA ASP B 258 -7.15 39.13 12.47
C ASP B 258 -7.71 40.51 12.80
N THR B 259 -6.92 41.56 12.55
CA THR B 259 -7.32 42.94 12.84
C THR B 259 -7.59 43.70 11.54
N CYS B 260 -8.21 43.00 10.57
CA CYS B 260 -8.72 43.62 9.35
C CYS B 260 -10.08 44.28 9.62
N VAL B 261 -10.02 45.24 10.55
CA VAL B 261 -11.08 46.21 10.78
C VAL B 261 -10.48 47.58 10.46
N TYR B 262 -11.10 48.28 9.51
CA TYR B 262 -10.50 49.45 8.86
C TYR B 262 -11.06 50.76 9.40
N HIS B 263 -11.31 50.80 10.70
CA HIS B 263 -11.65 52.03 11.41
C HIS B 263 -11.47 51.76 12.89
N GLN B 264 -11.16 52.83 13.63
CA GLN B 264 -10.88 52.66 15.06
C GLN B 264 -12.01 52.02 15.88
N PRO B 265 -13.30 52.37 15.71
CA PRO B 265 -14.31 51.80 16.62
C PRO B 265 -14.50 50.30 16.51
N GLY B 266 -14.36 49.71 15.32
CA GLY B 266 -14.46 48.26 15.21
C GLY B 266 -13.31 47.54 15.90
N ILE B 267 -12.10 48.07 15.75
CA ILE B 267 -10.93 47.54 16.45
C ILE B 267 -11.14 47.68 17.95
N ASN B 268 -11.73 48.80 18.39
CA ASN B 268 -12.09 48.98 19.79
C ASN B 268 -13.06 47.88 20.27
N LEU B 269 -14.02 47.49 19.42
CA LEU B 269 -14.99 46.48 19.84
C LEU B 269 -14.36 45.10 19.88
N LEU B 270 -13.61 44.75 18.83
CA LEU B 270 -12.89 43.49 18.82
C LEU B 270 -12.06 43.37 20.08
N ALA B 271 -11.26 44.42 20.35
CA ALA B 271 -10.43 44.49 21.56
C ALA B 271 -11.25 44.41 22.83
N ASP B 272 -12.47 44.94 22.84
CA ASP B 272 -13.26 44.82 24.07
C ASP B 272 -13.79 43.42 24.28
N VAL B 273 -14.20 42.74 23.21
CA VAL B 273 -14.98 41.51 23.37
C VAL B 273 -14.18 40.23 23.10
N ILE B 274 -13.09 40.28 22.35
CA ILE B 274 -12.29 39.09 22.05
C ILE B 274 -11.08 39.08 22.98
N ASP B 275 -10.80 37.92 23.57
CA ASP B 275 -9.68 37.76 24.49
C ASP B 275 -8.37 38.06 23.79
N ASN B 276 -7.44 38.62 24.54
CA ASN B 276 -6.16 39.04 23.96
C ASN B 276 -5.44 37.90 23.23
N LYS B 277 -5.63 36.65 23.69
CA LYS B 277 -4.96 35.50 23.08
C LYS B 277 -5.51 35.16 21.70
N ASN B 278 -6.68 35.66 21.32
CA ASN B 278 -7.31 35.33 20.04
C ASN B 278 -7.16 36.40 18.96
N ILE B 279 -6.44 37.48 19.23
CA ILE B 279 -6.35 38.58 18.29
C ILE B 279 -4.95 38.59 17.70
N LEU B 280 -4.88 38.47 16.38
CA LEU B 280 -3.62 38.52 15.68
C LEU B 280 -3.62 39.72 14.75
N PHE B 281 -2.58 40.53 14.82
CA PHE B 281 -2.51 41.67 13.93
C PHE B 281 -2.36 41.20 12.47
N GLY B 282 -3.12 41.82 11.57
CA GLY B 282 -3.01 41.67 10.13
C GLY B 282 -3.44 42.98 9.50
N SER B 283 -3.14 43.15 8.20
CA SER B 283 -3.51 44.42 7.55
C SER B 283 -4.06 44.29 6.13
N GLU B 284 -3.84 43.17 5.42
CA GLU B 284 -4.27 42.97 4.03
C GLU B 284 -4.03 44.22 3.20
N MET B 285 -2.83 44.77 3.33
CA MET B 285 -2.46 45.94 2.56
C MET B 285 -2.53 45.62 1.06
N VAL B 286 -2.60 46.69 0.26
CA VAL B 286 -2.73 46.59 -1.20
C VAL B 286 -3.84 45.59 -1.51
N GLY B 287 -4.94 45.68 -0.79
CA GLY B 287 -6.00 44.70 -0.95
C GLY B 287 -7.36 45.26 -1.27
N ALA B 288 -8.32 44.98 -0.41
CA ALA B 288 -9.70 45.33 -0.68
C ALA B 288 -9.94 46.84 -0.59
N VAL B 289 -9.29 47.52 0.36
CA VAL B 289 -9.56 48.94 0.66
C VAL B 289 -8.23 49.68 0.73
N ARG B 290 -7.84 50.29 -0.38
CA ARG B 290 -6.48 50.81 -0.52
C ARG B 290 -6.35 52.33 -0.34
N GLY B 291 -7.44 53.06 -0.14
CA GLY B 291 -7.42 54.51 -0.11
C GLY B 291 -7.25 55.10 1.29
N ILE B 292 -7.28 56.43 1.35
CA ILE B 292 -7.21 57.15 2.62
C ILE B 292 -8.59 57.17 3.27
N ASP B 293 -8.61 57.20 4.61
CA ASP B 293 -9.85 57.30 5.38
C ASP B 293 -10.28 58.75 5.47
N PRO B 294 -11.42 59.13 4.90
CA PRO B 294 -11.84 60.52 5.01
C PRO B 294 -11.89 61.08 6.43
N THR B 295 -12.28 60.27 7.41
CA THR B 295 -12.46 60.74 8.78
C THR B 295 -11.16 60.82 9.57
N THR B 296 -10.03 60.36 9.02
CA THR B 296 -8.78 60.30 9.78
C THR B 296 -7.61 60.87 9.01
N GLY B 297 -7.64 60.75 7.68
CA GLY B 297 -6.53 61.23 6.89
C GLY B 297 -5.40 60.25 6.70
N HIS B 298 -5.49 59.06 7.28
CA HIS B 298 -4.53 57.99 7.11
C HIS B 298 -5.21 56.87 6.33
N TYR B 299 -4.42 55.92 5.84
CA TYR B 299 -5.00 54.90 4.99
C TYR B 299 -5.93 53.99 5.78
N PHE B 300 -6.95 53.49 5.09
CA PHE B 300 -7.95 52.63 5.70
C PHE B 300 -7.33 51.37 6.31
N ASP B 301 -6.51 50.66 5.53
CA ASP B 301 -5.98 49.36 5.92
C ASP B 301 -4.62 49.43 6.61
N ASP B 302 -4.14 50.63 6.89
CA ASP B 302 -2.95 50.85 7.70
C ASP B 302 -3.34 50.60 9.17
N THR B 303 -3.66 49.33 9.45
CA THR B 303 -4.35 48.94 10.66
C THR B 303 -3.54 49.08 11.94
N LYS B 304 -2.21 49.13 11.86
CA LYS B 304 -1.39 49.22 13.08
C LYS B 304 -1.76 50.44 13.93
N ARG B 305 -2.16 51.54 13.28
CA ARG B 305 -2.51 52.76 14.01
C ARG B 305 -3.65 52.53 14.99
N TYR B 306 -4.60 51.66 14.64
CA TYR B 306 -5.74 51.40 15.52
C TYR B 306 -5.32 50.61 16.74
N ILE B 307 -4.34 49.73 16.56
CA ILE B 307 -3.83 48.91 17.66
C ILE B 307 -3.18 49.79 18.72
N ASP B 308 -2.41 50.78 18.30
CA ASP B 308 -1.69 51.62 19.26
C ASP B 308 -2.62 52.36 20.21
N ALA B 309 -3.85 52.67 19.79
CA ALA B 309 -4.70 53.57 20.56
C ALA B 309 -5.47 52.90 21.67
N LEU B 310 -5.52 51.58 21.70
CA LEU B 310 -6.23 50.89 22.76
C LEU B 310 -5.61 51.17 24.12
N ASP B 311 -6.44 51.00 25.15
CA ASP B 311 -6.02 51.13 26.53
C ASP B 311 -5.62 49.71 26.95
N ILE B 312 -4.42 49.31 26.52
CA ILE B 312 -3.90 47.97 26.72
C ILE B 312 -2.44 48.04 27.16
N SER B 313 -2.00 46.93 27.74
CA SER B 313 -0.65 46.77 28.27
C SER B 313 0.36 46.53 27.15
N ASP B 314 1.64 46.62 27.51
CA ASP B 314 2.66 46.21 26.56
C ASP B 314 2.66 44.71 26.41
N GLN B 315 2.24 43.99 27.46
CA GLN B 315 2.06 42.55 27.32
C GLN B 315 0.91 42.20 26.38
N GLU B 316 -0.23 42.90 26.53
CA GLU B 316 -1.38 42.65 25.66
C GLU B 316 -1.12 43.16 24.25
N ARG B 317 -0.41 44.28 24.16
CA ARG B 317 0.11 44.76 22.87
C ARG B 317 1.10 43.75 22.29
N HIS B 318 1.87 43.09 23.17
CA HIS B 318 2.86 42.11 22.73
C HIS B 318 2.21 40.92 22.02
N ALA B 319 1.13 40.39 22.57
CA ALA B 319 0.52 39.22 21.97
C ALA B 319 -0.13 39.55 20.63
N ILE B 320 -0.79 40.71 20.55
CA ILE B 320 -1.46 41.11 19.31
C ILE B 320 -0.47 41.18 18.15
N PHE B 321 0.69 41.79 18.37
CA PHE B 321 1.66 41.97 17.29
C PHE B 321 2.51 40.72 17.02
N GLU B 322 2.79 39.91 18.05
CA GLU B 322 3.80 38.86 17.99
C GLU B 322 3.40 37.54 18.65
N GLY B 323 2.86 37.60 19.87
CA GLY B 323 2.70 36.38 20.65
C GLY B 323 1.79 35.35 20.00
N ASN B 324 0.62 35.77 19.53
CA ASN B 324 -0.33 34.81 18.98
C ASN B 324 0.12 34.29 17.62
N THR B 325 0.67 35.17 16.78
CA THR B 325 1.12 34.70 15.47
C THR B 325 2.21 33.64 15.65
N ARG B 326 3.06 33.82 16.66
CA ARG B 326 4.08 32.81 16.93
C ARG B 326 3.46 31.57 17.57
N ARG B 327 2.41 31.75 18.37
CA ARG B 327 1.63 30.62 18.88
C ARG B 327 0.71 30.04 17.81
N VAL B 328 0.30 30.85 16.82
CA VAL B 328 -0.55 30.33 15.75
C VAL B 328 0.28 29.71 14.62
N PHE B 329 1.48 30.23 14.35
CA PHE B 329 2.41 29.64 13.39
C PHE B 329 3.58 29.05 14.15
N PRO B 330 3.49 27.80 14.63
CA PRO B 330 4.65 27.21 15.31
C PRO B 330 5.85 27.03 14.38
N ARG B 331 5.61 26.74 13.10
CA ARG B 331 6.69 26.58 12.14
C ARG B 331 7.45 27.89 11.95
N LEU B 332 6.76 29.01 12.03
CA LEU B 332 7.42 30.32 11.96
C LEU B 332 8.10 30.65 13.27
N ASP B 333 7.45 30.33 14.38
CA ASP B 333 8.08 30.41 15.69
C ASP B 333 9.47 29.78 15.64
N ALA B 334 9.57 28.60 15.03
CA ALA B 334 10.83 27.85 14.95
C ALA B 334 11.87 28.53 14.06
N LYS B 335 11.44 29.18 12.97
CA LYS B 335 12.39 29.83 12.08
C LYS B 335 13.09 31.00 12.75
N LEU B 336 12.35 31.79 13.51
CA LEU B 336 12.93 32.97 14.10
C LEU B 336 13.66 32.67 15.39
N LYS B 337 13.14 31.71 16.16
CA LYS B 337 13.87 31.21 17.31
C LYS B 337 15.30 30.88 16.90
N ALA B 338 15.45 30.20 15.77
CA ALA B 338 16.75 29.79 15.25
C ALA B 338 17.67 30.96 14.94
N ARG B 339 17.14 32.19 14.92
CA ARG B 339 17.93 33.40 14.75
C ARG B 339 17.99 34.22 16.03
N GLY B 340 17.71 33.58 17.16
CA GLY B 340 17.77 34.25 18.44
C GLY B 340 16.56 35.07 18.81
N LEU B 341 15.45 34.92 18.09
CA LEU B 341 14.32 35.81 18.28
C LEU B 341 13.29 35.27 19.27
N MET C 3 -20.14 -4.64 -45.43
CA MET C 3 -19.15 -3.75 -44.84
C MET C 3 -18.26 -4.43 -43.78
N ILE C 4 -16.99 -4.02 -43.71
CA ILE C 4 -15.99 -4.61 -42.81
C ILE C 4 -15.46 -3.51 -41.91
N ILE C 5 -15.91 -3.52 -40.66
CA ILE C 5 -15.57 -2.52 -39.66
C ILE C 5 -14.78 -3.21 -38.55
N ASP C 6 -13.54 -2.77 -38.34
CA ASP C 6 -12.66 -3.19 -37.25
C ASP C 6 -13.01 -2.35 -36.02
N CYS C 7 -13.62 -2.97 -35.00
CA CYS C 7 -14.13 -2.20 -33.87
C CYS C 7 -13.07 -1.84 -32.82
N HIS C 8 -11.81 -2.27 -32.97
CA HIS C 8 -10.80 -2.09 -31.92
C HIS C 8 -9.49 -1.69 -32.60
N GLY C 9 -9.06 -0.45 -32.39
CA GLY C 9 -7.83 0.04 -32.98
C GLY C 9 -7.32 1.34 -32.37
N HIS C 10 -6.01 1.47 -32.20
CA HIS C 10 -5.45 2.65 -31.55
C HIS C 10 -4.48 3.37 -32.45
N TYR C 11 -4.32 4.64 -32.14
CA TYR C 11 -3.41 5.53 -32.84
C TYR C 11 -2.07 5.34 -32.14
N THR C 12 -1.30 4.39 -32.63
CA THR C 12 -0.11 3.86 -31.96
C THR C 12 1.17 4.53 -32.43
N VAL C 13 1.28 4.76 -33.73
CA VAL C 13 2.42 5.46 -34.32
C VAL C 13 2.08 6.95 -34.35
N LEU C 14 2.72 7.72 -33.49
CA LEU C 14 2.36 9.11 -33.23
C LEU C 14 3.36 10.11 -33.82
N PRO C 15 2.96 11.37 -33.97
CA PRO C 15 3.94 12.43 -34.19
C PRO C 15 4.93 12.52 -33.03
N LYS C 16 6.16 12.90 -33.36
CA LYS C 16 7.26 12.75 -32.42
C LYS C 16 7.02 13.60 -31.18
N ALA C 17 6.50 14.81 -31.38
CA ALA C 17 6.37 15.76 -30.29
C ALA C 17 5.32 15.35 -29.27
N HIS C 18 4.39 14.45 -29.62
CA HIS C 18 3.30 14.08 -28.71
C HIS C 18 3.81 13.20 -27.58
N ASP C 19 4.48 12.10 -27.94
CA ASP C 19 5.10 11.28 -26.91
C ASP C 19 6.23 12.06 -26.24
N GLU C 20 6.86 12.99 -26.98
CA GLU C 20 7.84 13.87 -26.38
C GLU C 20 7.21 14.74 -25.29
N TRP C 21 6.15 15.48 -25.67
CA TRP C 21 5.44 16.33 -24.72
C TRP C 21 4.90 15.52 -23.55
N ARG C 22 4.51 14.26 -23.78
CA ARG C 22 4.04 13.42 -22.68
C ARG C 22 5.14 13.19 -21.65
N GLU C 23 6.39 13.04 -22.10
CA GLU C 23 7.49 12.81 -21.18
C GLU C 23 7.92 14.07 -20.44
N GLN C 24 7.65 15.25 -21.01
CA GLN C 24 7.88 16.50 -20.30
C GLN C 24 6.75 16.83 -19.33
N GLN C 25 5.50 16.50 -19.69
CA GLN C 25 4.40 16.67 -18.74
C GLN C 25 4.63 15.79 -17.51
N LYS C 26 5.18 14.59 -17.72
CA LYS C 26 5.57 13.73 -16.61
C LYS C 26 6.74 14.33 -15.83
N ALA C 27 7.77 14.79 -16.53
CA ALA C 27 8.97 15.31 -15.87
C ALA C 27 8.74 16.67 -15.22
N ALA C 28 7.82 17.48 -15.76
CA ALA C 28 7.49 18.75 -15.11
C ALA C 28 6.74 18.51 -13.81
N PHE C 29 5.86 17.51 -13.79
CA PHE C 29 5.14 17.09 -12.59
C PHE C 29 6.07 16.45 -11.58
N LYS C 30 7.29 16.09 -12.01
CA LYS C 30 8.34 15.56 -11.14
C LYS C 30 8.92 16.63 -10.23
N ALA C 31 8.18 17.70 -9.96
CA ALA C 31 8.70 18.76 -9.12
C ALA C 31 7.60 19.66 -8.56
N GLY C 32 6.86 20.30 -9.46
CA GLY C 32 5.85 21.27 -9.05
C GLY C 32 5.55 22.21 -10.19
N GLN C 33 5.67 21.71 -11.43
CA GLN C 33 5.56 22.59 -12.57
C GLN C 33 4.25 22.39 -13.33
N PRO C 34 3.68 23.47 -13.91
CA PRO C 34 2.61 23.31 -14.92
C PRO C 34 3.08 22.64 -16.20
N ALA C 35 2.22 22.61 -17.23
CA ALA C 35 2.58 21.85 -18.42
C ALA C 35 3.40 22.67 -19.42
N PRO C 36 4.37 22.01 -20.06
CA PRO C 36 5.16 22.64 -21.14
C PRO C 36 4.28 22.98 -22.33
N PRO C 37 4.79 23.69 -23.34
CA PRO C 37 3.93 24.02 -24.50
C PRO C 37 3.50 22.78 -25.27
N TYR C 38 2.21 22.70 -25.57
CA TYR C 38 1.74 21.61 -26.43
C TYR C 38 2.13 21.93 -27.87
N PRO C 39 2.74 20.99 -28.60
CA PRO C 39 3.25 21.31 -29.93
C PRO C 39 2.13 21.41 -30.96
N GLU C 40 2.49 22.02 -32.09
CA GLU C 40 1.63 21.99 -33.27
C GLU C 40 1.98 20.77 -34.10
N ILE C 41 0.95 20.15 -34.67
CA ILE C 41 1.09 18.94 -35.48
C ILE C 41 0.38 19.16 -36.80
N SER C 42 1.03 18.79 -37.90
CA SER C 42 0.54 19.05 -39.24
C SER C 42 -0.38 17.95 -39.72
N ASP C 43 -1.28 18.32 -40.64
CA ASP C 43 -2.14 17.32 -41.27
C ASP C 43 -1.32 16.32 -42.09
N ASP C 44 -0.25 16.79 -42.72
CA ASP C 44 0.57 15.94 -43.58
C ASP C 44 1.36 14.91 -42.76
N GLU C 45 1.89 15.31 -41.61
CA GLU C 45 2.57 14.36 -40.74
C GLU C 45 1.59 13.31 -40.25
N ILE C 46 0.43 13.75 -39.76
CA ILE C 46 -0.60 12.83 -39.30
C ILE C 46 -1.04 11.92 -40.44
N ARG C 47 -1.34 12.51 -41.60
CA ARG C 47 -1.79 11.72 -42.73
C ARG C 47 -0.73 10.70 -43.15
N GLU C 48 0.54 11.09 -43.03
CA GLU C 48 1.64 10.18 -43.40
C GLU C 48 1.65 8.94 -42.52
N THR C 49 1.66 9.14 -41.20
CA THR C 49 1.63 8.00 -40.28
C THR C 49 0.44 7.12 -40.58
N ILE C 50 -0.72 7.72 -40.82
CA ILE C 50 -1.90 6.91 -41.10
C ILE C 50 -1.72 6.20 -42.43
N GLU C 51 -1.25 6.92 -43.46
CA GLU C 51 -1.15 6.29 -44.76
C GLU C 51 -0.01 5.27 -44.82
N ALA C 52 1.06 5.48 -44.04
CA ALA C 52 2.14 4.51 -43.97
C ALA C 52 1.78 3.28 -43.13
N ASN C 53 0.74 3.35 -42.32
CA ASN C 53 0.48 2.33 -41.31
C ASN C 53 -0.91 1.77 -41.43
N GLN C 54 -1.86 2.38 -40.72
CA GLN C 54 -3.19 1.82 -40.58
C GLN C 54 -3.91 1.71 -41.93
N LEU C 55 -3.92 2.79 -42.72
CA LEU C 55 -4.69 2.76 -43.96
C LEU C 55 -4.11 1.78 -44.99
N ARG C 56 -2.77 1.69 -45.08
CA ARG C 56 -2.17 0.70 -45.97
C ARG C 56 -2.63 -0.72 -45.60
N LEU C 57 -2.68 -1.01 -44.32
CA LEU C 57 -3.01 -2.36 -43.88
C LEU C 57 -4.50 -2.66 -44.03
N ILE C 58 -5.35 -1.66 -43.77
CA ILE C 58 -6.77 -1.72 -44.08
C ILE C 58 -6.98 -2.14 -45.54
N LYS C 59 -6.26 -1.49 -46.47
CA LYS C 59 -6.33 -1.77 -47.91
C LYS C 59 -5.99 -3.22 -48.21
N GLU C 60 -4.80 -3.65 -47.81
CA GLU C 60 -4.36 -5.02 -48.04
C GLU C 60 -5.21 -6.04 -47.29
N ARG C 61 -5.67 -5.68 -46.08
CA ARG C 61 -6.49 -6.63 -45.36
C ARG C 61 -7.96 -6.51 -45.74
N GLY C 62 -8.31 -5.54 -46.59
CA GLY C 62 -9.63 -5.52 -47.16
C GLY C 62 -10.74 -5.08 -46.24
N ALA C 63 -10.46 -4.17 -45.32
CA ALA C 63 -11.48 -3.61 -44.44
C ALA C 63 -11.94 -2.25 -44.96
N ASP C 64 -13.11 -1.82 -44.47
CA ASP C 64 -13.69 -0.54 -44.80
C ASP C 64 -13.54 0.47 -43.68
N MET C 65 -13.71 0.03 -42.44
CA MET C 65 -13.69 0.98 -41.35
C MET C 65 -12.96 0.42 -40.14
N THR C 66 -12.47 1.36 -39.31
CA THR C 66 -11.77 1.08 -38.07
C THR C 66 -12.35 2.00 -37.02
N ILE C 67 -12.80 1.45 -35.90
CA ILE C 67 -13.21 2.28 -34.77
C ILE C 67 -11.98 2.55 -33.91
N PHE C 68 -11.63 3.82 -33.77
CA PHE C 68 -10.27 4.25 -33.47
C PHE C 68 -10.25 4.92 -32.10
N SER C 69 -9.25 4.58 -31.29
CA SER C 69 -9.14 5.13 -29.95
C SER C 69 -7.68 5.50 -29.67
N PRO C 70 -7.45 6.31 -28.64
CA PRO C 70 -6.09 6.73 -28.31
C PRO C 70 -5.21 5.55 -27.93
N ARG C 71 -3.90 5.78 -28.04
CA ARG C 71 -2.91 4.75 -27.70
C ARG C 71 -3.10 4.28 -26.27
N ALA C 72 -3.31 2.96 -26.14
CA ALA C 72 -3.78 2.35 -24.89
C ALA C 72 -2.68 2.27 -23.85
N SER C 73 -1.46 1.91 -24.26
CA SER C 73 -0.37 1.83 -23.30
C SER C 73 -0.03 3.20 -22.72
N ALA C 74 -0.09 4.26 -23.54
CA ALA C 74 0.27 5.61 -23.12
C ALA C 74 -0.88 6.39 -22.48
N MET C 75 -2.12 5.89 -22.53
CA MET C 75 -3.20 6.53 -21.78
C MET C 75 -3.00 6.40 -20.27
N ALA C 76 -2.39 5.28 -19.81
CA ALA C 76 -2.10 4.86 -18.43
C ALA C 76 -1.76 5.98 -17.44
N PRO C 77 -2.77 6.55 -16.76
CA PRO C 77 -2.55 7.63 -15.75
C PRO C 77 -2.10 7.11 -14.38
N HIS C 78 -0.79 6.82 -14.26
CA HIS C 78 -0.24 6.23 -13.04
C HIS C 78 -0.14 7.25 -11.92
N VAL C 79 0.94 8.02 -11.90
CA VAL C 79 1.14 9.15 -11.01
C VAL C 79 1.26 10.36 -11.93
N GLY C 80 0.36 11.33 -11.78
CA GLY C 80 -0.65 11.28 -10.74
C GLY C 80 -2.13 11.49 -10.97
N ASP C 81 -2.57 12.74 -10.80
CA ASP C 81 -3.98 12.99 -10.61
C ASP C 81 -4.63 13.67 -11.81
N GLN C 82 -5.77 14.32 -11.57
CA GLN C 82 -6.56 14.91 -12.62
C GLN C 82 -5.80 15.98 -13.37
N SER C 83 -4.87 16.68 -12.71
CA SER C 83 -4.14 17.74 -13.40
C SER C 83 -3.38 17.20 -14.59
N VAL C 84 -3.02 15.91 -14.55
CA VAL C 84 -2.37 15.24 -15.67
C VAL C 84 -3.40 14.57 -16.59
N ALA C 85 -4.39 13.89 -16.01
CA ALA C 85 -5.30 13.00 -16.74
C ALA C 85 -6.20 13.76 -17.71
N VAL C 86 -6.70 14.93 -17.32
CA VAL C 86 -7.61 15.69 -18.17
C VAL C 86 -6.90 16.29 -19.39
N PRO C 87 -5.80 17.05 -19.25
CA PRO C 87 -5.13 17.59 -20.45
C PRO C 87 -4.54 16.51 -21.35
N TRP C 88 -4.10 15.40 -20.76
CA TRP C 88 -3.58 14.27 -21.52
C TRP C 88 -4.68 13.61 -22.35
N ALA C 89 -5.85 13.38 -21.75
CA ALA C 89 -6.97 12.81 -22.52
C ALA C 89 -7.42 13.78 -23.62
N GLN C 90 -7.62 15.06 -23.29
CA GLN C 90 -8.05 16.03 -24.31
C GLN C 90 -7.11 16.02 -25.49
N ALA C 91 -5.82 16.08 -25.21
CA ALA C 91 -4.83 16.10 -26.28
C ALA C 91 -4.88 14.81 -27.08
N CYS C 92 -5.07 13.68 -26.40
CA CYS C 92 -5.11 12.40 -27.07
C CYS C 92 -6.37 12.27 -27.95
N ASN C 93 -7.52 12.68 -27.42
CA ASN C 93 -8.77 12.58 -28.16
C ASN C 93 -8.80 13.54 -29.34
N ASN C 94 -8.18 14.70 -29.21
CA ASN C 94 -8.08 15.63 -30.34
C ASN C 94 -7.37 14.99 -31.52
N LEU C 95 -6.32 14.19 -31.27
CA LEU C 95 -5.60 13.55 -32.36
C LEU C 95 -6.47 12.55 -33.13
N ILE C 96 -7.31 11.80 -32.41
CA ILE C 96 -8.27 10.91 -33.06
C ILE C 96 -9.30 11.72 -33.84
N ALA C 97 -9.77 12.83 -33.27
CA ALA C 97 -10.72 13.69 -33.96
C ALA C 97 -10.13 14.22 -35.26
N ARG C 98 -8.87 14.64 -35.20
CA ARG C 98 -8.20 15.14 -36.39
C ARG C 98 -8.03 14.04 -37.42
N VAL C 99 -7.72 12.81 -36.98
CA VAL C 99 -7.57 11.69 -37.92
C VAL C 99 -8.87 11.46 -38.68
N VAL C 100 -9.99 11.49 -37.95
CA VAL C 100 -11.30 11.29 -38.57
C VAL C 100 -11.65 12.46 -39.49
N ASP C 101 -11.23 13.67 -39.11
CA ASP C 101 -11.39 14.81 -40.01
C ASP C 101 -10.70 14.54 -41.34
N LEU C 102 -9.48 14.02 -41.28
CA LEU C 102 -8.71 13.74 -42.49
C LEU C 102 -9.24 12.52 -43.26
N PHE C 103 -9.72 11.47 -42.57
CA PHE C 103 -10.14 10.22 -43.20
C PHE C 103 -11.50 9.73 -42.73
N PRO C 104 -12.58 10.48 -42.99
CA PRO C 104 -13.83 10.24 -42.26
C PRO C 104 -14.64 9.02 -42.68
N GLU C 105 -14.45 8.50 -43.89
CA GLU C 105 -15.19 7.29 -44.28
C GLU C 105 -14.51 6.03 -43.81
N THR C 106 -13.38 6.16 -43.13
CA THR C 106 -12.51 5.05 -42.74
C THR C 106 -12.33 4.91 -41.25
N PHE C 107 -12.28 6.01 -40.49
CA PHE C 107 -12.09 6.00 -39.05
C PHE C 107 -13.29 6.63 -38.38
N ALA C 108 -13.78 5.99 -37.30
CA ALA C 108 -14.78 6.55 -36.40
C ALA C 108 -14.21 6.59 -34.98
N GLY C 109 -14.42 7.69 -34.28
CA GLY C 109 -13.68 7.96 -33.06
C GLY C 109 -14.33 7.41 -31.80
N VAL C 110 -13.48 6.87 -30.92
CA VAL C 110 -13.85 6.40 -29.59
C VAL C 110 -12.83 6.98 -28.62
N CYS C 111 -13.29 7.50 -27.51
CA CYS C 111 -12.41 8.30 -26.65
C CYS C 111 -11.91 7.53 -25.44
N MET C 112 -10.70 7.90 -25.02
CA MET C 112 -10.20 7.58 -23.69
C MET C 112 -10.75 8.58 -22.68
N LEU C 113 -10.75 8.18 -21.42
CA LEU C 113 -11.35 9.02 -20.40
C LEU C 113 -10.30 9.52 -19.40
N PRO C 114 -10.52 10.69 -18.80
CA PRO C 114 -9.61 11.25 -17.78
C PRO C 114 -9.68 10.57 -16.43
N GLN C 115 -9.50 9.26 -16.41
CA GLN C 115 -9.58 8.56 -15.13
C GLN C 115 -8.25 8.65 -14.35
N SER C 116 -8.36 8.63 -13.03
CA SER C 116 -7.20 8.58 -12.16
C SER C 116 -7.66 8.02 -10.82
N PRO C 117 -6.75 7.42 -10.03
CA PRO C 117 -7.21 6.59 -8.90
C PRO C 117 -7.96 7.34 -7.82
N GLU C 118 -7.69 8.62 -7.62
CA GLU C 118 -8.26 9.37 -6.51
C GLU C 118 -9.55 10.09 -6.90
N ALA C 119 -9.98 9.99 -8.16
CA ALA C 119 -11.11 10.75 -8.65
C ALA C 119 -12.28 9.85 -9.05
N ASP C 120 -13.48 10.45 -9.05
CA ASP C 120 -14.69 9.83 -9.53
C ASP C 120 -14.80 10.05 -11.04
N MET C 121 -15.98 9.81 -11.59
CA MET C 121 -16.18 9.87 -13.04
C MET C 121 -16.67 11.25 -13.52
N THR C 122 -16.52 12.30 -12.71
CA THR C 122 -17.06 13.61 -13.09
C THR C 122 -16.35 14.17 -14.33
N SER C 123 -15.02 14.15 -14.34
CA SER C 123 -14.32 14.66 -15.51
C SER C 123 -14.41 13.70 -16.69
N SER C 124 -14.61 12.40 -16.42
CA SER C 124 -14.79 11.43 -17.50
C SER C 124 -16.09 11.68 -18.23
N ILE C 125 -17.14 12.02 -17.48
CA ILE C 125 -18.45 12.36 -18.04
C ILE C 125 -18.34 13.57 -18.96
N ALA C 126 -17.49 14.53 -18.58
CA ALA C 126 -17.34 15.76 -19.35
C ALA C 126 -16.64 15.50 -20.68
N GLU C 127 -15.55 14.74 -20.64
CA GLU C 127 -14.82 14.49 -21.88
C GLU C 127 -15.64 13.62 -22.84
N LEU C 128 -16.37 12.65 -22.32
CA LEU C 128 -17.25 11.86 -23.17
C LEU C 128 -18.30 12.76 -23.83
N GLU C 129 -18.94 13.61 -23.03
CA GLU C 129 -19.92 14.56 -23.58
C GLU C 129 -19.24 15.46 -24.60
N ARG C 130 -18.04 15.94 -24.28
CA ARG C 130 -17.30 16.76 -25.21
C ARG C 130 -16.94 15.99 -26.48
N CYS C 131 -16.54 14.73 -26.35
CA CYS C 131 -16.15 13.98 -27.54
C CYS C 131 -17.35 13.51 -28.32
N VAL C 132 -18.40 13.08 -27.63
CA VAL C 132 -19.60 12.64 -28.32
C VAL C 132 -20.35 13.84 -28.90
N ASN C 133 -20.61 14.86 -28.07
CA ASN C 133 -21.50 15.94 -28.48
C ASN C 133 -20.81 16.91 -29.42
N GLU C 134 -19.57 17.25 -29.14
CA GLU C 134 -18.87 18.25 -29.93
C GLU C 134 -17.94 17.65 -30.97
N LEU C 135 -17.31 16.50 -30.70
CA LEU C 135 -16.42 15.91 -31.68
C LEU C 135 -17.05 14.75 -32.41
N GLY C 136 -18.26 14.35 -32.03
CA GLY C 136 -18.97 13.32 -32.76
C GLY C 136 -18.49 11.92 -32.52
N PHE C 137 -17.93 11.62 -31.36
CA PHE C 137 -17.43 10.29 -31.12
C PHE C 137 -18.61 9.33 -30.94
N ILE C 138 -18.31 8.04 -31.05
CA ILE C 138 -19.33 7.00 -31.08
C ILE C 138 -19.27 6.06 -29.90
N GLY C 139 -18.27 6.18 -29.03
CA GLY C 139 -18.15 5.33 -27.86
C GLY C 139 -16.98 5.86 -27.06
N CYS C 140 -16.65 5.15 -25.98
CA CYS C 140 -15.50 5.49 -25.15
C CYS C 140 -14.76 4.23 -24.75
N ASN C 141 -13.55 4.41 -24.21
CA ASN C 141 -12.76 3.35 -23.59
C ASN C 141 -12.78 3.57 -22.07
N LEU C 142 -13.30 2.61 -21.32
CA LEU C 142 -13.52 2.76 -19.89
C LEU C 142 -12.53 1.90 -19.11
N ASN C 143 -11.70 2.54 -18.29
CA ASN C 143 -10.61 1.87 -17.58
C ASN C 143 -11.03 1.44 -16.18
N PRO C 144 -11.15 0.14 -15.88
CA PRO C 144 -11.56 -0.30 -14.53
C PRO C 144 -10.46 -0.27 -13.48
N ASP C 145 -9.21 0.01 -13.86
CA ASP C 145 -8.08 0.04 -12.93
C ASP C 145 -7.08 1.10 -13.39
N PRO C 146 -7.37 2.39 -13.16
CA PRO C 146 -6.41 3.45 -13.52
C PRO C 146 -5.19 3.50 -12.60
N GLY C 147 -5.21 2.79 -11.47
CA GLY C 147 -4.02 2.64 -10.64
C GLY C 147 -2.87 1.91 -11.31
N GLY C 148 -3.14 1.20 -12.39
CA GLY C 148 -2.07 0.67 -13.22
C GLY C 148 -1.47 -0.64 -12.76
N GLY C 149 -2.27 -1.52 -12.17
CA GLY C 149 -1.76 -2.86 -11.94
C GLY C 149 -2.16 -3.57 -10.66
N HIS C 150 -3.04 -3.01 -9.84
CA HIS C 150 -3.35 -3.64 -8.56
C HIS C 150 -4.83 -3.94 -8.32
N PHE C 151 -5.72 -3.56 -9.24
CA PHE C 151 -7.16 -3.81 -9.09
C PHE C 151 -7.68 -3.29 -7.76
N LYS C 152 -7.27 -2.08 -7.41
CA LYS C 152 -7.69 -1.43 -6.18
C LYS C 152 -8.97 -0.62 -6.36
N HIS C 153 -9.63 -0.73 -7.50
CA HIS C 153 -10.81 0.09 -7.77
C HIS C 153 -12.09 -0.72 -7.66
N PRO C 154 -13.24 -0.06 -7.48
CA PRO C 154 -14.47 -0.81 -7.20
C PRO C 154 -14.94 -1.58 -8.41
N PRO C 155 -15.64 -2.69 -8.22
CA PRO C 155 -16.08 -3.46 -9.37
C PRO C 155 -17.04 -2.64 -10.22
N LEU C 156 -17.21 -3.08 -11.47
CA LEU C 156 -18.07 -2.36 -12.41
C LEU C 156 -19.54 -2.39 -11.99
N THR C 157 -19.91 -3.24 -11.02
CA THR C 157 -21.25 -3.24 -10.48
C THR C 157 -21.46 -2.23 -9.36
N ASP C 158 -20.40 -1.55 -8.91
CA ASP C 158 -20.52 -0.68 -7.75
C ASP C 158 -21.25 0.61 -8.10
N ARG C 159 -21.85 1.23 -7.09
CA ARG C 159 -22.57 2.46 -7.32
C ARG C 159 -21.63 3.61 -7.69
N PHE C 160 -20.33 3.43 -7.48
CA PHE C 160 -19.34 4.40 -7.95
C PHE C 160 -19.49 4.72 -9.43
N TRP C 161 -19.83 3.73 -10.24
CA TRP C 161 -19.86 3.85 -11.68
C TRP C 161 -21.18 4.34 -12.25
N TYR C 162 -22.23 4.37 -11.44
CA TYR C 162 -23.57 4.59 -11.97
C TYR C 162 -23.77 5.95 -12.65
N PRO C 163 -23.28 7.08 -12.13
CA PRO C 163 -23.45 8.32 -12.89
C PRO C 163 -22.84 8.26 -14.29
N PHE C 164 -21.73 7.55 -14.48
CA PHE C 164 -21.14 7.46 -15.81
C PHE C 164 -22.00 6.59 -16.74
N TYR C 165 -22.50 5.46 -16.25
CA TYR C 165 -23.37 4.64 -17.09
C TYR C 165 -24.61 5.42 -17.53
N GLU C 166 -25.08 6.33 -16.69
CA GLU C 166 -26.23 7.17 -17.01
C GLU C 166 -25.93 8.09 -18.18
N LYS C 167 -24.72 8.64 -18.22
CA LYS C 167 -24.28 9.43 -19.36
C LYS C 167 -24.09 8.58 -20.60
N MET C 168 -23.48 7.38 -20.45
CA MET C 168 -23.37 6.47 -21.59
C MET C 168 -24.74 6.19 -22.17
N VAL C 169 -25.71 5.99 -21.28
CA VAL C 169 -27.07 5.62 -21.65
C VAL C 169 -27.78 6.76 -22.37
N GLU C 170 -27.61 7.98 -21.87
CA GLU C 170 -28.22 9.15 -22.49
C GLU C 170 -27.63 9.43 -23.88
N LEU C 171 -26.31 9.38 -24.01
CA LEU C 171 -25.65 9.68 -25.27
C LEU C 171 -25.71 8.52 -26.26
N ASP C 172 -26.21 7.36 -25.85
CA ASP C 172 -26.31 6.18 -26.71
C ASP C 172 -24.93 5.77 -27.25
N VAL C 173 -23.93 5.74 -26.36
CA VAL C 173 -22.59 5.26 -26.65
C VAL C 173 -22.24 4.08 -25.75
N PRO C 174 -21.65 3.02 -26.28
CA PRO C 174 -21.12 1.95 -25.43
C PRO C 174 -19.71 2.27 -24.94
N ALA C 175 -19.21 1.40 -24.07
CA ALA C 175 -17.83 1.45 -23.61
C ALA C 175 -17.15 0.10 -23.85
N MET C 176 -15.90 0.16 -24.28
CA MET C 176 -15.02 -1.01 -24.28
C MET C 176 -14.16 -1.01 -23.03
N ILE C 177 -14.29 -2.07 -22.23
CA ILE C 177 -13.53 -2.23 -21.00
C ILE C 177 -12.04 -2.39 -21.31
N HIS C 178 -11.24 -1.47 -20.81
CA HIS C 178 -9.84 -1.42 -21.24
C HIS C 178 -8.97 -0.90 -20.13
N VAL C 179 -8.02 -1.71 -19.68
CA VAL C 179 -6.97 -1.19 -18.81
C VAL C 179 -5.85 -0.64 -19.69
N SER C 180 -4.84 -0.05 -19.07
CA SER C 180 -3.79 0.56 -19.86
C SER C 180 -2.44 -0.05 -19.54
N GLY C 181 -1.40 0.77 -19.45
CA GLY C 181 -0.10 0.28 -19.05
C GLY C 181 -0.08 -0.14 -17.60
N SER C 182 0.84 -1.05 -17.28
CA SER C 182 0.95 -1.65 -15.95
C SER C 182 2.10 -1.02 -15.15
N CYS C 183 1.79 -0.61 -13.92
CA CYS C 183 2.76 -0.17 -12.92
C CYS C 183 3.17 -1.29 -11.98
N ASN C 184 2.74 -2.52 -12.25
CA ASN C 184 3.09 -3.66 -11.43
C ASN C 184 4.30 -4.37 -12.01
N PRO C 185 5.41 -4.51 -11.26
CA PRO C 185 6.55 -5.31 -11.76
C PRO C 185 6.22 -6.77 -12.03
N ALA C 186 5.20 -7.30 -11.35
CA ALA C 186 4.75 -8.66 -11.54
C ALA C 186 3.79 -8.84 -12.73
N MET C 187 3.49 -7.77 -13.50
CA MET C 187 2.45 -7.84 -14.53
C MET C 187 2.81 -7.09 -15.83
N HIS C 188 3.21 -7.85 -16.86
CA HIS C 188 3.34 -7.27 -18.21
C HIS C 188 1.97 -6.87 -18.70
N ALA C 189 1.90 -5.74 -19.40
CA ALA C 189 0.64 -5.12 -19.80
C ALA C 189 -0.14 -5.94 -20.84
N THR C 190 0.38 -6.02 -22.06
CA THR C 190 -0.37 -6.59 -23.19
C THR C 190 -0.50 -8.11 -23.15
N GLY C 191 0.33 -8.78 -22.38
CA GLY C 191 0.25 -10.23 -22.34
C GLY C 191 -0.41 -10.80 -21.10
N ALA C 192 -0.61 -9.96 -20.07
CA ALA C 192 -1.26 -10.41 -18.84
C ALA C 192 -2.32 -9.43 -18.38
N TYR C 193 -1.91 -8.19 -18.15
CA TYR C 193 -2.81 -7.16 -17.59
C TYR C 193 -4.00 -6.89 -18.48
N TYR C 194 -3.79 -6.86 -19.81
CA TYR C 194 -4.93 -6.64 -20.71
C TYR C 194 -5.96 -7.75 -20.55
N LEU C 195 -5.49 -9.00 -20.60
CA LEU C 195 -6.33 -10.20 -20.55
C LEU C 195 -6.83 -10.51 -19.15
N ALA C 196 -5.98 -10.30 -18.15
CA ALA C 196 -6.41 -10.52 -16.77
C ALA C 196 -7.57 -9.61 -16.40
N ALA C 197 -7.50 -8.33 -16.80
CA ALA C 197 -8.58 -7.39 -16.50
C ALA C 197 -9.88 -7.78 -17.21
N ASP C 198 -9.79 -8.27 -18.45
CA ASP C 198 -10.99 -8.73 -19.18
C ASP C 198 -11.73 -9.81 -18.43
N THR C 199 -10.99 -10.78 -17.92
CA THR C 199 -11.56 -11.89 -17.18
C THR C 199 -12.16 -11.44 -15.86
N ILE C 200 -11.44 -10.57 -15.13
CA ILE C 200 -11.95 -10.05 -13.87
C ILE C 200 -13.20 -9.19 -14.10
N ALA C 201 -13.22 -8.40 -15.17
CA ALA C 201 -14.36 -7.55 -15.46
C ALA C 201 -15.63 -8.36 -15.66
N PHE C 202 -15.54 -9.44 -16.45
CA PHE C 202 -16.68 -10.31 -16.72
C PHE C 202 -17.22 -10.99 -15.46
N MET C 203 -16.34 -11.51 -14.60
CA MET C 203 -16.83 -12.17 -13.39
C MET C 203 -17.52 -11.19 -12.46
N GLN C 204 -16.99 -9.98 -12.33
CA GLN C 204 -17.63 -8.97 -11.50
C GLN C 204 -19.10 -8.80 -11.87
N LEU C 205 -19.36 -8.65 -13.16
CA LEU C 205 -20.73 -8.48 -13.63
C LEU C 205 -21.55 -9.74 -13.37
N LEU C 206 -20.92 -10.92 -13.47
CA LEU C 206 -21.57 -12.18 -13.13
C LEU C 206 -21.89 -12.29 -11.65
N GLN C 207 -21.16 -11.61 -10.78
CA GLN C 207 -21.49 -11.64 -9.36
C GLN C 207 -22.75 -10.83 -9.04
N GLY C 208 -23.13 -9.88 -9.88
CA GLY C 208 -24.25 -8.98 -9.60
C GLY C 208 -25.31 -8.95 -10.68
N ASN C 209 -26.10 -7.87 -10.73
CA ASN C 209 -27.13 -7.70 -11.76
C ASN C 209 -27.19 -6.25 -12.24
N LEU C 210 -26.09 -5.77 -12.82
CA LEU C 210 -26.01 -4.39 -13.28
C LEU C 210 -27.01 -4.06 -14.39
N PHE C 211 -27.19 -4.97 -15.33
CA PHE C 211 -28.03 -4.72 -16.50
C PHE C 211 -29.52 -4.87 -16.19
N ALA C 212 -29.87 -5.20 -14.95
CA ALA C 212 -31.22 -4.97 -14.47
C ALA C 212 -31.44 -3.51 -14.18
N ASP C 213 -30.38 -2.81 -13.78
CA ASP C 213 -30.46 -1.37 -13.50
C ASP C 213 -30.35 -0.55 -14.78
N PHE C 214 -29.45 -0.94 -15.69
CA PHE C 214 -29.21 -0.24 -16.95
C PHE C 214 -29.41 -1.25 -18.07
N PRO C 215 -30.65 -1.56 -18.45
CA PRO C 215 -30.87 -2.66 -19.42
C PRO C 215 -30.36 -2.32 -20.80
N THR C 216 -30.06 -1.06 -21.05
CA THR C 216 -29.56 -0.59 -22.32
C THR C 216 -28.06 -0.41 -22.32
N LEU C 217 -27.42 -0.61 -21.17
CA LEU C 217 -25.97 -0.48 -21.06
C LEU C 217 -25.31 -1.62 -21.82
N ARG C 218 -24.32 -1.28 -22.64
CA ARG C 218 -23.59 -2.27 -23.43
C ARG C 218 -22.11 -2.12 -23.15
N PHE C 219 -21.43 -3.27 -22.91
CA PHE C 219 -19.97 -3.35 -22.77
C PHE C 219 -19.37 -4.20 -23.89
N ILE C 220 -18.16 -3.83 -24.31
CA ILE C 220 -17.30 -4.72 -25.08
C ILE C 220 -16.11 -5.08 -24.19
N ILE C 221 -15.86 -6.36 -24.04
CA ILE C 221 -14.66 -6.85 -23.37
C ILE C 221 -13.69 -7.35 -24.43
N PRO C 222 -12.53 -6.71 -24.60
CA PRO C 222 -11.71 -6.98 -25.77
C PRO C 222 -10.92 -8.28 -25.65
N HIS C 223 -10.19 -8.58 -26.71
CA HIS C 223 -9.33 -9.76 -26.78
C HIS C 223 -10.12 -11.05 -26.59
N GLY C 224 -11.18 -11.19 -27.38
CA GLY C 224 -11.99 -12.38 -27.33
C GLY C 224 -12.57 -12.66 -25.96
N GLY C 225 -12.73 -11.63 -25.13
CA GLY C 225 -13.22 -11.83 -23.78
C GLY C 225 -12.15 -12.22 -22.80
N GLY C 226 -10.87 -11.95 -23.10
CA GLY C 226 -9.80 -12.36 -22.21
C GLY C 226 -9.68 -13.87 -22.15
N ALA C 227 -9.91 -14.45 -20.96
CA ALA C 227 -9.93 -15.90 -20.82
C ALA C 227 -11.31 -16.51 -21.00
N VAL C 228 -12.34 -15.67 -21.14
CA VAL C 228 -13.71 -16.06 -20.85
C VAL C 228 -14.31 -17.15 -21.77
N PRO C 229 -14.31 -17.03 -23.11
CA PRO C 229 -14.87 -18.15 -23.90
C PRO C 229 -14.16 -19.47 -23.68
N TYR C 230 -12.83 -19.44 -23.47
CA TYR C 230 -12.04 -20.63 -23.25
C TYR C 230 -12.54 -21.42 -22.03
N HIS C 231 -12.97 -20.70 -21.00
CA HIS C 231 -13.52 -21.28 -19.79
C HIS C 231 -15.01 -21.02 -19.65
N TRP C 232 -15.74 -21.02 -20.76
CA TRP C 232 -17.19 -20.74 -20.72
C TRP C 232 -17.93 -21.71 -19.82
N GLY C 233 -17.57 -23.00 -19.85
CA GLY C 233 -18.20 -23.97 -18.96
C GLY C 233 -17.94 -23.68 -17.49
N ARG C 234 -16.75 -23.18 -17.19
CA ARG C 234 -16.48 -22.77 -15.82
C ARG C 234 -17.38 -21.62 -15.41
N PHE C 235 -17.65 -20.70 -16.33
CA PHE C 235 -18.46 -19.53 -15.99
C PHE C 235 -19.95 -19.86 -15.94
N ARG C 236 -20.41 -20.71 -16.85
CA ARG C 236 -21.76 -21.24 -16.72
C ARG C 236 -21.93 -22.02 -15.42
N GLY C 237 -20.96 -22.86 -15.08
CA GLY C 237 -21.10 -23.64 -13.87
C GLY C 237 -21.04 -22.80 -12.62
N LEU C 238 -20.28 -21.70 -12.67
CA LEU C 238 -20.23 -20.74 -11.58
C LEU C 238 -21.55 -19.97 -11.43
N ALA C 239 -22.30 -19.76 -12.52
CA ALA C 239 -23.61 -19.12 -12.39
C ALA C 239 -24.51 -19.88 -11.43
N ASP C 240 -24.55 -21.21 -11.53
CA ASP C 240 -25.29 -22.00 -10.56
C ASP C 240 -24.65 -21.90 -9.18
N MET C 241 -23.32 -22.02 -9.11
CA MET C 241 -22.62 -21.92 -7.83
C MET C 241 -22.90 -20.59 -7.13
N LEU C 242 -23.09 -19.52 -7.88
CA LEU C 242 -23.44 -18.22 -7.32
C LEU C 242 -24.94 -18.05 -7.18
N LYS C 243 -25.72 -19.08 -7.54
CA LYS C 243 -27.18 -19.06 -7.53
C LYS C 243 -27.73 -17.97 -8.41
N GLN C 244 -27.06 -17.69 -9.51
CA GLN C 244 -27.32 -16.54 -10.34
C GLN C 244 -28.06 -16.89 -11.63
N PRO C 245 -28.70 -15.90 -12.26
CA PRO C 245 -29.33 -16.15 -13.56
C PRO C 245 -28.30 -16.58 -14.60
N SER C 246 -28.80 -17.27 -15.61
CA SER C 246 -27.96 -17.82 -16.66
C SER C 246 -27.25 -16.71 -17.44
N LEU C 247 -26.12 -17.09 -18.06
CA LEU C 247 -25.26 -16.07 -18.63
C LEU C 247 -25.93 -15.35 -19.81
N ASP C 248 -26.68 -16.10 -20.62
CA ASP C 248 -27.40 -15.50 -21.74
C ASP C 248 -28.41 -14.46 -21.28
N THR C 249 -29.01 -14.64 -20.10
CA THR C 249 -29.98 -13.67 -19.62
C THR C 249 -29.34 -12.64 -18.70
N LEU C 250 -28.42 -13.04 -17.82
CA LEU C 250 -27.81 -12.06 -16.93
C LEU C 250 -26.93 -11.05 -17.70
N LEU C 251 -26.20 -11.52 -18.73
CA LEU C 251 -25.12 -10.67 -19.27
C LEU C 251 -25.10 -10.55 -20.79
N MET C 252 -25.45 -11.60 -21.55
CA MET C 252 -25.11 -11.65 -22.98
C MET C 252 -26.07 -10.91 -23.90
N ASN C 253 -26.97 -10.07 -23.38
CA ASN C 253 -27.57 -9.05 -24.22
C ASN C 253 -26.80 -7.73 -24.13
N ASN C 254 -25.92 -7.59 -23.14
CA ASN C 254 -25.22 -6.36 -22.85
C ASN C 254 -23.71 -6.45 -22.95
N VAL C 255 -23.15 -7.65 -23.14
CA VAL C 255 -21.71 -7.85 -23.17
C VAL C 255 -21.36 -8.42 -24.53
N PHE C 256 -20.27 -7.90 -25.10
CA PHE C 256 -19.83 -8.20 -26.45
C PHE C 256 -18.34 -8.48 -26.41
N PHE C 257 -17.91 -9.36 -27.29
CA PHE C 257 -16.51 -9.73 -27.38
C PHE C 257 -16.08 -9.39 -28.78
N ASP C 258 -14.86 -8.87 -28.90
CA ASP C 258 -14.24 -8.63 -30.17
C ASP C 258 -13.48 -9.88 -30.62
N THR C 259 -12.87 -9.81 -31.82
CA THR C 259 -12.18 -10.96 -32.38
C THR C 259 -10.66 -10.79 -32.38
N CYS C 260 -10.11 -10.09 -31.38
CA CYS C 260 -8.66 -9.99 -31.21
C CYS C 260 -8.10 -11.18 -30.43
N VAL C 261 -8.32 -12.36 -31.00
CA VAL C 261 -7.68 -13.63 -30.63
C VAL C 261 -6.86 -14.04 -31.84
N TYR C 262 -5.54 -14.15 -31.66
CA TYR C 262 -4.58 -14.12 -32.78
C TYR C 262 -4.14 -15.50 -33.23
N HIS C 263 -5.05 -16.46 -33.35
CA HIS C 263 -4.74 -17.70 -34.03
C HIS C 263 -6.04 -18.35 -34.45
N GLN C 264 -5.99 -19.16 -35.51
CA GLN C 264 -7.23 -19.78 -35.98
C GLN C 264 -7.93 -20.60 -34.91
N PRO C 265 -7.26 -21.46 -34.12
CA PRO C 265 -8.02 -22.27 -33.15
C PRO C 265 -8.67 -21.44 -32.04
N GLY C 266 -8.05 -20.35 -31.59
CA GLY C 266 -8.73 -19.45 -30.67
C GLY C 266 -9.92 -18.76 -31.33
N ILE C 267 -9.76 -18.37 -32.60
CA ILE C 267 -10.87 -17.83 -33.36
C ILE C 267 -11.95 -18.91 -33.56
N ASN C 268 -11.53 -20.14 -33.81
CA ASN C 268 -12.48 -21.25 -33.90
C ASN C 268 -13.26 -21.45 -32.61
N LEU C 269 -12.64 -21.30 -31.44
CA LEU C 269 -13.39 -21.53 -30.20
C LEU C 269 -14.36 -20.42 -29.92
N LEU C 270 -13.90 -19.17 -30.02
CA LEU C 270 -14.79 -18.03 -29.79
C LEU C 270 -16.04 -18.15 -30.64
N ALA C 271 -15.87 -18.40 -31.94
CA ALA C 271 -17.02 -18.60 -32.82
C ALA C 271 -17.88 -19.76 -32.38
N ASP C 272 -17.26 -20.78 -31.78
CA ASP C 272 -17.98 -21.99 -31.39
C ASP C 272 -18.83 -21.82 -30.14
N VAL C 273 -18.39 -21.06 -29.14
CA VAL C 273 -19.09 -21.04 -27.87
C VAL C 273 -19.90 -19.76 -27.65
N ILE C 274 -19.56 -18.66 -28.31
CA ILE C 274 -20.21 -17.38 -28.13
C ILE C 274 -21.25 -17.21 -29.24
N ASP C 275 -22.47 -16.81 -28.85
CA ASP C 275 -23.54 -16.69 -29.83
C ASP C 275 -23.12 -15.65 -30.83
N ASN C 276 -23.51 -15.87 -32.08
CA ASN C 276 -23.00 -15.03 -33.17
C ASN C 276 -23.18 -13.53 -32.89
N LYS C 277 -24.29 -13.17 -32.21
CA LYS C 277 -24.69 -11.79 -31.93
C LYS C 277 -23.77 -11.07 -30.94
N ASN C 278 -22.91 -11.79 -30.26
CA ASN C 278 -22.01 -11.25 -29.24
C ASN C 278 -20.59 -11.07 -29.75
N ILE C 279 -20.33 -11.35 -31.02
CA ILE C 279 -18.98 -11.35 -31.59
C ILE C 279 -18.83 -10.14 -32.52
N LEU C 280 -17.87 -9.28 -32.25
CA LEU C 280 -17.61 -8.10 -33.06
C LEU C 280 -16.23 -8.22 -33.70
N PHE C 281 -16.15 -8.04 -35.01
CA PHE C 281 -14.86 -8.14 -35.67
C PHE C 281 -13.93 -7.01 -35.24
N GLY C 282 -12.71 -7.38 -34.88
CA GLY C 282 -11.64 -6.45 -34.61
C GLY C 282 -10.32 -7.13 -34.93
N SER C 283 -9.26 -6.34 -34.91
CA SER C 283 -7.94 -6.92 -35.08
C SER C 283 -6.89 -6.29 -34.20
N GLU C 284 -7.11 -5.07 -33.68
CA GLU C 284 -6.12 -4.33 -32.93
C GLU C 284 -4.76 -4.35 -33.65
N MET C 285 -4.81 -4.12 -34.97
CA MET C 285 -3.61 -4.12 -35.78
C MET C 285 -2.65 -3.03 -35.34
N VAL C 286 -1.38 -3.17 -35.76
CA VAL C 286 -0.28 -2.27 -35.42
C VAL C 286 -0.28 -2.04 -33.92
N GLY C 287 -0.48 -3.09 -33.15
CA GLY C 287 -0.58 -2.91 -31.72
C GLY C 287 0.39 -3.76 -30.95
N ALA C 288 -0.14 -4.63 -30.11
CA ALA C 288 0.69 -5.41 -29.21
C ALA C 288 1.55 -6.42 -29.95
N VAL C 289 1.05 -6.95 -31.06
CA VAL C 289 1.70 -8.02 -31.82
C VAL C 289 1.73 -7.62 -33.29
N ARG C 290 2.87 -7.09 -33.75
CA ARG C 290 2.97 -6.51 -35.06
C ARG C 290 3.60 -7.44 -36.11
N GLY C 291 4.07 -8.63 -35.70
CA GLY C 291 4.83 -9.47 -36.59
C GLY C 291 3.99 -10.48 -37.34
N ILE C 292 4.67 -11.22 -38.23
CA ILE C 292 4.09 -12.31 -39.01
C ILE C 292 4.11 -13.59 -38.20
N ASP C 293 3.18 -14.50 -38.51
CA ASP C 293 3.12 -15.80 -37.85
C ASP C 293 4.00 -16.77 -38.61
N PRO C 294 5.10 -17.27 -38.02
CA PRO C 294 5.92 -18.27 -38.71
C PRO C 294 5.14 -19.50 -39.10
N THR C 295 4.15 -19.88 -38.29
CA THR C 295 3.41 -21.13 -38.46
C THR C 295 2.37 -21.05 -39.57
N THR C 296 2.10 -19.87 -40.12
CA THR C 296 1.01 -19.75 -41.09
C THR C 296 1.44 -19.00 -42.33
N GLY C 297 2.39 -18.08 -42.17
CA GLY C 297 2.82 -17.21 -43.25
C GLY C 297 2.05 -15.93 -43.40
N HIS C 298 1.05 -15.69 -42.56
CA HIS C 298 0.27 -14.46 -42.51
C HIS C 298 0.42 -13.79 -41.15
N TYR C 299 -0.01 -12.54 -41.07
CA TYR C 299 0.14 -11.77 -39.85
C TYR C 299 -0.72 -12.34 -38.72
N PHE C 300 -0.23 -12.18 -37.49
CA PHE C 300 -0.99 -12.58 -36.32
C PHE C 300 -2.28 -11.78 -36.21
N ASP C 301 -2.20 -10.45 -36.38
CA ASP C 301 -3.31 -9.54 -36.16
C ASP C 301 -4.19 -9.39 -37.39
N ASP C 302 -3.98 -10.20 -38.41
CA ASP C 302 -4.90 -10.26 -39.53
C ASP C 302 -6.09 -11.17 -39.23
N THR C 303 -6.92 -10.73 -38.28
CA THR C 303 -7.98 -11.61 -37.79
C THR C 303 -9.09 -11.83 -38.81
N LYS C 304 -9.22 -10.94 -39.81
CA LYS C 304 -10.20 -11.16 -40.87
C LYS C 304 -9.94 -12.48 -41.60
N ARG C 305 -8.67 -12.83 -41.77
CA ARG C 305 -8.30 -14.09 -42.41
C ARG C 305 -8.83 -15.28 -41.63
N TYR C 306 -8.89 -15.16 -40.29
CA TYR C 306 -9.45 -16.21 -39.45
C TYR C 306 -10.96 -16.27 -39.59
N ILE C 307 -11.61 -15.10 -39.69
CA ILE C 307 -13.05 -15.07 -39.90
C ILE C 307 -13.38 -15.67 -41.26
N ASP C 308 -12.56 -15.36 -42.26
CA ASP C 308 -12.76 -15.88 -43.60
C ASP C 308 -12.70 -17.41 -43.64
N ALA C 309 -11.97 -18.04 -42.70
CA ALA C 309 -11.84 -19.50 -42.71
C ALA C 309 -12.95 -20.21 -41.94
N LEU C 310 -13.73 -19.50 -41.13
CA LEU C 310 -14.84 -20.15 -40.46
C LEU C 310 -15.85 -20.65 -41.47
N ASP C 311 -16.56 -21.71 -41.09
CA ASP C 311 -17.64 -22.28 -41.88
C ASP C 311 -18.95 -21.77 -41.28
N ILE C 312 -19.32 -20.56 -41.67
CA ILE C 312 -20.52 -19.91 -41.14
C ILE C 312 -21.28 -19.31 -42.30
N SER C 313 -22.57 -19.00 -42.05
CA SER C 313 -23.45 -18.47 -43.08
C SER C 313 -23.11 -17.02 -43.40
N ASP C 314 -23.69 -16.54 -44.50
CA ASP C 314 -23.46 -15.16 -44.90
C ASP C 314 -24.11 -14.18 -43.94
N GLN C 315 -25.24 -14.54 -43.37
CA GLN C 315 -25.81 -13.68 -42.34
C GLN C 315 -24.90 -13.63 -41.11
N GLU C 316 -24.30 -14.79 -40.76
CA GLU C 316 -23.40 -14.90 -39.62
C GLU C 316 -22.11 -14.13 -39.84
N ARG C 317 -21.56 -14.21 -41.05
CA ARG C 317 -20.43 -13.39 -41.41
C ARG C 317 -20.81 -11.92 -41.37
N HIS C 318 -22.04 -11.64 -41.85
CA HIS C 318 -22.54 -10.27 -41.89
C HIS C 318 -22.60 -9.64 -40.51
N ALA C 319 -23.05 -10.40 -39.52
CA ALA C 319 -23.15 -9.85 -38.18
C ALA C 319 -21.78 -9.54 -37.62
N ILE C 320 -20.80 -10.43 -37.81
CA ILE C 320 -19.47 -10.19 -37.28
C ILE C 320 -18.84 -8.94 -37.87
N PHE C 321 -18.89 -8.80 -39.19
CA PHE C 321 -18.12 -7.73 -39.85
C PHE C 321 -18.81 -6.36 -39.80
N GLU C 322 -20.14 -6.32 -39.80
CA GLU C 322 -20.90 -5.09 -39.93
C GLU C 322 -22.08 -5.03 -38.96
N GLY C 323 -22.85 -6.13 -38.91
CA GLY C 323 -24.15 -6.11 -38.22
C GLY C 323 -24.10 -5.87 -36.72
N ASN C 324 -23.21 -6.57 -36.02
CA ASN C 324 -23.21 -6.49 -34.56
C ASN C 324 -22.70 -5.13 -34.05
N THR C 325 -21.62 -4.62 -34.65
CA THR C 325 -21.05 -3.33 -34.22
C THR C 325 -21.96 -2.15 -34.54
N ARG C 326 -22.70 -2.21 -35.65
CA ARG C 326 -23.62 -1.14 -35.99
C ARG C 326 -24.79 -1.10 -35.01
N ARG C 327 -25.15 -2.24 -34.43
CA ARG C 327 -26.15 -2.28 -33.36
C ARG C 327 -25.59 -1.83 -31.99
N VAL C 328 -24.30 -2.06 -31.73
CA VAL C 328 -23.71 -1.68 -30.43
C VAL C 328 -23.30 -0.21 -30.41
N PHE C 329 -22.91 0.34 -31.56
CA PHE C 329 -22.62 1.77 -31.75
C PHE C 329 -23.76 2.34 -32.59
N PRO C 330 -24.89 2.75 -31.98
CA PRO C 330 -26.01 3.24 -32.80
C PRO C 330 -25.64 4.48 -33.58
N ARG C 331 -24.81 5.34 -32.97
CA ARG C 331 -24.45 6.60 -33.59
C ARG C 331 -23.74 6.39 -34.92
N LEU C 332 -22.96 5.32 -35.03
CA LEU C 332 -22.30 4.97 -36.29
C LEU C 332 -23.28 4.36 -37.30
N ASP C 333 -24.19 3.51 -36.81
CA ASP C 333 -25.29 3.06 -37.65
C ASP C 333 -25.97 4.25 -38.31
N ALA C 334 -26.28 5.29 -37.49
CA ALA C 334 -27.00 6.45 -37.99
C ALA C 334 -26.15 7.23 -38.99
N LYS C 335 -24.85 7.33 -38.73
CA LYS C 335 -23.97 7.99 -39.68
C LYS C 335 -23.86 7.18 -40.96
N LEU C 336 -23.89 5.86 -40.87
CA LEU C 336 -23.75 5.07 -42.10
C LEU C 336 -25.06 5.03 -42.86
N LYS C 337 -26.18 4.91 -42.12
CA LYS C 337 -27.52 5.07 -42.71
C LYS C 337 -27.65 6.42 -43.42
N ALA C 338 -27.23 7.50 -42.75
CA ALA C 338 -27.27 8.84 -43.31
C ALA C 338 -26.40 8.99 -44.56
N ARG C 339 -25.59 7.99 -44.90
CA ARG C 339 -24.84 7.96 -46.14
C ARG C 339 -25.42 6.94 -47.11
N GLY C 340 -26.57 6.38 -46.79
CA GLY C 340 -27.24 5.45 -47.67
C GLY C 340 -26.72 4.04 -47.66
N LEU C 341 -25.88 3.68 -46.70
CA LEU C 341 -25.24 2.36 -46.80
C LEU C 341 -25.95 1.24 -46.03
N MET D 3 13.98 7.10 42.63
CA MET D 3 15.31 7.64 42.92
C MET D 3 16.39 6.67 42.45
N ILE D 4 16.13 5.38 42.66
CA ILE D 4 17.07 4.31 42.36
C ILE D 4 16.39 3.34 41.39
N ILE D 5 16.81 3.37 40.13
CA ILE D 5 16.26 2.51 39.08
C ILE D 5 17.35 1.54 38.64
N ASP D 6 17.11 0.26 38.89
CA ASP D 6 17.98 -0.83 38.50
C ASP D 6 17.62 -1.19 37.06
N CYS D 7 18.52 -0.91 36.13
CA CYS D 7 18.18 -1.11 34.72
C CYS D 7 18.31 -2.56 34.26
N HIS D 8 18.64 -3.51 35.15
CA HIS D 8 18.97 -4.86 34.70
C HIS D 8 18.36 -5.89 35.65
N GLY D 9 17.34 -6.61 35.17
CA GLY D 9 16.71 -7.64 35.97
C GLY D 9 15.84 -8.57 35.17
N HIS D 10 15.89 -9.87 35.46
CA HIS D 10 15.15 -10.89 34.71
C HIS D 10 14.25 -11.71 35.62
N TYR D 11 13.27 -12.38 35.00
CA TYR D 11 12.33 -13.21 35.74
C TYR D 11 12.93 -14.61 35.87
N THR D 12 13.74 -14.80 36.91
CA THR D 12 14.54 -16.01 37.00
C THR D 12 13.86 -17.10 37.83
N VAL D 13 13.24 -16.72 38.95
CA VAL D 13 12.47 -17.66 39.76
C VAL D 13 11.02 -17.57 39.29
N LEU D 14 10.60 -18.57 38.52
CA LEU D 14 9.36 -18.53 37.76
C LEU D 14 8.33 -19.48 38.35
N PRO D 15 7.05 -19.31 37.99
CA PRO D 15 6.07 -20.37 38.26
C PRO D 15 6.43 -21.66 37.54
N LYS D 16 6.09 -22.80 38.20
CA LYS D 16 6.59 -24.11 37.79
C LYS D 16 6.04 -24.55 36.43
N ALA D 17 4.77 -24.26 36.16
CA ALA D 17 4.16 -24.73 34.91
C ALA D 17 4.78 -24.07 33.68
N HIS D 18 5.48 -22.94 33.86
CA HIS D 18 6.10 -22.24 32.75
C HIS D 18 7.31 -23.00 32.23
N ASP D 19 8.25 -23.32 33.12
CA ASP D 19 9.41 -24.11 32.74
C ASP D 19 8.99 -25.50 32.33
N GLU D 20 7.86 -25.98 32.87
CA GLU D 20 7.33 -27.27 32.46
C GLU D 20 6.86 -27.25 31.01
N TRP D 21 5.99 -26.29 30.67
CA TRP D 21 5.56 -26.17 29.27
C TRP D 21 6.75 -25.98 28.34
N ARG D 22 7.78 -25.27 28.81
CA ARG D 22 8.97 -25.10 28.00
C ARG D 22 9.60 -26.44 27.65
N GLU D 23 9.56 -27.39 28.58
CA GLU D 23 10.13 -28.72 28.31
C GLU D 23 9.24 -29.56 27.41
N GLN D 24 7.94 -29.31 27.37
CA GLN D 24 7.11 -30.03 26.43
C GLN D 24 7.20 -29.46 25.03
N GLN D 25 7.30 -28.14 24.93
CA GLN D 25 7.51 -27.51 23.63
C GLN D 25 8.85 -27.88 23.03
N LYS D 26 9.88 -28.02 23.87
CA LYS D 26 11.16 -28.51 23.38
C LYS D 26 11.02 -29.95 22.89
N ALA D 27 10.35 -30.79 23.69
CA ALA D 27 10.21 -32.21 23.36
C ALA D 27 9.26 -32.46 22.20
N ALA D 28 8.23 -31.63 22.05
CA ALA D 28 7.33 -31.78 20.91
C ALA D 28 8.03 -31.40 19.61
N PHE D 29 8.88 -30.37 19.63
CA PHE D 29 9.58 -29.96 18.42
C PHE D 29 10.65 -30.96 17.98
N LYS D 30 11.21 -31.75 18.90
CA LYS D 30 12.14 -32.78 18.46
C LYS D 30 11.40 -33.95 17.85
N ALA D 31 10.24 -34.29 18.40
CA ALA D 31 9.43 -35.41 17.94
C ALA D 31 8.56 -35.04 16.75
N GLY D 32 8.54 -33.79 16.33
CA GLY D 32 7.70 -33.41 15.22
C GLY D 32 6.25 -33.24 15.60
N GLN D 33 5.99 -32.97 16.83
CA GLN D 33 4.63 -32.89 17.30
C GLN D 33 4.28 -31.42 17.53
N PRO D 34 2.99 -31.06 17.49
CA PRO D 34 2.61 -29.72 17.95
C PRO D 34 2.94 -29.55 19.43
N ALA D 35 3.06 -28.30 19.84
CA ALA D 35 3.34 -28.07 21.25
C ALA D 35 2.02 -28.05 22.02
N PRO D 36 2.01 -28.57 23.25
CA PRO D 36 0.78 -28.58 24.02
C PRO D 36 0.31 -27.16 24.30
N PRO D 37 -0.94 -26.99 24.69
CA PRO D 37 -1.43 -25.64 25.01
C PRO D 37 -0.68 -25.03 26.19
N TYR D 38 -0.47 -23.73 26.14
CA TYR D 38 0.21 -23.06 27.24
C TYR D 38 -0.64 -23.15 28.52
N PRO D 39 -0.02 -23.42 29.67
CA PRO D 39 -0.81 -23.70 30.88
C PRO D 39 -1.51 -22.49 31.47
N GLU D 40 -2.43 -22.78 32.38
CA GLU D 40 -3.08 -21.75 33.15
C GLU D 40 -2.17 -21.42 34.32
N ILE D 41 -2.00 -20.13 34.58
CA ILE D 41 -1.17 -19.65 35.68
C ILE D 41 -1.96 -18.62 36.46
N SER D 42 -1.96 -18.76 37.78
CA SER D 42 -2.72 -17.83 38.59
C SER D 42 -1.89 -16.58 38.83
N ASP D 43 -2.56 -15.46 39.03
CA ASP D 43 -1.84 -14.26 39.40
C ASP D 43 -1.16 -14.48 40.74
N ASP D 44 -1.78 -15.27 41.61
CA ASP D 44 -1.19 -15.52 42.92
C ASP D 44 0.08 -16.35 42.81
N GLU D 45 0.15 -17.26 41.84
CA GLU D 45 1.39 -17.99 41.59
C GLU D 45 2.51 -17.03 41.21
N ILE D 46 2.21 -16.10 40.30
CA ILE D 46 3.17 -15.07 39.92
C ILE D 46 3.53 -14.19 41.11
N ARG D 47 2.53 -13.82 41.92
CA ARG D 47 2.75 -12.87 43.01
C ARG D 47 3.80 -13.36 43.99
N GLU D 48 3.78 -14.65 44.31
CA GLU D 48 4.73 -15.21 45.27
C GLU D 48 6.16 -15.21 44.76
N THR D 49 6.38 -15.71 43.53
CA THR D 49 7.73 -15.73 42.99
C THR D 49 8.37 -14.35 43.06
N ILE D 50 7.62 -13.31 42.69
CA ILE D 50 8.14 -11.94 42.75
C ILE D 50 8.34 -11.51 44.19
N GLU D 51 7.38 -11.86 45.06
CA GLU D 51 7.43 -11.41 46.45
C GLU D 51 8.51 -12.14 47.24
N ALA D 52 8.72 -13.43 46.93
CA ALA D 52 9.70 -14.23 47.64
C ALA D 52 11.12 -13.90 47.23
N ASN D 53 11.29 -13.25 46.10
CA ASN D 53 12.59 -13.13 45.45
C ASN D 53 12.91 -11.68 45.11
N GLN D 54 12.43 -11.22 43.96
CA GLN D 54 12.81 -9.90 43.48
C GLN D 54 12.32 -8.81 44.43
N LEU D 55 11.02 -8.84 44.77
CA LEU D 55 10.45 -7.76 45.57
C LEU D 55 11.08 -7.70 46.95
N ARG D 56 11.41 -8.86 47.51
CA ARG D 56 12.09 -8.90 48.79
C ARG D 56 13.43 -8.19 48.73
N LEU D 57 14.20 -8.43 47.66
CA LEU D 57 15.56 -7.89 47.60
C LEU D 57 15.55 -6.40 47.34
N ILE D 58 14.67 -5.95 46.45
CA ILE D 58 14.47 -4.52 46.21
C ILE D 58 14.25 -3.79 47.53
N LYS D 59 13.34 -4.30 48.34
CA LYS D 59 13.10 -3.75 49.68
C LYS D 59 14.39 -3.75 50.47
N GLU D 60 15.04 -4.91 50.56
CA GLU D 60 16.20 -5.05 51.44
C GLU D 60 17.32 -4.10 51.05
N ARG D 61 17.55 -3.92 49.76
CA ARG D 61 18.60 -3.03 49.28
C ARG D 61 18.12 -1.61 48.99
N GLY D 62 16.83 -1.32 49.19
CA GLY D 62 16.38 0.06 49.05
C GLY D 62 16.27 0.60 47.65
N ALA D 63 15.84 -0.24 46.70
CA ALA D 63 15.62 0.19 45.33
C ALA D 63 14.15 0.53 45.13
N ASP D 64 13.87 1.27 44.06
CA ASP D 64 12.52 1.72 43.76
C ASP D 64 11.87 0.92 42.64
N MET D 65 12.55 0.75 41.52
CA MET D 65 11.99 -0.03 40.43
C MET D 65 13.14 -0.72 39.70
N THR D 66 12.78 -1.79 39.02
CA THR D 66 13.71 -2.58 38.22
C THR D 66 13.06 -2.75 36.87
N ILE D 67 13.82 -2.50 35.82
CA ILE D 67 13.34 -2.73 34.46
C ILE D 67 13.45 -4.22 34.19
N PHE D 68 12.32 -4.86 33.90
CA PHE D 68 12.16 -6.30 34.05
C PHE D 68 11.98 -6.94 32.68
N SER D 69 12.84 -7.91 32.36
CA SER D 69 12.87 -8.59 31.05
C SER D 69 12.99 -10.09 31.28
N PRO D 70 12.75 -10.93 30.26
CA PRO D 70 12.78 -12.38 30.47
C PRO D 70 14.16 -12.91 30.88
N ARG D 71 14.16 -14.08 31.50
CA ARG D 71 15.42 -14.75 31.88
C ARG D 71 16.26 -15.02 30.63
N ALA D 72 17.53 -14.59 30.68
CA ALA D 72 18.35 -14.54 29.47
C ALA D 72 18.79 -15.94 29.02
N SER D 73 19.19 -16.79 29.97
CA SER D 73 19.62 -18.14 29.60
C SER D 73 18.47 -18.90 28.96
N ALA D 74 17.24 -18.63 29.40
CA ALA D 74 16.03 -19.35 28.97
C ALA D 74 15.38 -18.78 27.73
N MET D 75 15.78 -17.61 27.24
CA MET D 75 15.26 -17.24 25.95
C MET D 75 15.75 -18.25 24.89
N ALA D 76 16.96 -18.80 25.09
CA ALA D 76 17.68 -19.78 24.28
C ALA D 76 17.29 -19.78 22.82
N PRO D 77 17.84 -18.86 22.01
CA PRO D 77 17.54 -18.84 20.58
C PRO D 77 18.35 -19.83 19.75
N HIS D 78 19.09 -20.75 20.39
CA HIS D 78 19.86 -21.74 19.66
C HIS D 78 18.99 -22.91 19.22
N VAL D 79 18.04 -23.31 20.07
CA VAL D 79 17.08 -24.36 19.79
C VAL D 79 15.69 -23.76 19.99
N GLY D 80 14.89 -23.69 18.91
CA GLY D 80 15.23 -24.15 17.58
C GLY D 80 14.94 -23.09 16.54
N ASP D 81 13.76 -23.12 15.91
CA ASP D 81 13.48 -22.21 14.80
C ASP D 81 12.36 -21.23 15.17
N GLN D 82 11.80 -20.58 14.16
CA GLN D 82 10.80 -19.56 14.43
C GLN D 82 9.58 -20.15 15.08
N SER D 83 9.24 -21.39 14.73
CA SER D 83 8.07 -22.04 15.30
C SER D 83 8.19 -22.22 16.81
N VAL D 84 9.41 -22.28 17.34
CA VAL D 84 9.63 -22.33 18.78
C VAL D 84 9.81 -20.92 19.37
N ALA D 85 10.60 -20.09 18.68
CA ALA D 85 11.03 -18.82 19.26
C ALA D 85 9.87 -17.85 19.43
N VAL D 86 8.98 -17.80 18.45
CA VAL D 86 7.90 -16.81 18.51
C VAL D 86 6.93 -17.13 19.64
N PRO D 87 6.34 -18.34 19.71
CA PRO D 87 5.39 -18.62 20.80
C PRO D 87 6.03 -18.56 22.17
N TRP D 88 7.31 -18.95 22.27
CA TRP D 88 8.08 -18.82 23.49
C TRP D 88 8.35 -17.35 23.83
N ALA D 89 8.77 -16.55 22.84
CA ALA D 89 9.04 -15.13 23.08
C ALA D 89 7.79 -14.39 23.51
N GLN D 90 6.67 -14.64 22.84
CA GLN D 90 5.39 -14.06 23.25
C GLN D 90 5.02 -14.53 24.65
N ALA D 91 5.16 -15.83 24.92
CA ALA D 91 4.82 -16.37 26.23
C ALA D 91 5.68 -15.75 27.32
N CYS D 92 6.97 -15.58 27.04
CA CYS D 92 7.87 -14.97 28.01
C CYS D 92 7.57 -13.47 28.18
N ASN D 93 7.27 -12.77 27.08
CA ASN D 93 6.99 -11.35 27.21
C ASN D 93 5.65 -11.13 27.91
N ASN D 94 4.67 -12.00 27.63
CA ASN D 94 3.36 -11.90 28.29
C ASN D 94 3.47 -12.07 29.79
N LEU D 95 4.36 -12.97 30.25
CA LEU D 95 4.56 -13.14 31.68
C LEU D 95 5.11 -11.87 32.31
N ILE D 96 6.02 -11.19 31.60
CA ILE D 96 6.53 -9.92 32.09
C ILE D 96 5.42 -8.92 32.24
N ALA D 97 4.50 -8.90 31.26
CA ALA D 97 3.37 -7.98 31.30
C ALA D 97 2.50 -8.21 32.53
N ARG D 98 2.25 -9.48 32.88
CA ARG D 98 1.44 -9.78 34.06
C ARG D 98 2.12 -9.31 35.35
N VAL D 99 3.44 -9.47 35.43
CA VAL D 99 4.19 -8.98 36.58
C VAL D 99 4.11 -7.45 36.64
N VAL D 100 4.29 -6.80 35.49
CA VAL D 100 4.25 -5.35 35.48
C VAL D 100 2.86 -4.85 35.83
N ASP D 101 1.83 -5.54 35.33
CA ASP D 101 0.45 -5.20 35.71
C ASP D 101 0.23 -5.41 37.20
N LEU D 102 0.67 -6.57 37.73
CA LEU D 102 0.48 -6.83 39.16
C LEU D 102 1.34 -5.92 40.02
N PHE D 103 2.52 -5.54 39.53
CA PHE D 103 3.47 -4.70 40.27
C PHE D 103 3.84 -3.51 39.39
N PRO D 104 2.88 -2.64 39.10
CA PRO D 104 3.14 -1.55 38.13
C PRO D 104 3.99 -0.43 38.71
N GLU D 105 4.05 -0.34 40.04
CA GLU D 105 4.85 0.63 40.77
C GLU D 105 6.27 0.13 41.00
N THR D 106 6.57 -1.10 40.62
CA THR D 106 7.88 -1.67 40.87
C THR D 106 8.60 -2.17 39.62
N PHE D 107 7.90 -2.75 38.64
CA PHE D 107 8.54 -3.31 37.46
C PHE D 107 8.06 -2.65 36.17
N ALA D 108 9.00 -2.37 35.27
CA ALA D 108 8.71 -1.89 33.93
C ALA D 108 9.23 -2.90 32.90
N GLY D 109 8.43 -3.16 31.87
CA GLY D 109 8.65 -4.31 30.99
C GLY D 109 9.59 -4.05 29.82
N VAL D 110 10.43 -5.05 29.54
CA VAL D 110 11.33 -5.08 28.38
C VAL D 110 11.22 -6.46 27.75
N CYS D 111 11.18 -6.53 26.42
CA CYS D 111 10.86 -7.78 25.75
C CYS D 111 12.09 -8.47 25.17
N MET D 112 12.05 -9.79 25.17
CA MET D 112 12.91 -10.64 24.33
C MET D 112 12.33 -10.74 22.93
N LEU D 113 13.17 -11.08 21.99
CA LEU D 113 12.66 -11.08 20.64
C LEU D 113 12.64 -12.49 20.12
N PRO D 114 11.67 -12.83 19.27
CA PRO D 114 11.63 -14.17 18.66
C PRO D 114 12.70 -14.42 17.63
N GLN D 115 13.96 -14.20 18.00
CA GLN D 115 15.07 -14.38 17.10
C GLN D 115 15.41 -15.86 16.99
N SER D 116 15.96 -16.23 15.84
CA SER D 116 16.46 -17.57 15.63
C SER D 116 17.46 -17.52 14.48
N PRO D 117 18.39 -18.48 14.40
CA PRO D 117 19.55 -18.31 13.52
C PRO D 117 19.20 -18.18 12.07
N GLU D 118 18.08 -18.78 11.64
CA GLU D 118 17.74 -18.92 10.24
C GLU D 118 16.88 -17.79 9.69
N ALA D 119 16.40 -16.88 10.53
CA ALA D 119 15.45 -15.84 10.12
C ALA D 119 16.03 -14.44 10.32
N ASP D 120 15.39 -13.47 9.63
CA ASP D 120 15.69 -12.06 9.80
C ASP D 120 14.90 -11.45 10.96
N MET D 121 14.86 -10.13 11.02
CA MET D 121 14.28 -9.40 12.13
C MET D 121 12.81 -9.11 11.93
N THR D 122 12.16 -9.83 11.01
CA THR D 122 10.76 -9.53 10.72
C THR D 122 9.89 -9.77 11.94
N SER D 123 10.02 -10.95 12.55
CA SER D 123 9.22 -11.30 13.70
C SER D 123 9.62 -10.51 14.94
N SER D 124 10.89 -10.12 15.05
CA SER D 124 11.28 -9.30 16.19
C SER D 124 10.64 -7.91 16.11
N ILE D 125 10.57 -7.34 14.90
CA ILE D 125 9.88 -6.06 14.68
C ILE D 125 8.41 -6.20 15.01
N ALA D 126 7.83 -7.36 14.71
CA ALA D 126 6.42 -7.59 15.04
C ALA D 126 6.23 -7.67 16.54
N GLU D 127 7.09 -8.43 17.22
CA GLU D 127 6.97 -8.54 18.67
C GLU D 127 7.40 -7.24 19.35
N LEU D 128 8.40 -6.54 18.81
CA LEU D 128 8.77 -5.24 19.35
C LEU D 128 7.59 -4.28 19.31
N GLU D 129 6.87 -4.24 18.19
CA GLU D 129 5.68 -3.39 18.12
C GLU D 129 4.62 -3.81 19.11
N ARG D 130 4.34 -5.12 19.17
CA ARG D 130 3.32 -5.63 20.07
C ARG D 130 3.66 -5.32 21.52
N CYS D 131 4.93 -5.43 21.88
CA CYS D 131 5.30 -5.26 23.27
C CYS D 131 5.31 -3.80 23.68
N VAL D 132 5.85 -2.93 22.83
CA VAL D 132 5.90 -1.51 23.14
C VAL D 132 4.50 -0.90 23.02
N ASN D 133 3.84 -1.12 21.89
CA ASN D 133 2.57 -0.42 21.65
C ASN D 133 1.43 -1.06 22.42
N GLU D 134 1.38 -2.38 22.49
CA GLU D 134 0.24 -3.06 23.07
C GLU D 134 0.45 -3.44 24.53
N LEU D 135 1.69 -3.71 24.97
CA LEU D 135 1.94 -4.09 26.35
C LEU D 135 2.60 -3.01 27.19
N GLY D 136 2.98 -1.87 26.61
CA GLY D 136 3.58 -0.80 27.39
C GLY D 136 5.03 -1.01 27.78
N PHE D 137 5.80 -1.75 27.00
CA PHE D 137 7.22 -1.95 27.29
C PHE D 137 8.01 -0.68 26.97
N ILE D 138 9.25 -0.62 27.45
CA ILE D 138 10.07 0.59 27.30
C ILE D 138 11.35 0.34 26.51
N GLY D 139 11.69 -0.90 26.22
CA GLY D 139 12.87 -1.26 25.45
C GLY D 139 12.83 -2.75 25.23
N CYS D 140 13.87 -3.27 24.59
CA CYS D 140 13.98 -4.71 24.35
C CYS D 140 15.43 -5.16 24.54
N ASN D 141 15.62 -6.48 24.49
CA ASN D 141 16.94 -7.12 24.54
C ASN D 141 17.28 -7.64 23.14
N LEU D 142 18.40 -7.20 22.62
CA LEU D 142 18.81 -7.51 21.26
C LEU D 142 20.00 -8.45 21.31
N ASN D 143 19.82 -9.68 20.80
CA ASN D 143 20.83 -10.74 20.87
C ASN D 143 21.68 -10.68 19.61
N PRO D 144 22.97 -10.31 19.72
CA PRO D 144 23.82 -10.21 18.53
C PRO D 144 24.29 -11.54 17.97
N ASP D 145 24.06 -12.64 18.67
CA ASP D 145 24.48 -13.97 18.23
C ASP D 145 23.38 -14.95 18.60
N PRO D 146 22.31 -15.00 17.81
CA PRO D 146 21.23 -15.95 18.07
C PRO D 146 21.64 -17.40 17.84
N GLY D 147 22.78 -17.66 17.20
CA GLY D 147 23.32 -19.01 17.10
C GLY D 147 23.77 -19.63 18.40
N GLY D 148 24.03 -18.82 19.43
CA GLY D 148 24.20 -19.34 20.77
C GLY D 148 25.57 -19.88 21.16
N GLY D 149 26.64 -19.28 20.66
CA GLY D 149 27.95 -19.65 21.18
C GLY D 149 29.05 -19.67 20.15
N HIS D 150 28.75 -19.27 18.91
CA HIS D 150 29.75 -19.28 17.85
C HIS D 150 29.83 -17.95 17.09
N PHE D 151 29.01 -16.97 17.46
CA PHE D 151 29.08 -15.61 16.91
C PHE D 151 29.07 -15.64 15.38
N LYS D 152 28.15 -16.42 14.83
CA LYS D 152 28.00 -16.68 13.41
C LYS D 152 27.09 -15.70 12.68
N HIS D 153 26.72 -14.59 13.31
CA HIS D 153 25.81 -13.60 12.76
C HIS D 153 26.52 -12.29 12.38
N PRO D 154 25.87 -11.43 11.58
CA PRO D 154 26.54 -10.20 11.12
C PRO D 154 26.75 -9.24 12.28
N PRO D 155 27.79 -8.41 12.20
CA PRO D 155 28.04 -7.43 13.28
C PRO D 155 26.92 -6.39 13.38
N LEU D 156 26.89 -5.70 14.52
CA LEU D 156 25.84 -4.73 14.78
C LEU D 156 25.89 -3.53 13.84
N THR D 157 26.96 -3.36 13.09
CA THR D 157 27.07 -2.31 12.07
C THR D 157 26.48 -2.73 10.73
N ASP D 158 26.01 -3.98 10.61
CA ASP D 158 25.44 -4.47 9.36
C ASP D 158 23.98 -4.03 9.17
N ARG D 159 23.58 -3.87 7.91
CA ARG D 159 22.24 -3.45 7.52
C ARG D 159 21.18 -4.52 7.71
N PHE D 160 21.61 -5.77 7.93
CA PHE D 160 20.69 -6.83 8.31
C PHE D 160 19.78 -6.37 9.46
N TRP D 161 20.33 -5.59 10.37
CA TRP D 161 19.65 -5.11 11.55
C TRP D 161 18.90 -3.81 11.30
N TYR D 162 19.10 -3.18 10.15
CA TYR D 162 18.65 -1.80 9.97
C TYR D 162 17.13 -1.61 10.03
N PRO D 163 16.28 -2.43 9.43
CA PRO D 163 14.84 -2.22 9.62
C PRO D 163 14.46 -2.19 11.08
N PHE D 164 15.11 -3.02 11.90
CA PHE D 164 14.87 -3.01 13.33
C PHE D 164 15.42 -1.75 13.96
N TYR D 165 16.61 -1.32 13.51
CA TYR D 165 17.17 -0.06 13.98
C TYR D 165 16.25 1.10 13.62
N GLU D 166 15.59 1.03 12.46
CA GLU D 166 14.59 2.03 12.08
C GLU D 166 13.32 1.92 12.91
N LYS D 167 12.85 0.68 13.20
CA LYS D 167 11.68 0.49 14.05
C LYS D 167 11.96 0.85 15.50
N MET D 168 13.16 0.54 16.00
CA MET D 168 13.54 0.93 17.36
C MET D 168 13.48 2.44 17.53
N VAL D 169 14.04 3.19 16.57
CA VAL D 169 14.06 4.63 16.68
C VAL D 169 12.64 5.18 16.58
N GLU D 170 11.80 4.53 15.77
CA GLU D 170 10.41 4.96 15.64
C GLU D 170 9.71 4.90 16.98
N LEU D 171 9.86 3.79 17.70
CA LEU D 171 9.27 3.68 19.02
C LEU D 171 10.09 4.41 20.09
N ASP D 172 11.27 4.92 19.74
CA ASP D 172 12.14 5.62 20.70
C ASP D 172 12.47 4.69 21.87
N VAL D 173 12.89 3.47 21.53
CA VAL D 173 13.25 2.50 22.57
C VAL D 173 14.75 2.19 22.49
N PRO D 174 15.41 2.00 23.62
CA PRO D 174 16.75 1.43 23.60
C PRO D 174 16.70 -0.09 23.53
N ALA D 175 17.87 -0.68 23.27
CA ALA D 175 18.08 -2.11 23.34
C ALA D 175 19.22 -2.42 24.28
N MET D 176 19.10 -3.49 25.04
CA MET D 176 20.25 -4.04 25.75
C MET D 176 20.85 -5.12 24.86
N ILE D 177 22.12 -4.94 24.49
CA ILE D 177 22.83 -5.99 23.78
C ILE D 177 23.01 -7.15 24.76
N HIS D 178 22.40 -8.30 24.43
CA HIS D 178 22.27 -9.38 25.39
C HIS D 178 22.23 -10.71 24.68
N VAL D 179 23.24 -11.55 24.91
CA VAL D 179 23.19 -12.91 24.38
C VAL D 179 22.43 -13.75 25.38
N SER D 180 22.13 -14.99 25.01
CA SER D 180 21.29 -15.84 25.84
C SER D 180 22.07 -17.07 26.28
N GLY D 181 21.43 -18.23 26.29
CA GLY D 181 22.15 -19.43 26.63
C GLY D 181 23.20 -19.78 25.58
N SER D 182 24.22 -20.48 26.03
CA SER D 182 25.33 -20.91 25.18
C SER D 182 25.16 -22.39 24.87
N CYS D 183 25.18 -22.74 23.59
CA CYS D 183 25.22 -24.14 23.18
C CYS D 183 26.64 -24.61 22.88
N ASN D 184 27.66 -23.82 23.23
CA ASN D 184 29.05 -24.20 23.03
C ASN D 184 29.59 -24.83 24.32
N PRO D 185 30.05 -26.09 24.29
CA PRO D 185 30.70 -26.66 25.47
C PRO D 185 31.94 -25.93 25.92
N ALA D 186 32.61 -25.22 25.01
CA ALA D 186 33.82 -24.49 25.35
C ALA D 186 33.52 -23.15 25.99
N MET D 187 32.24 -22.78 26.11
CA MET D 187 31.84 -21.42 26.46
C MET D 187 30.72 -21.49 27.49
N HIS D 188 31.09 -21.26 28.75
CA HIS D 188 30.10 -21.13 29.82
C HIS D 188 29.25 -19.90 29.57
N ALA D 189 27.94 -20.02 29.80
CA ALA D 189 27.01 -18.96 29.45
C ALA D 189 27.22 -17.71 30.31
N THR D 190 26.93 -17.79 31.60
CA THR D 190 26.92 -16.57 32.42
C THR D 190 28.32 -16.06 32.72
N GLY D 191 29.35 -16.89 32.58
CA GLY D 191 30.71 -16.49 32.86
C GLY D 191 31.65 -16.30 31.69
N ALA D 192 31.27 -16.74 30.49
CA ALA D 192 32.18 -16.67 29.35
C ALA D 192 31.48 -16.01 28.16
N TYR D 193 30.30 -16.51 27.81
CA TYR D 193 29.58 -15.99 26.66
C TYR D 193 29.19 -14.54 26.85
N TYR D 194 28.67 -14.20 28.04
CA TYR D 194 28.10 -12.87 28.27
C TYR D 194 29.15 -11.75 28.11
N LEU D 195 30.26 -11.83 28.83
CA LEU D 195 31.23 -10.73 28.80
C LEU D 195 31.95 -10.64 27.46
N ALA D 196 32.23 -11.78 26.84
CA ALA D 196 32.83 -11.77 25.50
C ALA D 196 31.93 -11.04 24.52
N ALA D 197 30.61 -11.28 24.59
CA ALA D 197 29.69 -10.60 23.69
C ALA D 197 29.70 -9.08 23.91
N ASP D 198 29.67 -8.66 25.18
CA ASP D 198 29.68 -7.22 25.50
C ASP D 198 30.91 -6.55 24.94
N THR D 199 32.06 -7.21 25.07
CA THR D 199 33.30 -6.68 24.52
C THR D 199 33.26 -6.71 23.01
N ILE D 200 32.81 -7.82 22.43
CA ILE D 200 32.74 -7.95 20.97
C ILE D 200 31.76 -6.95 20.40
N ALA D 201 30.61 -6.80 21.05
CA ALA D 201 29.61 -5.86 20.57
C ALA D 201 30.17 -4.46 20.52
N PHE D 202 30.84 -4.04 21.60
CA PHE D 202 31.44 -2.71 21.67
C PHE D 202 32.51 -2.54 20.60
N MET D 203 33.35 -3.55 20.40
CA MET D 203 34.37 -3.45 19.37
C MET D 203 33.77 -3.39 17.98
N GLN D 204 32.68 -4.11 17.74
CA GLN D 204 32.02 -4.02 16.44
C GLN D 204 31.69 -2.58 16.12
N LEU D 205 31.08 -1.87 17.07
CA LEU D 205 30.68 -0.49 16.85
C LEU D 205 31.89 0.42 16.68
N LEU D 206 32.96 0.18 17.42
CA LEU D 206 34.15 1.01 17.27
C LEU D 206 34.73 0.92 15.86
N GLN D 207 34.55 -0.21 15.19
CA GLN D 207 34.99 -0.33 13.81
C GLN D 207 34.09 0.40 12.82
N GLY D 208 32.84 0.66 13.18
CA GLY D 208 31.96 1.29 12.21
C GLY D 208 31.39 2.57 12.75
N ASN D 209 30.35 3.09 12.09
CA ASN D 209 29.72 4.34 12.53
C ASN D 209 28.21 4.24 12.33
N LEU D 210 27.63 3.33 13.10
CA LEU D 210 26.20 3.10 13.06
C LEU D 210 25.43 4.36 13.45
N PHE D 211 25.98 5.14 14.37
CA PHE D 211 25.31 6.31 14.91
C PHE D 211 25.41 7.55 14.04
N ALA D 212 26.14 7.51 12.92
CA ALA D 212 25.92 8.50 11.89
C ALA D 212 24.67 8.16 11.10
N ASP D 213 24.36 6.87 10.98
CA ASP D 213 23.15 6.43 10.29
C ASP D 213 21.92 6.54 11.20
N PHE D 214 22.06 6.17 12.48
CA PHE D 214 20.95 6.22 13.44
C PHE D 214 21.39 7.03 14.66
N PRO D 215 21.38 8.36 14.56
CA PRO D 215 22.00 9.19 15.62
C PRO D 215 21.30 9.16 16.97
N THR D 216 20.06 8.67 17.06
CA THR D 216 19.31 8.62 18.31
C THR D 216 19.17 7.21 18.89
N LEU D 217 19.81 6.21 18.28
CA LEU D 217 19.75 4.82 18.72
C LEU D 217 20.48 4.62 20.06
N ARG D 218 19.88 3.86 20.96
CA ARG D 218 20.47 3.61 22.27
C ARG D 218 20.65 2.12 22.48
N PHE D 219 21.88 1.71 22.83
CA PHE D 219 22.23 0.37 23.25
C PHE D 219 22.72 0.43 24.68
N ILE D 220 22.38 -0.59 25.46
CA ILE D 220 22.98 -0.83 26.77
C ILE D 220 23.84 -2.06 26.65
N ILE D 221 25.12 -1.92 27.01
CA ILE D 221 26.07 -3.01 27.10
C ILE D 221 26.11 -3.43 28.57
N PRO D 222 25.66 -4.63 28.90
CA PRO D 222 25.52 -5.03 30.30
C PRO D 222 26.86 -5.45 30.89
N HIS D 223 26.81 -5.80 32.18
CA HIS D 223 27.97 -6.29 32.93
C HIS D 223 29.11 -5.29 32.87
N GLY D 224 28.79 -4.04 33.15
CA GLY D 224 29.77 -2.97 33.13
C GLY D 224 30.47 -2.77 31.81
N GLY D 225 29.87 -3.27 30.73
CA GLY D 225 30.46 -3.13 29.41
C GLY D 225 31.48 -4.17 29.03
N GLY D 226 31.45 -5.34 29.66
CA GLY D 226 32.39 -6.42 29.41
C GLY D 226 33.81 -6.16 29.86
N ALA D 227 34.77 -6.24 28.92
CA ALA D 227 36.18 -5.96 29.15
C ALA D 227 36.59 -4.52 28.85
N VAL D 228 35.67 -3.71 28.35
CA VAL D 228 35.97 -2.44 27.69
C VAL D 228 36.49 -1.39 28.69
N PRO D 229 35.84 -1.10 29.83
CA PRO D 229 36.47 -0.13 30.76
C PRO D 229 37.84 -0.56 31.26
N TYR D 230 38.07 -1.87 31.47
CA TYR D 230 39.38 -2.36 31.88
C TYR D 230 40.44 -2.10 30.83
N HIS D 231 40.07 -2.20 29.56
CA HIS D 231 40.96 -1.89 28.44
C HIS D 231 40.57 -0.59 27.78
N TRP D 232 40.04 0.33 28.58
CA TRP D 232 39.60 1.61 28.04
C TRP D 232 40.71 2.28 27.25
N GLY D 233 41.96 2.17 27.76
CA GLY D 233 43.08 2.70 27.01
C GLY D 233 43.33 1.99 25.70
N ARG D 234 43.13 0.66 25.67
CA ARG D 234 43.32 -0.07 24.41
C ARG D 234 42.34 0.36 23.33
N PHE D 235 41.08 0.62 23.70
CA PHE D 235 40.10 0.98 22.68
C PHE D 235 40.33 2.41 22.19
N ARG D 236 40.74 3.30 23.11
CA ARG D 236 41.14 4.65 22.74
C ARG D 236 42.30 4.64 21.76
N GLY D 237 43.31 3.81 22.01
CA GLY D 237 44.43 3.72 21.08
C GLY D 237 44.07 3.02 19.78
N LEU D 238 43.15 2.05 19.86
CA LEU D 238 42.69 1.40 18.63
C LEU D 238 41.92 2.38 17.76
N ALA D 239 41.22 3.34 18.37
CA ALA D 239 40.57 4.39 17.61
C ALA D 239 41.57 5.19 16.79
N ASP D 240 42.71 5.54 17.40
CA ASP D 240 43.75 6.27 16.68
C ASP D 240 44.38 5.42 15.58
N MET D 241 44.69 4.16 15.87
CA MET D 241 45.22 3.27 14.84
C MET D 241 44.24 3.06 13.69
N LEU D 242 42.94 3.02 13.98
CA LEU D 242 41.95 2.75 12.95
C LEU D 242 41.52 3.99 12.20
N LYS D 243 42.09 5.14 12.56
CA LYS D 243 41.71 6.44 12.02
C LYS D 243 40.25 6.78 12.36
N GLN D 244 39.85 6.42 13.56
CA GLN D 244 38.45 6.62 13.96
C GLN D 244 38.33 7.81 14.90
N PRO D 245 37.13 8.39 15.02
CA PRO D 245 36.93 9.52 15.95
C PRO D 245 37.09 9.09 17.39
N SER D 246 37.22 10.09 18.26
CA SER D 246 37.33 9.81 19.68
C SER D 246 36.08 9.08 20.15
N LEU D 247 36.23 8.33 21.24
CA LEU D 247 35.18 7.40 21.67
C LEU D 247 33.94 8.14 22.14
N ASP D 248 34.11 9.26 22.85
CA ASP D 248 32.97 10.03 23.32
C ASP D 248 32.12 10.53 22.16
N THR D 249 32.74 10.72 20.99
CA THR D 249 32.05 11.19 19.80
C THR D 249 31.52 10.02 18.97
N LEU D 250 32.32 8.98 18.77
CA LEU D 250 31.85 7.87 17.94
C LEU D 250 30.73 7.12 18.63
N LEU D 251 30.82 6.96 19.96
CA LEU D 251 29.96 5.99 20.64
C LEU D 251 29.25 6.53 21.88
N MET D 252 29.90 7.37 22.67
CA MET D 252 29.51 7.57 24.06
C MET D 252 28.33 8.50 24.25
N ASN D 253 27.70 8.93 23.17
CA ASN D 253 26.37 9.51 23.27
C ASN D 253 25.28 8.49 23.06
N ASN D 254 25.63 7.37 22.44
CA ASN D 254 24.69 6.35 22.02
C ASN D 254 24.95 5.02 22.68
N VAL D 255 26.07 4.87 23.38
CA VAL D 255 26.48 3.62 24.01
C VAL D 255 26.60 3.87 25.51
N PHE D 256 26.00 2.96 26.30
CA PHE D 256 25.89 3.08 27.74
C PHE D 256 26.18 1.72 28.37
N PHE D 257 26.67 1.76 29.61
CA PHE D 257 27.06 0.58 30.39
C PHE D 257 26.23 0.49 31.67
N ASP D 258 25.88 -0.73 32.09
CA ASP D 258 25.24 -0.89 33.40
C ASP D 258 26.31 -1.19 34.47
N THR D 259 25.89 -1.35 35.72
CA THR D 259 26.84 -1.56 36.82
C THR D 259 26.79 -2.97 37.41
N CYS D 260 26.53 -4.00 36.59
CA CYS D 260 26.61 -5.37 37.06
C CYS D 260 28.09 -5.78 37.13
N VAL D 261 28.79 -5.04 37.99
CA VAL D 261 30.15 -5.36 38.41
C VAL D 261 30.08 -5.70 39.88
N TYR D 262 30.50 -6.91 40.23
CA TYR D 262 30.20 -7.56 41.49
C TYR D 262 31.34 -7.46 42.51
N HIS D 263 32.06 -6.35 42.55
CA HIS D 263 33.04 -6.07 43.59
C HIS D 263 33.39 -4.57 43.55
N GLN D 264 33.79 -4.04 44.71
CA GLN D 264 34.07 -2.61 44.79
C GLN D 264 35.13 -2.10 43.83
N PRO D 265 36.27 -2.78 43.61
CA PRO D 265 37.33 -2.18 42.76
C PRO D 265 36.97 -1.99 41.30
N GLY D 266 36.19 -2.89 40.69
CA GLY D 266 35.81 -2.70 39.30
C GLY D 266 34.91 -1.49 39.12
N ILE D 267 33.96 -1.30 40.05
CA ILE D 267 33.10 -0.13 40.02
C ILE D 267 33.93 1.13 40.17
N ASN D 268 34.96 1.10 41.02
CA ASN D 268 35.90 2.21 41.09
C ASN D 268 36.56 2.48 39.73
N LEU D 269 36.86 1.42 38.98
CA LEU D 269 37.40 1.61 37.63
C LEU D 269 36.32 2.11 36.69
N LEU D 270 35.12 1.54 36.80
CA LEU D 270 34.01 2.06 36.00
C LEU D 270 33.83 3.57 36.21
N ALA D 271 33.74 4.00 37.48
CA ALA D 271 33.64 5.43 37.78
C ALA D 271 34.84 6.23 37.32
N ASP D 272 36.03 5.66 37.36
CA ASP D 272 37.19 6.46 37.00
C ASP D 272 37.25 6.71 35.50
N VAL D 273 36.90 5.72 34.68
CA VAL D 273 37.15 5.80 33.24
C VAL D 273 35.88 6.06 32.44
N ILE D 274 34.70 5.70 32.95
CA ILE D 274 33.45 5.91 32.22
C ILE D 274 32.75 7.13 32.77
N ASP D 275 32.33 8.02 31.87
CA ASP D 275 31.66 9.25 32.29
C ASP D 275 30.37 8.94 33.03
N ASN D 276 30.05 9.79 34.00
CA ASN D 276 28.86 9.61 34.81
C ASN D 276 27.61 9.44 33.94
N LYS D 277 27.59 10.08 32.76
CA LYS D 277 26.43 10.06 31.87
C LYS D 277 26.19 8.69 31.22
N ASN D 278 27.19 7.82 31.15
CA ASN D 278 27.02 6.53 30.49
C ASN D 278 26.78 5.41 31.47
N ILE D 279 26.66 5.72 32.77
CA ILE D 279 26.57 4.73 33.83
C ILE D 279 25.13 4.69 34.32
N LEU D 280 24.51 3.53 34.19
CA LEU D 280 23.15 3.29 34.66
C LEU D 280 23.26 2.28 35.76
N PHE D 281 22.61 2.54 36.89
CA PHE D 281 22.64 1.57 37.97
C PHE D 281 21.90 0.30 37.52
N GLY D 282 22.52 -0.88 37.73
CA GLY D 282 21.88 -2.15 37.46
C GLY D 282 22.41 -3.15 38.46
N SER D 283 21.71 -4.30 38.58
CA SER D 283 22.13 -5.31 39.58
C SER D 283 21.98 -6.77 39.15
N GLU D 284 21.12 -7.13 38.20
CA GLU D 284 20.84 -8.54 37.81
C GLU D 284 20.75 -9.44 39.03
N MET D 285 19.95 -9.02 40.02
CA MET D 285 19.78 -9.87 41.19
C MET D 285 19.11 -11.19 40.82
N VAL D 286 19.25 -12.19 41.71
CA VAL D 286 18.76 -13.56 41.51
C VAL D 286 19.23 -14.08 40.16
N GLY D 287 20.50 -13.80 39.84
CA GLY D 287 20.97 -14.18 38.52
C GLY D 287 22.19 -15.07 38.58
N ALA D 288 23.29 -14.61 37.96
CA ALA D 288 24.46 -15.47 37.83
C ALA D 288 25.13 -15.74 39.18
N VAL D 289 25.11 -14.77 40.10
CA VAL D 289 25.82 -14.86 41.38
C VAL D 289 24.88 -14.46 42.50
N ARG D 290 24.29 -15.43 43.18
CA ARG D 290 23.28 -15.14 44.17
C ARG D 290 23.78 -15.23 45.62
N GLY D 291 25.05 -15.65 45.83
CA GLY D 291 25.59 -15.88 47.16
C GLY D 291 26.32 -14.66 47.72
N ILE D 292 26.78 -14.79 48.95
CA ILE D 292 27.48 -13.69 49.61
C ILE D 292 28.95 -13.66 49.22
N ASP D 293 29.54 -12.44 49.22
CA ASP D 293 30.96 -12.27 48.93
C ASP D 293 31.75 -12.54 50.20
N PRO D 294 32.61 -13.58 50.22
CA PRO D 294 33.37 -13.89 51.43
C PRO D 294 34.16 -12.73 51.98
N THR D 295 34.66 -11.86 51.11
CA THR D 295 35.51 -10.75 51.53
C THR D 295 34.74 -9.59 52.13
N THR D 296 33.40 -9.63 52.10
CA THR D 296 32.60 -8.52 52.59
C THR D 296 31.49 -8.97 53.52
N GLY D 297 30.94 -10.15 53.28
CA GLY D 297 29.79 -10.54 54.07
C GLY D 297 28.47 -10.06 53.54
N HIS D 298 28.45 -9.33 52.42
CA HIS D 298 27.24 -8.88 51.74
C HIS D 298 27.16 -9.59 50.39
N TYR D 299 26.00 -9.51 49.74
CA TYR D 299 25.83 -10.24 48.49
C TYR D 299 26.69 -9.66 47.38
N PHE D 300 27.13 -10.54 46.47
CA PHE D 300 27.97 -10.13 45.35
C PHE D 300 27.27 -9.09 44.48
N ASP D 301 26.00 -9.34 44.13
CA ASP D 301 25.28 -8.51 43.16
C ASP D 301 24.51 -7.35 43.80
N ASP D 302 24.59 -7.20 45.12
CA ASP D 302 24.04 -6.04 45.81
C ASP D 302 24.93 -4.87 45.46
N THR D 303 24.82 -4.46 44.20
CA THR D 303 25.72 -3.49 43.58
C THR D 303 25.57 -2.07 44.12
N LYS D 304 24.44 -1.76 44.76
CA LYS D 304 24.21 -0.39 45.25
C LYS D 304 25.31 0.10 46.19
N ARG D 305 25.85 -0.79 47.02
CA ARG D 305 26.90 -0.41 47.96
C ARG D 305 28.14 0.13 47.25
N TYR D 306 28.44 -0.36 46.04
CA TYR D 306 29.62 0.11 45.32
C TYR D 306 29.43 1.53 44.81
N ILE D 307 28.23 1.86 44.35
CA ILE D 307 27.96 3.23 43.94
C ILE D 307 28.07 4.16 45.13
N ASP D 308 27.55 3.71 46.28
CA ASP D 308 27.60 4.51 47.50
C ASP D 308 29.04 4.83 47.91
N ALA D 309 29.96 3.94 47.62
CA ALA D 309 31.30 4.07 48.17
C ALA D 309 32.17 5.01 47.36
N LEU D 310 31.75 5.34 46.15
CA LEU D 310 32.50 6.29 45.38
C LEU D 310 32.42 7.65 46.05
N ASP D 311 33.46 8.43 45.87
CA ASP D 311 33.41 9.79 46.38
C ASP D 311 32.95 10.64 45.20
N ILE D 312 31.64 10.71 45.04
CA ILE D 312 31.00 11.40 43.93
C ILE D 312 29.91 12.29 44.52
N SER D 313 29.48 13.26 43.72
CA SER D 313 28.51 14.24 44.17
C SER D 313 27.10 13.66 44.27
N ASP D 314 26.20 14.46 44.85
CA ASP D 314 24.78 14.12 44.90
C ASP D 314 24.18 14.16 43.51
N GLN D 315 24.74 14.99 42.64
CA GLN D 315 24.36 15.07 41.24
C GLN D 315 24.70 13.77 40.51
N GLU D 316 25.89 13.24 40.78
CA GLU D 316 26.37 12.06 40.08
C GLU D 316 25.69 10.78 40.54
N ARG D 317 25.37 10.67 41.83
CA ARG D 317 24.63 9.50 42.32
C ARG D 317 23.22 9.42 41.74
N HIS D 318 22.50 10.56 41.75
CA HIS D 318 21.15 10.63 41.21
C HIS D 318 21.17 10.27 39.72
N ALA D 319 22.20 10.74 38.99
CA ALA D 319 22.34 10.45 37.57
C ALA D 319 22.63 8.96 37.34
N ILE D 320 23.57 8.40 38.12
CA ILE D 320 23.82 6.96 38.07
C ILE D 320 22.55 6.20 38.45
N PHE D 321 21.88 6.66 39.51
CA PHE D 321 20.74 5.95 40.06
C PHE D 321 19.43 6.19 39.30
N GLU D 322 19.22 7.39 38.73
CA GLU D 322 17.90 7.74 38.17
C GLU D 322 17.96 8.53 36.87
N GLY D 323 18.78 9.58 36.83
CA GLY D 323 18.74 10.47 35.69
C GLY D 323 19.10 9.77 34.40
N ASN D 324 20.18 8.99 34.40
CA ASN D 324 20.67 8.45 33.13
C ASN D 324 19.69 7.41 32.54
N THR D 325 19.09 6.55 33.39
CA THR D 325 18.15 5.55 32.89
C THR D 325 16.91 6.21 32.27
N ARG D 326 16.46 7.32 32.85
CA ARG D 326 15.28 8.01 32.32
C ARG D 326 15.57 8.71 31.00
N ARG D 327 16.83 9.07 30.72
CA ARG D 327 17.19 9.55 29.38
C ARG D 327 17.32 8.41 28.37
N VAL D 328 17.70 7.22 28.83
CA VAL D 328 17.87 6.10 27.91
C VAL D 328 16.54 5.42 27.64
N PHE D 329 15.63 5.41 28.62
CA PHE D 329 14.28 4.91 28.42
C PHE D 329 13.30 6.06 28.42
N PRO D 330 13.12 6.78 27.30
CA PRO D 330 12.19 7.94 27.34
C PRO D 330 10.75 7.57 27.64
N ARG D 331 10.28 6.41 27.15
CA ARG D 331 8.91 6.01 27.44
C ARG D 331 8.68 5.83 28.94
N LEU D 332 9.73 5.46 29.68
CA LEU D 332 9.67 5.34 31.13
C LEU D 332 9.75 6.71 31.82
N ASP D 333 10.62 7.58 31.32
CA ASP D 333 10.65 8.97 31.78
C ASP D 333 9.25 9.56 31.77
N ALA D 334 8.53 9.34 30.69
CA ALA D 334 7.20 9.93 30.53
C ALA D 334 6.19 9.34 31.51
N LYS D 335 6.29 8.03 31.77
CA LYS D 335 5.34 7.37 32.66
C LYS D 335 5.48 7.84 34.10
N LEU D 336 6.71 8.05 34.56
CA LEU D 336 6.87 8.43 35.95
C LEU D 336 6.62 9.91 36.13
N LYS D 337 6.99 10.71 35.12
CA LYS D 337 6.60 12.12 35.08
C LYS D 337 5.11 12.27 35.34
N ALA D 338 4.31 11.44 34.67
CA ALA D 338 2.86 11.43 34.76
C ALA D 338 2.36 11.14 36.16
N ARG D 339 3.22 10.72 37.08
CA ARG D 339 2.83 10.41 38.44
C ARG D 339 3.24 11.47 39.46
N GLY D 340 3.71 12.62 39.00
CA GLY D 340 4.17 13.63 39.91
C GLY D 340 5.60 13.48 40.35
N LEU D 341 6.35 12.59 39.71
CA LEU D 341 7.73 12.28 40.04
C LEU D 341 8.68 13.01 39.10
ZN ZN E . -7.44 -25.35 -7.29
ZN ZN F . -7.05 37.50 2.27
ZN ZN G . -6.75 -2.52 -27.20
ZN ZN H . 20.68 -9.60 31.72
#